data_8ORS
#
_entry.id   8ORS
#
_cell.length_a   1.00
_cell.length_b   1.00
_cell.length_c   1.00
_cell.angle_alpha   90.00
_cell.angle_beta   90.00
_cell.angle_gamma   90.00
#
_symmetry.space_group_name_H-M   'P 1'
#
loop_
_entity.id
_entity.type
_entity.pdbx_description
1 polymer 'Putative GMC-type oxidoreductase'
2 non-polymer 'FLAVIN-ADENINE DINUCLEOTIDE'
#
_entity_poly.entity_id   1
_entity_poly.type   'polypeptide(L)'
_entity_poly.pdbx_seq_one_letter_code
;MKNRECCKCYNPCEKICVNYSTTDVAFERPNPCKPTPCKPTPIPCDPCHNTKDNLTGDIVIIGAGAAGSLLAHYLARFSN
MKIILLEAGHSHFNDPVVTDPMGFFGKYNPPNENISMSQNPSYSWQGAQEPNTGAYGNRPIIAHGMGFGGSTMINRLNLV
VGGRTVFDNDWPVGWKYDDVKNYFRRVLVDINPVRDNTKASITSVALDALRIIAEQQIASGEPVDFLLNKATGNVPNVEK
TTPDAVPLNLNDYEGVNSVVAFSSFYMGVNQLSDGNYIRKYAGNTYLNRNYVDENGRGIGKFSGLRVVSDAVVDRIIFKG
NRAVGVNYIDREGIMHYVKVNKEVVVTSGAFYTPTILQRSGIGDFTYLSSIGVKNLVYNNPLVGTGLKNHYSPVTITRVH
GEPSEVSRFLSNMAANPTNMGFKGLAELGFHRLDPNKPANANTVTYRKYQLMMTAGVGIPAEQQYLSGLSPSSNNLFTLI
ADDIRFAPEGYIKIGTPNIPRDVPKIFFNTFVTYTPTSAPADQQWPIAQKTLAPLISALLGYDIIYQTLISMNQTARDSG
FQVSLEMVYPLNDLIYKLHNGLATYGANWWHYFVPTLVGDDTPAGREFADTLSKLSYYPRVGAHLDSHQGCSCSIGRTVD
SNLKVIGTQNVRVADLSAAAFPPGGNTWATASMIGARAVDLILGFPYLRDLPVNDVPILNVN
;
_entity_poly.pdbx_strand_id   A,B
#
loop_
_chem_comp.id
_chem_comp.type
_chem_comp.name
_chem_comp.formula
FAD non-polymer 'FLAVIN-ADENINE DINUCLEOTIDE' 'C27 H33 N9 O15 P2'
#
# COMPACT_ATOMS: atom_id res chain seq x y z
N ASN A 54 15.24 15.50 -33.84
CA ASN A 54 16.22 16.48 -34.29
C ASN A 54 16.82 17.24 -33.12
N LEU A 55 16.13 17.20 -31.98
CA LEU A 55 16.64 17.86 -30.78
C LEU A 55 17.91 17.17 -30.30
N THR A 56 18.93 17.96 -29.98
CA THR A 56 20.23 17.43 -29.62
C THR A 56 20.79 18.21 -28.44
N GLY A 57 21.78 17.62 -27.78
CA GLY A 57 22.46 18.25 -26.66
C GLY A 57 23.80 17.60 -26.40
N ASP A 58 24.58 18.26 -25.57
CA ASP A 58 25.90 17.77 -25.18
C ASP A 58 25.86 16.97 -23.88
N ILE A 59 25.26 17.54 -22.83
CA ILE A 59 25.09 16.86 -21.55
C ILE A 59 23.60 16.84 -21.22
N VAL A 60 23.09 15.67 -20.89
CA VAL A 60 21.67 15.47 -20.59
C VAL A 60 21.53 15.01 -19.14
N ILE A 61 20.67 15.69 -18.39
CA ILE A 61 20.42 15.38 -16.99
C ILE A 61 18.99 14.87 -16.87
N ILE A 62 18.82 13.80 -16.10
CA ILE A 62 17.53 13.12 -15.95
C ILE A 62 17.09 13.26 -14.50
N GLY A 63 15.93 13.89 -14.29
CA GLY A 63 15.40 14.07 -12.96
C GLY A 63 15.70 15.42 -12.37
N ALA A 64 14.68 16.28 -12.28
CA ALA A 64 14.84 17.63 -11.72
C ALA A 64 14.58 17.61 -10.21
N GLY A 65 15.36 16.81 -9.52
CA GLY A 65 15.24 16.66 -8.08
C GLY A 65 16.07 17.68 -7.33
N ALA A 66 16.40 17.34 -6.08
CA ALA A 66 17.16 18.23 -5.22
C ALA A 66 18.56 18.49 -5.73
N ALA A 67 19.08 17.66 -6.64
CA ALA A 67 20.42 17.82 -7.18
C ALA A 67 20.46 18.12 -8.67
N GLY A 68 19.50 17.62 -9.44
CA GLY A 68 19.50 17.87 -10.87
C GLY A 68 19.31 19.34 -11.20
N SER A 69 18.42 20.02 -10.48
CA SER A 69 18.19 21.44 -10.72
C SER A 69 19.45 22.25 -10.44
N LEU A 70 20.11 21.98 -9.30
CA LEU A 70 21.35 22.67 -8.96
C LEU A 70 22.42 22.40 -10.00
N LEU A 71 22.55 21.14 -10.43
CA LEU A 71 23.57 20.79 -11.41
C LEU A 71 23.32 21.50 -12.73
N ALA A 72 22.07 21.53 -13.19
CA ALA A 72 21.76 22.21 -14.44
C ALA A 72 22.00 23.71 -14.32
N HIS A 73 21.60 24.31 -13.20
CA HIS A 73 21.79 25.74 -13.00
C HIS A 73 23.26 26.11 -13.06
N TYR A 74 24.10 25.39 -12.32
CA TYR A 74 25.52 25.74 -12.29
C TYR A 74 26.28 25.24 -13.51
N LEU A 75 25.69 24.33 -14.29
CA LEU A 75 26.25 24.02 -15.60
C LEU A 75 25.99 25.14 -16.60
N ALA A 76 24.77 25.69 -16.59
CA ALA A 76 24.46 26.82 -17.46
C ALA A 76 25.21 28.08 -17.04
N ARG A 77 25.47 28.23 -15.74
CA ARG A 77 26.14 29.44 -15.26
C ARG A 77 27.62 29.43 -15.63
N PHE A 78 28.30 28.30 -15.47
CA PHE A 78 29.75 28.23 -15.59
C PHE A 78 30.21 27.67 -16.93
N SER A 79 29.32 27.44 -17.87
CA SER A 79 29.72 26.89 -19.15
C SER A 79 28.74 27.34 -20.23
N ASN A 80 29.20 27.29 -21.48
CA ASN A 80 28.38 27.69 -22.63
C ASN A 80 27.73 26.51 -23.33
N MET A 81 28.12 25.27 -23.01
CA MET A 81 27.53 24.11 -23.64
C MET A 81 26.07 23.96 -23.22
N LYS A 82 25.22 23.63 -24.19
CA LYS A 82 23.79 23.52 -23.92
C LYS A 82 23.50 22.32 -23.02
N ILE A 83 22.56 22.52 -22.09
CA ILE A 83 22.16 21.48 -21.14
C ILE A 83 20.65 21.30 -21.25
N ILE A 84 20.21 20.05 -21.29
CA ILE A 84 18.80 19.70 -21.40
C ILE A 84 18.38 18.95 -20.14
N LEU A 85 17.30 19.41 -19.52
CA LEU A 85 16.75 18.79 -18.33
C LEU A 85 15.39 18.18 -18.63
N LEU A 86 15.17 16.96 -18.15
CA LEU A 86 13.92 16.23 -18.37
C LEU A 86 13.31 15.91 -17.02
N GLU A 87 12.04 16.28 -16.84
CA GLU A 87 11.33 16.08 -15.59
C GLU A 87 9.94 15.52 -15.88
N ALA A 88 9.47 14.63 -15.00
CA ALA A 88 8.16 14.00 -15.20
C ALA A 88 7.02 14.97 -14.93
N GLY A 89 7.20 15.85 -13.94
CA GLY A 89 6.16 16.78 -13.54
C GLY A 89 6.25 18.12 -14.24
N HIS A 90 5.64 19.12 -13.61
CA HIS A 90 5.64 20.48 -14.14
C HIS A 90 5.67 21.46 -12.98
N SER A 91 5.97 22.72 -13.31
CA SER A 91 6.14 23.75 -12.29
C SER A 91 4.86 23.96 -11.49
N HIS A 92 5.01 24.11 -10.18
CA HIS A 92 3.92 24.39 -9.26
C HIS A 92 4.14 25.72 -8.54
N PHE A 93 4.58 26.73 -9.29
CA PHE A 93 4.96 27.99 -8.68
C PHE A 93 3.77 28.67 -8.01
N ASN A 94 2.61 28.65 -8.66
CA ASN A 94 1.46 29.41 -8.20
C ASN A 94 0.51 28.61 -7.32
N ASP A 95 0.77 27.33 -7.11
CA ASP A 95 -0.13 26.51 -6.29
C ASP A 95 0.00 26.90 -4.83
N PRO A 96 -1.09 27.33 -4.17
CA PRO A 96 -0.99 27.67 -2.74
C PRO A 96 -0.67 26.50 -1.85
N VAL A 97 -0.94 25.27 -2.29
CA VAL A 97 -0.70 24.10 -1.45
C VAL A 97 0.80 23.86 -1.26
N VAL A 98 1.61 24.14 -2.27
CA VAL A 98 3.04 23.88 -2.20
C VAL A 98 3.81 25.16 -1.87
N THR A 99 3.31 26.31 -2.32
CA THR A 99 4.01 27.57 -2.08
C THR A 99 3.92 27.98 -0.63
N ASP A 100 2.73 27.89 -0.05
CA ASP A 100 2.55 28.23 1.36
C ASP A 100 3.15 27.13 2.24
N PRO A 101 4.09 27.46 3.12
CA PRO A 101 4.66 26.41 3.99
C PRO A 101 3.64 25.70 4.85
N MET A 102 2.61 26.41 5.33
CA MET A 102 1.59 25.78 6.13
C MET A 102 0.66 24.90 5.32
N GLY A 103 0.75 24.94 3.99
CA GLY A 103 -0.07 24.08 3.16
C GLY A 103 0.35 22.62 3.17
N PHE A 104 1.51 22.31 3.74
CA PHE A 104 1.93 20.91 3.89
C PHE A 104 0.98 20.15 4.81
N PHE A 105 0.34 20.84 5.75
CA PHE A 105 -0.52 20.21 6.73
C PHE A 105 -1.93 19.95 6.21
N GLY A 106 -2.25 20.38 5.00
CA GLY A 106 -3.55 20.11 4.43
C GLY A 106 -4.59 21.19 4.68
N LYS A 107 -4.27 22.43 4.32
CA LYS A 107 -5.19 23.54 4.52
C LYS A 107 -5.93 23.93 3.24
N TYR A 108 -5.41 23.59 2.07
CA TYR A 108 -5.99 24.00 0.79
C TYR A 108 -6.46 22.79 -0.02
N ASN A 109 -7.11 21.83 0.65
CA ASN A 109 -7.58 20.64 -0.04
C ASN A 109 -9.10 20.57 -0.01
N PRO A 110 -9.71 19.97 -1.02
CA PRO A 110 -11.17 19.86 -1.03
C PRO A 110 -11.65 19.04 0.16
N PRO A 111 -12.82 19.37 0.71
CA PRO A 111 -13.33 18.61 1.87
C PRO A 111 -13.62 17.15 1.57
N ASN A 112 -13.83 16.77 0.32
CA ASN A 112 -14.14 15.39 -0.04
C ASN A 112 -12.93 14.61 -0.54
N GLU A 113 -11.76 15.23 -0.60
CA GLU A 113 -10.53 14.57 -1.02
C GLU A 113 -9.39 14.94 -0.08
N ASN A 114 -9.65 14.83 1.22
CA ASN A 114 -8.72 15.28 2.26
C ASN A 114 -7.55 14.30 2.35
N ILE A 115 -6.60 14.46 1.44
CA ILE A 115 -5.37 13.66 1.42
C ILE A 115 -4.19 14.60 1.34
N SER A 116 -3.04 14.14 1.83
CA SER A 116 -1.83 14.94 1.80
C SER A 116 -1.19 14.88 0.42
N MET A 117 -0.13 15.67 0.24
CA MET A 117 0.54 15.75 -1.06
C MET A 117 1.33 14.49 -1.36
N SER A 118 1.80 13.78 -0.33
CA SER A 118 2.58 12.58 -0.57
C SER A 118 1.72 11.43 -1.11
N GLN A 119 0.46 11.37 -0.69
CA GLN A 119 -0.44 10.29 -1.06
C GLN A 119 -1.23 10.58 -2.33
N ASN A 120 -0.99 11.71 -2.98
CA ASN A 120 -1.71 12.09 -4.18
C ASN A 120 -0.90 11.73 -5.42
N PRO A 121 -1.40 10.87 -6.30
CA PRO A 121 -0.59 10.43 -7.46
C PRO A 121 -0.17 11.57 -8.37
N SER A 122 -0.92 12.67 -8.45
CA SER A 122 -0.51 13.77 -9.31
C SER A 122 0.69 14.52 -8.77
N TYR A 123 1.08 14.29 -7.52
CA TYR A 123 2.21 14.96 -6.91
C TYR A 123 3.43 14.07 -6.72
N SER A 124 3.24 12.78 -6.45
CA SER A 124 4.36 11.92 -6.11
C SER A 124 4.09 10.50 -6.59
N TRP A 125 5.17 9.78 -6.87
CA TRP A 125 5.07 8.34 -7.13
C TRP A 125 4.73 7.61 -5.84
N GLN A 126 4.09 6.45 -5.99
CA GLN A 126 3.65 5.63 -4.87
C GLN A 126 4.56 4.41 -4.77
N GLY A 127 5.45 4.42 -3.78
CA GLY A 127 6.40 3.33 -3.60
C GLY A 127 5.92 2.25 -2.66
N ALA A 128 4.94 1.47 -3.09
CA ALA A 128 4.47 0.35 -2.30
C ALA A 128 5.53 -0.75 -2.28
N GLN A 129 5.84 -1.26 -1.10
CA GLN A 129 6.87 -2.28 -0.92
C GLN A 129 6.23 -3.60 -0.54
N GLU A 130 7.00 -4.67 -0.76
CA GLU A 130 6.53 -5.99 -0.37
C GLU A 130 6.44 -6.10 1.14
N PRO A 131 5.55 -6.95 1.66
CA PRO A 131 5.37 -7.05 3.11
C PRO A 131 6.66 -7.47 3.81
N ASN A 132 6.88 -6.89 4.99
CA ASN A 132 8.05 -7.20 5.79
C ASN A 132 7.64 -8.03 7.01
N THR A 133 8.41 -9.08 7.29
CA THR A 133 8.14 -9.91 8.46
C THR A 133 8.33 -9.17 9.77
N GLY A 134 8.97 -7.99 9.75
CA GLY A 134 9.17 -7.23 10.96
C GLY A 134 7.94 -6.50 11.44
N ALA A 135 7.07 -6.08 10.52
CA ALA A 135 5.89 -5.29 10.85
C ALA A 135 4.62 -6.07 10.57
N TYR A 136 4.62 -7.36 10.87
CA TYR A 136 3.46 -8.24 10.69
C TYR A 136 2.97 -8.23 9.24
N GLY A 137 3.90 -8.11 8.30
CA GLY A 137 3.53 -8.14 6.90
C GLY A 137 2.86 -6.89 6.38
N ASN A 138 3.06 -5.75 7.02
CA ASN A 138 2.49 -4.50 6.53
C ASN A 138 3.23 -4.05 5.27
N ARG A 139 2.56 -3.20 4.49
CA ARG A 139 3.10 -2.66 3.25
C ARG A 139 2.99 -1.15 3.25
N PRO A 140 3.86 -0.45 3.98
CA PRO A 140 3.86 1.02 3.92
C PRO A 140 4.31 1.51 2.55
N ILE A 141 3.83 2.70 2.20
CA ILE A 141 4.11 3.33 0.92
C ILE A 141 4.96 4.57 1.17
N ILE A 142 6.05 4.71 0.42
CA ILE A 142 6.98 5.82 0.53
C ILE A 142 7.00 6.56 -0.80
N ALA A 143 6.86 7.87 -0.74
CA ALA A 143 6.60 8.68 -1.94
C ALA A 143 7.83 9.48 -2.33
N HIS A 144 8.10 9.52 -3.63
CA HIS A 144 9.07 10.42 -4.24
C HIS A 144 8.33 11.53 -4.97
N GLY A 145 8.67 12.78 -4.66
CA GLY A 145 7.98 13.90 -5.26
C GLY A 145 8.20 13.98 -6.77
N MET A 146 7.27 14.64 -7.44
CA MET A 146 7.30 14.83 -8.87
C MET A 146 7.19 16.31 -9.21
N GLY A 147 7.85 16.72 -10.28
CA GLY A 147 7.83 18.11 -10.68
C GLY A 147 9.16 18.81 -10.45
N PHE A 148 9.13 20.14 -10.38
CA PHE A 148 10.35 20.91 -10.16
C PHE A 148 10.69 20.89 -8.67
N GLY A 149 11.89 20.42 -8.34
CA GLY A 149 12.33 20.32 -6.97
C GLY A 149 12.28 18.92 -6.39
N GLY A 150 11.59 18.00 -7.04
CA GLY A 150 11.53 16.64 -6.53
C GLY A 150 10.80 16.56 -5.22
N SER A 151 11.33 15.76 -4.30
CA SER A 151 10.71 15.56 -3.00
C SER A 151 10.78 16.80 -2.11
N THR A 152 11.56 17.81 -2.50
CA THR A 152 11.61 19.04 -1.72
C THR A 152 10.32 19.84 -1.82
N MET A 153 9.43 19.46 -2.75
CA MET A 153 8.12 20.10 -2.83
C MET A 153 7.21 19.71 -1.66
N ILE A 154 7.34 18.49 -1.15
CA ILE A 154 6.39 17.94 -0.20
C ILE A 154 7.02 17.65 1.16
N ASN A 155 8.29 17.98 1.35
CA ASN A 155 8.94 17.70 2.63
C ASN A 155 8.61 18.79 3.65
N ARG A 156 9.08 18.58 4.87
CA ARG A 156 8.90 19.57 5.94
C ARG A 156 9.99 20.64 5.94
N LEU A 157 10.93 20.58 4.99
CA LEU A 157 11.98 21.56 4.76
C LEU A 157 13.00 21.61 5.89
N ASN A 158 12.95 20.73 6.88
CA ASN A 158 13.94 20.72 7.94
C ASN A 158 15.33 20.44 7.36
N LEU A 159 16.31 21.25 7.77
CA LEU A 159 17.66 21.17 7.24
C LEU A 159 18.61 20.76 8.36
N VAL A 160 19.33 19.66 8.16
CA VAL A 160 20.37 19.20 9.08
C VAL A 160 21.57 18.77 8.25
N VAL A 161 22.76 19.23 8.62
CA VAL A 161 23.97 18.90 7.88
C VAL A 161 24.30 17.42 8.02
N GLY A 162 24.29 16.92 9.26
CA GLY A 162 24.59 15.53 9.50
C GLY A 162 25.73 15.30 10.49
N GLY A 163 26.77 16.11 10.41
CA GLY A 163 27.88 16.05 11.33
C GLY A 163 29.20 15.87 10.61
N ARG A 164 30.25 15.69 11.42
CA ARG A 164 31.61 15.53 10.91
C ARG A 164 32.06 14.07 10.92
N THR A 165 31.81 13.36 12.02
CA THR A 165 32.36 12.01 12.17
C THR A 165 31.81 11.04 11.14
N VAL A 166 30.56 11.23 10.72
CA VAL A 166 29.97 10.31 9.75
C VAL A 166 30.64 10.45 8.39
N PHE A 167 31.00 11.68 8.01
CA PHE A 167 31.65 11.90 6.73
C PHE A 167 33.14 11.61 6.75
N ASP A 168 33.71 11.30 7.91
CA ASP A 168 35.13 11.02 8.03
C ASP A 168 35.43 9.56 8.34
N ASN A 169 34.53 8.84 9.01
CA ASN A 169 34.76 7.46 9.35
C ASN A 169 34.06 6.46 8.42
N ASP A 170 32.98 6.89 7.75
CA ASP A 170 32.16 5.97 6.97
C ASP A 170 32.11 6.32 5.49
N TRP A 171 33.04 7.14 5.01
CA TRP A 171 33.08 7.57 3.62
C TRP A 171 34.48 7.38 3.07
N PRO A 172 34.61 7.21 1.75
CA PRO A 172 35.95 6.96 1.17
C PRO A 172 36.81 8.20 1.13
N VAL A 173 38.01 8.08 0.56
CA VAL A 173 38.92 9.20 0.43
C VAL A 173 38.43 10.10 -0.71
N GLY A 174 38.56 11.41 -0.50
CA GLY A 174 37.98 12.40 -1.39
C GLY A 174 36.58 12.82 -1.03
N TRP A 175 35.97 12.17 -0.04
CA TRP A 175 34.64 12.51 0.46
C TRP A 175 34.67 12.65 1.98
N LYS A 176 35.75 13.22 2.50
CA LYS A 176 35.87 13.50 3.92
C LYS A 176 35.24 14.86 4.23
N TYR A 177 35.08 15.13 5.53
CA TYR A 177 34.37 16.33 5.96
C TYR A 177 35.07 17.59 5.48
N ASP A 178 36.40 17.62 5.57
CA ASP A 178 37.18 18.80 5.19
C ASP A 178 37.23 19.00 3.69
N ASP A 179 36.58 18.15 2.90
CA ASP A 179 36.46 18.36 1.46
C ASP A 179 35.03 18.66 1.03
N VAL A 180 34.05 18.51 1.92
CA VAL A 180 32.65 18.78 1.62
C VAL A 180 32.08 19.90 2.46
N LYS A 181 32.86 20.44 3.41
CA LYS A 181 32.40 21.59 4.19
C LYS A 181 32.08 22.78 3.29
N ASN A 182 32.88 23.00 2.25
CA ASN A 182 32.65 24.12 1.35
C ASN A 182 31.29 24.00 0.66
N TYR A 183 30.96 22.81 0.17
CA TYR A 183 29.70 22.62 -0.53
C TYR A 183 28.52 22.66 0.43
N PHE A 184 28.70 22.12 1.64
CA PHE A 184 27.63 22.23 2.65
C PHE A 184 27.35 23.70 2.97
N ARG A 185 28.40 24.50 3.14
CA ARG A 185 28.23 25.93 3.39
C ARG A 185 27.56 26.61 2.21
N ARG A 186 27.94 26.24 0.98
CA ARG A 186 27.29 26.80 -0.20
C ARG A 186 25.80 26.52 -0.19
N VAL A 187 25.42 25.27 0.10
CA VAL A 187 24.01 24.91 0.11
C VAL A 187 23.25 25.68 1.19
N LEU A 188 23.81 25.72 2.40
CA LEU A 188 23.12 26.40 3.49
C LEU A 188 22.99 27.90 3.22
N VAL A 189 24.02 28.53 2.65
CA VAL A 189 23.94 29.94 2.32
C VAL A 189 22.90 30.19 1.24
N ASP A 190 22.89 29.33 0.20
CA ASP A 190 21.95 29.54 -0.90
C ASP A 190 20.50 29.39 -0.42
N ILE A 191 20.22 28.39 0.41
CA ILE A 191 18.86 28.23 0.92
C ILE A 191 18.54 29.33 1.93
N ASN A 192 19.48 29.65 2.82
CA ASN A 192 19.33 30.69 3.83
C ASN A 192 18.13 30.43 4.73
N PRO A 193 18.20 29.40 5.59
CA PRO A 193 17.05 29.10 6.46
C PRO A 193 16.85 30.13 7.56
N VAL A 194 15.78 29.95 8.34
CA VAL A 194 15.46 30.84 9.46
C VAL A 194 15.18 29.99 10.69
N ARG A 195 15.23 30.64 11.85
CA ARG A 195 15.02 29.97 13.12
C ARG A 195 13.56 30.12 13.57
N ASP A 196 13.27 29.69 14.79
CA ASP A 196 11.92 29.79 15.35
C ASP A 196 11.62 31.23 15.76
N ASN A 197 10.32 31.52 15.87
CA ASN A 197 9.85 32.83 16.34
C ASN A 197 9.40 32.79 17.79
N THR A 198 8.47 31.89 18.11
CA THR A 198 7.90 31.82 19.44
C THR A 198 8.73 30.92 20.34
N LYS A 199 8.90 31.34 21.60
CA LYS A 199 9.65 30.59 22.60
C LYS A 199 8.67 29.95 23.58
N ALA A 200 8.91 28.67 23.88
CA ALA A 200 8.03 27.90 24.75
C ALA A 200 8.67 27.73 26.12
N SER A 201 7.84 27.75 27.16
CA SER A 201 8.34 27.57 28.52
C SER A 201 8.80 26.14 28.76
N ILE A 202 8.18 25.17 28.08
CA ILE A 202 8.59 23.78 28.25
C ILE A 202 9.99 23.54 27.69
N THR A 203 10.39 24.31 26.67
CA THR A 203 11.70 24.12 26.08
C THR A 203 12.82 24.41 27.07
N SER A 204 12.66 25.47 27.87
CA SER A 204 13.68 25.79 28.87
C SER A 204 13.76 24.70 29.94
N VAL A 205 12.61 24.18 30.37
CA VAL A 205 12.60 23.10 31.35
C VAL A 205 13.32 21.88 30.79
N ALA A 206 13.04 21.53 29.53
CA ALA A 206 13.69 20.39 28.92
C ALA A 206 15.19 20.60 28.77
N LEU A 207 15.60 21.82 28.41
CA LEU A 207 17.02 22.11 28.29
C LEU A 207 17.73 21.98 29.63
N ASP A 208 17.10 22.47 30.70
CA ASP A 208 17.72 22.35 32.02
C ASP A 208 17.79 20.89 32.47
N ALA A 209 16.75 20.11 32.18
CA ALA A 209 16.79 18.69 32.51
C ALA A 209 17.91 17.98 31.75
N LEU A 210 18.06 18.30 30.46
CA LEU A 210 19.15 17.71 29.68
C LEU A 210 20.50 18.13 30.23
N ARG A 211 20.62 19.38 30.67
CA ARG A 211 21.89 19.83 31.26
C ARG A 211 22.20 19.07 32.54
N ILE A 212 21.19 18.84 33.38
CA ILE A 212 21.41 18.08 34.61
C ILE A 212 21.84 16.65 34.29
N ILE A 213 21.17 16.02 33.32
CA ILE A 213 21.54 14.66 32.94
C ILE A 213 22.96 14.62 32.39
N ALA A 214 23.33 15.60 31.56
CA ALA A 214 24.68 15.65 31.02
C ALA A 214 25.71 15.86 32.12
N GLU A 215 25.40 16.69 33.11
CA GLU A 215 26.29 16.86 34.25
C GLU A 215 26.49 15.55 34.99
N GLN A 216 25.40 14.81 35.21
CA GLN A 216 25.53 13.51 35.87
C GLN A 216 26.38 12.54 35.07
N GLN A 217 26.17 12.51 33.75
CA GLN A 217 26.94 11.59 32.90
C GLN A 217 28.42 11.96 32.88
N ILE A 218 28.73 13.25 32.80
CA ILE A 218 30.13 13.67 32.76
C ILE A 218 30.79 13.52 34.12
N ALA A 219 30.02 13.56 35.21
CA ALA A 219 30.57 13.27 36.52
C ALA A 219 30.80 11.78 36.73
N SER A 220 29.97 10.93 36.11
CA SER A 220 30.16 9.49 36.25
C SER A 220 31.46 9.02 35.60
N GLY A 221 31.93 9.73 34.58
CA GLY A 221 33.19 9.37 33.94
C GLY A 221 33.14 8.12 33.09
N GLU A 222 31.97 7.74 32.60
CA GLU A 222 31.85 6.55 31.77
C GLU A 222 32.53 6.78 30.41
N PRO A 223 33.05 5.72 29.79
CA PRO A 223 33.76 5.90 28.51
C PRO A 223 32.92 6.50 27.41
N VAL A 224 31.62 6.19 27.35
CA VAL A 224 30.77 6.68 26.27
C VAL A 224 29.34 6.79 26.78
N ASP A 225 28.64 7.82 26.32
CA ASP A 225 27.23 8.02 26.64
C ASP A 225 26.63 8.96 25.61
N PHE A 226 25.31 9.00 25.56
CA PHE A 226 24.62 9.78 24.54
C PHE A 226 24.79 11.29 24.72
N LEU A 227 24.96 11.76 25.95
CA LEU A 227 25.07 13.18 26.24
C LEU A 227 26.51 13.60 26.52
N LEU A 228 27.46 13.01 25.81
CA LEU A 228 28.88 13.35 25.94
C LEU A 228 29.43 13.77 24.59
N ASN A 229 30.15 14.88 24.57
CA ASN A 229 30.85 15.36 23.39
C ASN A 229 32.31 15.57 23.73
N LYS A 230 33.18 15.36 22.74
CA LYS A 230 34.62 15.45 22.98
C LYS A 230 35.24 16.72 22.43
N ALA A 231 34.58 17.42 21.51
CA ALA A 231 35.09 18.69 21.02
C ALA A 231 34.92 19.81 22.02
N THR A 232 34.19 19.58 23.12
CA THR A 232 33.98 20.60 24.14
C THR A 232 34.72 20.32 25.45
N GLY A 233 34.90 19.07 25.81
CA GLY A 233 35.63 18.72 27.02
C GLY A 233 34.71 18.24 28.13
N ASN A 234 34.88 18.80 29.33
CA ASN A 234 34.11 18.41 30.50
C ASN A 234 32.89 19.28 30.73
N VAL A 235 32.62 20.23 29.84
CA VAL A 235 31.46 21.12 29.96
C VAL A 235 30.34 20.57 29.08
N PRO A 236 29.12 20.44 29.59
CA PRO A 236 28.02 19.95 28.76
C PRO A 236 27.71 20.91 27.62
N ASN A 237 27.28 20.35 26.49
CA ASN A 237 26.90 21.14 25.32
C ASN A 237 25.39 21.35 25.29
N VAL A 238 24.90 22.06 26.30
CA VAL A 238 23.48 22.37 26.45
C VAL A 238 23.32 23.88 26.44
N GLU A 239 22.41 24.37 25.60
CA GLU A 239 22.17 25.80 25.49
C GLU A 239 21.64 26.35 26.80
N LYS A 240 22.09 27.56 27.15
CA LYS A 240 21.71 28.18 28.42
C LYS A 240 20.23 28.54 28.44
N THR A 241 19.65 28.51 29.64
CA THR A 241 18.26 28.88 29.83
C THR A 241 18.08 30.33 30.25
N THR A 242 19.17 31.11 30.31
CA THR A 242 19.07 32.50 30.67
C THR A 242 18.32 33.29 29.60
N PRO A 243 17.66 34.39 29.97
CA PRO A 243 16.93 35.17 28.96
C PRO A 243 17.82 35.71 27.85
N ASP A 244 19.10 35.93 28.12
CA ASP A 244 20.05 36.44 27.13
C ASP A 244 20.93 35.34 26.56
N ALA A 245 20.39 34.14 26.40
CA ALA A 245 21.18 33.02 25.90
C ALA A 245 21.53 33.23 24.42
N VAL A 246 22.64 32.61 24.03
CA VAL A 246 23.13 32.67 22.65
C VAL A 246 22.65 31.42 21.93
N PRO A 247 22.13 31.53 20.71
CA PRO A 247 21.73 30.33 19.98
C PRO A 247 22.91 29.38 19.76
N LEU A 248 22.64 28.10 19.90
CA LEU A 248 23.65 27.04 19.80
C LEU A 248 23.42 26.31 18.48
N ASN A 249 24.05 26.80 17.42
CA ASN A 249 23.83 26.25 16.09
C ASN A 249 24.42 24.85 16.00
N LEU A 250 23.62 23.91 15.47
CA LEU A 250 24.05 22.54 15.29
C LEU A 250 24.59 22.26 13.90
N ASN A 251 24.65 23.26 13.03
CA ASN A 251 25.19 23.13 11.69
C ASN A 251 26.40 24.04 11.50
N ASP A 252 27.23 24.14 12.53
CA ASP A 252 28.38 25.03 12.49
C ASP A 252 29.40 24.56 11.45
N TYR A 253 30.15 25.52 10.91
CA TYR A 253 31.07 25.22 9.82
C TYR A 253 32.16 24.24 10.24
N GLU A 254 32.72 24.42 11.43
CA GLU A 254 33.82 23.57 11.88
C GLU A 254 33.38 22.16 12.24
N GLY A 255 32.08 21.90 12.37
CA GLY A 255 31.62 20.58 12.68
C GLY A 255 31.91 20.10 14.08
N VAL A 256 32.35 20.99 14.98
CA VAL A 256 32.65 20.60 16.35
C VAL A 256 31.39 20.21 17.12
N ASN A 257 30.21 20.49 16.57
CA ASN A 257 28.94 20.20 17.22
C ASN A 257 28.44 18.83 16.76
N SER A 258 28.53 17.84 17.64
CA SER A 258 28.07 16.48 17.34
C SER A 258 26.93 16.04 18.24
N VAL A 259 27.07 16.21 19.54
CA VAL A 259 25.99 15.98 20.49
C VAL A 259 25.62 17.35 21.07
N VAL A 260 24.50 17.90 20.63
CA VAL A 260 24.11 19.27 20.95
C VAL A 260 22.70 19.25 21.51
N ALA A 261 22.49 19.95 22.63
CA ALA A 261 21.17 20.20 23.18
C ALA A 261 20.82 21.64 22.87
N PHE A 262 19.98 21.84 21.85
CA PHE A 262 19.65 23.16 21.32
C PHE A 262 18.15 23.42 21.52
N SER A 263 17.69 24.54 20.94
CA SER A 263 16.32 24.98 21.17
C SER A 263 15.53 25.25 19.89
N SER A 264 16.15 25.15 18.72
CA SER A 264 15.42 25.43 17.48
C SER A 264 16.15 24.81 16.30
N PHE A 265 15.38 24.23 15.38
CA PHE A 265 15.91 23.71 14.14
C PHE A 265 16.02 24.85 13.12
N TYR A 266 16.32 24.52 11.87
CA TYR A 266 16.39 25.48 10.78
C TYR A 266 15.53 25.00 9.63
N MET A 267 14.61 25.84 9.18
CA MET A 267 13.67 25.49 8.12
C MET A 267 13.88 26.40 6.92
N GLY A 268 13.68 25.85 5.72
CA GLY A 268 13.88 26.60 4.50
C GLY A 268 12.70 27.42 4.08
N VAL A 269 12.35 28.43 4.89
CA VAL A 269 11.27 29.35 4.59
C VAL A 269 11.80 30.77 4.65
N ASN A 270 11.15 31.67 3.92
CA ASN A 270 11.54 33.06 3.86
C ASN A 270 10.32 33.95 4.09
N GLN A 271 10.49 34.99 4.89
CA GLN A 271 9.43 35.96 5.12
C GLN A 271 9.43 37.01 4.02
N LEU A 272 8.22 37.46 3.67
CA LEU A 272 8.03 38.41 2.58
C LEU A 272 7.52 39.74 3.13
N SER A 273 7.35 40.70 2.22
CA SER A 273 6.94 42.05 2.61
C SER A 273 5.54 42.05 3.20
N ASP A 274 4.64 41.22 2.66
CA ASP A 274 3.28 41.14 3.18
C ASP A 274 3.27 40.73 4.64
N GLY A 275 4.09 39.73 4.98
CA GLY A 275 4.12 39.20 6.33
C GLY A 275 3.84 37.72 6.36
N ASN A 276 3.81 37.10 5.18
CA ASN A 276 3.58 35.68 5.04
C ASN A 276 4.83 35.00 4.49
N TYR A 277 5.04 33.75 4.89
CA TYR A 277 6.24 33.01 4.55
C TYR A 277 6.04 32.20 3.28
N ILE A 278 7.16 31.82 2.66
CA ILE A 278 7.18 31.11 1.39
C ILE A 278 8.08 29.89 1.52
N ARG A 279 7.61 28.75 1.03
CA ARG A 279 8.43 27.55 0.98
C ARG A 279 9.56 27.74 -0.02
N LYS A 280 10.80 27.57 0.44
CA LYS A 280 11.98 27.76 -0.40
C LYS A 280 12.58 26.40 -0.70
N TYR A 281 12.44 25.94 -1.95
CA TYR A 281 13.01 24.68 -2.37
C TYR A 281 13.86 24.86 -3.62
N ALA A 282 14.32 23.76 -4.23
CA ALA A 282 15.22 23.86 -5.36
C ALA A 282 14.54 24.48 -6.59
N GLY A 283 13.25 24.23 -6.77
CA GLY A 283 12.53 24.71 -7.92
C GLY A 283 12.50 26.22 -8.07
N ASN A 284 11.92 26.91 -7.09
CA ASN A 284 11.86 28.37 -7.17
C ASN A 284 13.21 29.03 -6.91
N THR A 285 14.21 28.27 -6.47
CA THR A 285 15.52 28.83 -6.21
C THR A 285 16.43 28.80 -7.44
N TYR A 286 16.43 27.69 -8.18
CA TYR A 286 17.31 27.54 -9.33
C TYR A 286 16.60 27.54 -10.68
N LEU A 287 15.29 27.31 -10.69
CA LEU A 287 14.53 27.22 -11.94
C LEU A 287 13.31 28.11 -11.90
N ASN A 288 13.46 29.32 -11.38
CA ASN A 288 12.36 30.27 -11.30
C ASN A 288 12.25 31.06 -12.59
N ARG A 289 11.32 32.02 -12.62
CA ARG A 289 11.04 32.78 -13.84
C ARG A 289 12.22 33.64 -14.27
N ASN A 290 13.16 33.94 -13.36
CA ASN A 290 14.27 34.81 -13.70
C ASN A 290 15.19 34.16 -14.74
N TYR A 291 15.40 32.85 -14.64
CA TYR A 291 16.31 32.16 -15.55
C TYR A 291 15.60 31.33 -16.60
N VAL A 292 14.46 30.72 -16.28
CA VAL A 292 13.68 29.95 -17.24
C VAL A 292 12.26 30.50 -17.25
N ASP A 293 11.72 30.72 -18.45
CA ASP A 293 10.40 31.31 -18.61
C ASP A 293 9.35 30.21 -18.64
N GLU A 294 8.12 30.57 -19.04
CA GLU A 294 7.06 29.57 -19.15
C GLU A 294 7.38 28.52 -20.21
N ASN A 295 8.12 28.89 -21.25
CA ASN A 295 8.48 27.97 -22.32
C ASN A 295 9.74 27.18 -22.03
N GLY A 296 10.35 27.38 -20.87
CA GLY A 296 11.52 26.59 -20.49
C GLY A 296 12.76 26.81 -21.32
N ARG A 297 13.06 28.06 -21.66
CA ARG A 297 14.29 28.41 -22.36
C ARG A 297 15.11 29.37 -21.50
N GLY A 298 16.43 29.30 -21.66
CA GLY A 298 17.30 30.11 -20.82
C GLY A 298 17.20 31.59 -21.14
N ILE A 299 17.54 32.40 -20.15
CA ILE A 299 17.46 33.85 -20.24
C ILE A 299 18.87 34.42 -20.08
N GLY A 300 19.32 35.18 -21.06
CA GLY A 300 20.63 35.81 -21.00
C GLY A 300 21.78 34.84 -21.14
N LYS A 301 22.60 34.75 -20.09
CA LYS A 301 23.75 33.85 -20.12
C LYS A 301 23.32 32.40 -20.17
N PHE A 302 22.16 32.07 -19.60
CA PHE A 302 21.69 30.70 -19.51
C PHE A 302 21.03 30.20 -20.79
N SER A 303 21.30 30.86 -21.93
CA SER A 303 20.62 30.51 -23.17
C SER A 303 20.85 29.07 -23.59
N GLY A 304 21.94 28.45 -23.16
CA GLY A 304 22.17 27.05 -23.49
C GLY A 304 21.16 26.12 -22.83
N LEU A 305 20.75 26.45 -21.60
CA LEU A 305 19.88 25.56 -20.84
C LEU A 305 18.47 25.54 -21.42
N ARG A 306 17.85 24.36 -21.39
CA ARG A 306 16.45 24.20 -21.76
C ARG A 306 15.86 23.10 -20.90
N VAL A 307 14.68 23.36 -20.33
CA VAL A 307 14.01 22.44 -19.42
C VAL A 307 12.67 22.06 -20.01
N VAL A 308 12.43 20.77 -20.15
CA VAL A 308 11.19 20.24 -20.71
C VAL A 308 10.43 19.55 -19.59
N SER A 309 9.27 20.10 -19.24
CA SER A 309 8.42 19.51 -18.21
C SER A 309 7.51 18.45 -18.84
N ASP A 310 6.92 17.62 -17.98
CA ASP A 310 6.05 16.52 -18.39
C ASP A 310 6.77 15.59 -19.36
N ALA A 311 7.84 14.98 -18.87
CA ALA A 311 8.67 14.10 -19.68
C ALA A 311 9.14 12.93 -18.82
N VAL A 312 8.78 11.71 -19.24
CA VAL A 312 9.14 10.50 -18.53
C VAL A 312 10.08 9.69 -19.42
N VAL A 313 11.31 9.50 -18.95
CA VAL A 313 12.33 8.78 -19.70
C VAL A 313 12.22 7.29 -19.37
N ASP A 314 12.54 6.44 -20.34
CA ASP A 314 12.42 5.00 -20.17
C ASP A 314 13.76 4.27 -20.18
N ARG A 315 14.56 4.44 -21.23
CA ARG A 315 15.79 3.66 -21.37
C ARG A 315 16.87 4.53 -21.99
N ILE A 316 18.12 4.10 -21.78
CA ILE A 316 19.29 4.75 -22.35
C ILE A 316 19.88 3.82 -23.40
N ILE A 317 19.90 4.27 -24.64
CA ILE A 317 20.50 3.47 -25.71
C ILE A 317 22.02 3.53 -25.62
N PHE A 318 22.68 2.55 -26.23
CA PHE A 318 24.13 2.41 -26.14
C PHE A 318 24.69 2.14 -27.53
N LYS A 319 26.02 2.02 -27.59
CA LYS A 319 26.70 1.53 -28.78
C LYS A 319 27.80 0.53 -28.41
N GLY A 320 27.70 -0.09 -27.24
CA GLY A 320 28.65 -1.08 -26.77
C GLY A 320 29.34 -0.64 -25.51
N ASN A 321 29.79 0.61 -25.47
CA ASN A 321 30.25 1.21 -24.22
C ASN A 321 29.94 2.69 -24.12
N ARG A 322 29.27 3.29 -25.10
CA ARG A 322 29.04 4.73 -25.12
C ARG A 322 27.58 5.00 -25.42
N ALA A 323 26.92 5.74 -24.54
CA ALA A 323 25.53 6.12 -24.78
C ALA A 323 25.44 7.09 -25.95
N VAL A 324 24.38 6.96 -26.73
CA VAL A 324 24.16 7.82 -27.89
C VAL A 324 22.93 8.71 -27.74
N GLY A 325 21.91 8.27 -27.02
CA GLY A 325 20.72 9.10 -26.84
C GLY A 325 19.79 8.48 -25.82
N VAL A 326 18.74 9.24 -25.51
CA VAL A 326 17.70 8.79 -24.60
C VAL A 326 16.35 9.13 -25.21
N ASN A 327 15.31 8.44 -24.74
CA ASN A 327 13.96 8.62 -25.23
C ASN A 327 13.02 8.83 -24.06
N TYR A 328 11.96 9.61 -24.29
CA TYR A 328 10.99 9.91 -23.25
C TYR A 328 9.59 9.94 -23.85
N ILE A 329 8.61 9.67 -23.00
CA ILE A 329 7.20 9.72 -23.37
C ILE A 329 6.63 11.05 -22.90
N ASP A 330 6.15 11.86 -23.83
CA ASP A 330 5.69 13.20 -23.52
C ASP A 330 4.20 13.19 -23.19
N ARG A 331 3.59 14.37 -23.14
CA ARG A 331 2.19 14.50 -22.76
C ARG A 331 1.26 13.83 -23.78
N GLU A 332 1.65 13.83 -25.05
CA GLU A 332 0.83 13.26 -26.11
C GLU A 332 1.10 11.77 -26.33
N GLY A 333 1.90 11.14 -25.46
CA GLY A 333 2.19 9.73 -25.58
C GLY A 333 2.96 9.37 -26.83
N ILE A 334 3.99 10.14 -27.14
CA ILE A 334 4.82 9.92 -28.32
C ILE A 334 6.26 9.73 -27.87
N MET A 335 7.04 9.03 -28.68
CA MET A 335 8.44 8.77 -28.41
C MET A 335 9.30 9.78 -29.14
N HIS A 336 10.22 10.42 -28.41
CA HIS A 336 11.16 11.37 -28.97
C HIS A 336 12.57 10.90 -28.69
N TYR A 337 13.43 10.97 -29.71
CA TYR A 337 14.82 10.56 -29.62
C TYR A 337 15.71 11.79 -29.71
N VAL A 338 16.58 11.95 -28.72
CA VAL A 338 17.49 13.10 -28.66
C VAL A 338 18.93 12.58 -28.61
N LYS A 339 19.78 13.14 -29.46
CA LYS A 339 21.16 12.71 -29.56
C LYS A 339 21.98 13.21 -28.38
N VAL A 340 22.90 12.37 -27.91
CA VAL A 340 23.79 12.70 -26.80
C VAL A 340 25.22 12.74 -27.32
N ASN A 341 25.96 13.77 -26.93
CA ASN A 341 27.32 13.99 -27.40
C ASN A 341 28.38 13.70 -26.35
N LYS A 342 28.23 14.23 -25.13
CA LYS A 342 29.32 14.18 -24.15
C LYS A 342 28.99 13.34 -22.93
N GLU A 343 27.90 13.61 -22.22
CA GLU A 343 27.70 13.03 -20.90
C GLU A 343 26.21 12.88 -20.62
N VAL A 344 25.88 11.86 -19.84
CA VAL A 344 24.53 11.67 -19.31
C VAL A 344 24.64 11.41 -17.81
N VAL A 345 23.75 12.05 -17.04
CA VAL A 345 23.72 11.91 -15.59
C VAL A 345 22.32 11.52 -15.16
N VAL A 346 22.23 10.56 -14.24
CA VAL A 346 20.96 10.05 -13.76
C VAL A 346 20.85 10.37 -12.27
N THR A 347 19.83 11.14 -11.91
CA THR A 347 19.56 11.49 -10.51
C THR A 347 18.06 11.33 -10.22
N SER A 348 17.50 10.20 -10.65
CA SER A 348 16.07 9.95 -10.55
C SER A 348 15.62 9.65 -9.12
N GLY A 349 16.54 9.48 -8.17
CA GLY A 349 16.18 9.26 -6.79
C GLY A 349 16.64 7.90 -6.29
N ALA A 350 16.36 7.68 -5.00
CA ALA A 350 16.77 6.43 -4.37
C ALA A 350 16.06 5.22 -4.96
N PHE A 351 14.77 5.36 -5.27
CA PHE A 351 13.99 4.21 -5.73
C PHE A 351 14.08 3.98 -7.23
N TYR A 352 14.29 5.03 -8.01
CA TYR A 352 14.17 4.93 -9.46
C TYR A 352 15.50 5.10 -10.19
N THR A 353 16.61 5.20 -9.47
CA THR A 353 17.89 5.15 -10.14
C THR A 353 18.26 3.70 -10.47
N PRO A 354 18.25 2.76 -9.52
CA PRO A 354 18.53 1.37 -9.88
C PRO A 354 17.55 0.80 -10.88
N THR A 355 16.29 1.22 -10.83
CA THR A 355 15.30 0.72 -11.78
C THR A 355 15.66 1.11 -13.20
N ILE A 356 16.00 2.37 -13.42
CA ILE A 356 16.39 2.83 -14.75
C ILE A 356 17.71 2.19 -15.16
N LEU A 357 18.62 2.01 -14.21
CA LEU A 357 19.89 1.38 -14.54
C LEU A 357 19.69 -0.06 -15.00
N GLN A 358 18.84 -0.82 -14.31
CA GLN A 358 18.59 -2.20 -14.69
C GLN A 358 17.85 -2.28 -16.01
N ARG A 359 16.82 -1.45 -16.20
CA ARG A 359 16.08 -1.44 -17.45
C ARG A 359 16.93 -0.95 -18.62
N SER A 360 18.04 -0.27 -18.34
CA SER A 360 18.90 0.21 -19.41
C SER A 360 19.76 -0.90 -20.00
N GLY A 361 20.21 -1.84 -19.18
CA GLY A 361 21.08 -2.90 -19.65
C GLY A 361 22.27 -3.15 -18.75
N ILE A 362 22.26 -2.55 -17.56
CA ILE A 362 23.33 -2.72 -16.57
C ILE A 362 22.70 -3.30 -15.32
N GLY A 363 23.24 -4.42 -14.85
CA GLY A 363 22.74 -5.06 -13.66
C GLY A 363 23.01 -6.55 -13.71
N ASP A 364 22.34 -7.27 -12.81
CA ASP A 364 22.48 -8.72 -12.76
C ASP A 364 21.98 -9.35 -14.06
N PHE A 365 22.86 -10.08 -14.74
CA PHE A 365 22.47 -10.69 -16.01
C PHE A 365 21.42 -11.77 -15.81
N THR A 366 21.53 -12.56 -14.74
CA THR A 366 20.60 -13.66 -14.53
C THR A 366 19.16 -13.15 -14.41
N TYR A 367 18.94 -12.19 -13.51
CA TYR A 367 17.58 -11.73 -13.24
C TYR A 367 17.01 -10.96 -14.42
N LEU A 368 17.83 -10.10 -15.03
CA LEU A 368 17.38 -9.33 -16.19
C LEU A 368 17.04 -10.25 -17.35
N SER A 369 17.87 -11.27 -17.60
CA SER A 369 17.57 -12.22 -18.66
C SER A 369 16.33 -13.02 -18.35
N SER A 370 16.12 -13.39 -17.08
CA SER A 370 14.92 -14.11 -16.69
C SER A 370 13.67 -13.27 -16.95
N ILE A 371 13.73 -11.97 -16.62
CA ILE A 371 12.58 -11.12 -16.86
C ILE A 371 12.33 -10.94 -18.36
N GLY A 372 13.40 -10.74 -19.13
CA GLY A 372 13.25 -10.58 -20.57
C GLY A 372 13.90 -9.35 -21.14
N VAL A 373 14.87 -8.78 -20.43
CA VAL A 373 15.59 -7.61 -20.93
C VAL A 373 16.42 -8.03 -22.15
N LYS A 374 16.26 -7.29 -23.23
CA LYS A 374 16.87 -7.70 -24.50
C LYS A 374 18.38 -7.51 -24.51
N ASN A 375 18.86 -6.37 -24.01
CA ASN A 375 20.27 -6.02 -24.12
C ASN A 375 20.93 -6.07 -22.75
N LEU A 376 22.11 -6.67 -22.70
CA LEU A 376 22.88 -6.85 -21.47
C LEU A 376 24.28 -6.30 -21.69
N VAL A 377 24.76 -5.46 -20.78
CA VAL A 377 26.04 -4.77 -20.98
C VAL A 377 27.06 -5.17 -19.91
N TYR A 378 26.76 -4.88 -18.65
CA TYR A 378 27.70 -5.11 -17.57
C TYR A 378 27.04 -5.96 -16.50
N ASN A 379 27.73 -7.01 -16.07
CA ASN A 379 27.21 -7.96 -15.08
C ASN A 379 27.55 -7.46 -13.69
N ASN A 380 26.71 -6.59 -13.15
CA ASN A 380 26.91 -6.06 -11.80
C ASN A 380 25.81 -6.59 -10.89
N PRO A 381 26.10 -7.56 -10.02
CA PRO A 381 25.10 -8.04 -9.07
C PRO A 381 24.85 -7.12 -7.89
N LEU A 382 25.34 -5.88 -7.93
CA LEU A 382 25.20 -4.94 -6.83
C LEU A 382 24.26 -3.78 -7.12
N VAL A 383 23.82 -3.61 -8.36
CA VAL A 383 22.96 -2.49 -8.72
C VAL A 383 21.65 -2.61 -7.95
N GLY A 384 21.38 -1.63 -7.09
CA GLY A 384 20.18 -1.65 -6.29
C GLY A 384 20.27 -2.47 -5.02
N THR A 385 21.45 -2.60 -4.43
CA THR A 385 21.66 -3.42 -3.25
C THR A 385 22.00 -2.52 -2.06
N GLY A 386 21.52 -2.90 -0.88
CA GLY A 386 21.81 -2.16 0.32
C GLY A 386 21.09 -0.83 0.42
N LEU A 387 19.76 -0.88 0.54
CA LEU A 387 18.94 0.32 0.65
C LEU A 387 18.80 0.70 2.11
N LYS A 388 19.19 1.93 2.45
CA LYS A 388 19.21 2.40 3.83
C LYS A 388 18.16 3.50 4.01
N ASN A 389 17.45 3.45 5.14
CA ASN A 389 16.40 4.42 5.42
C ASN A 389 16.27 4.55 6.93
N HIS A 390 15.61 5.63 7.36
CA HIS A 390 15.53 5.98 8.76
C HIS A 390 14.28 5.38 9.41
N TYR A 391 14.08 5.67 10.69
CA TYR A 391 12.95 5.16 11.44
C TYR A 391 12.70 6.09 12.63
N SER A 392 11.47 6.07 13.13
CA SER A 392 11.12 6.96 14.23
C SER A 392 9.94 6.46 15.05
N PRO A 393 10.19 5.84 16.20
CA PRO A 393 9.09 5.51 17.11
C PRO A 393 8.53 6.77 17.77
N VAL A 394 7.34 6.61 18.35
CA VAL A 394 6.60 7.73 18.93
C VAL A 394 6.16 7.36 20.35
N THR A 395 6.19 8.34 21.24
CA THR A 395 5.72 8.20 22.61
C THR A 395 4.75 9.32 22.95
N ILE A 396 3.93 9.09 23.97
CA ILE A 396 2.94 10.06 24.43
C ILE A 396 3.09 10.22 25.94
N THR A 397 3.12 11.47 26.40
CA THR A 397 3.25 11.80 27.81
C THR A 397 2.04 12.58 28.27
N ARG A 398 1.55 12.26 29.48
CA ARG A 398 0.40 12.92 30.07
C ARG A 398 0.84 13.79 31.24
N VAL A 399 0.28 14.99 31.32
CA VAL A 399 0.63 15.97 32.34
C VAL A 399 -0.51 16.02 33.36
N HIS A 400 -0.18 15.75 34.62
CA HIS A 400 -1.15 15.78 35.70
C HIS A 400 -1.08 17.11 36.45
N GLY A 401 -2.23 17.57 36.93
CA GLY A 401 -2.27 18.77 37.73
C GLY A 401 -3.55 19.57 37.63
N GLU A 402 -3.57 20.73 38.28
CA GLU A 402 -4.73 21.61 38.23
C GLU A 402 -4.89 22.17 36.82
N PRO A 403 -6.12 22.29 36.32
CA PRO A 403 -6.32 22.65 34.90
C PRO A 403 -5.64 23.95 34.48
N SER A 404 -5.65 24.98 35.32
CA SER A 404 -4.98 26.22 34.93
C SER A 404 -3.48 26.01 34.79
N GLU A 405 -2.89 25.22 35.68
CA GLU A 405 -1.45 24.95 35.59
C GLU A 405 -1.10 24.24 34.29
N VAL A 406 -1.89 23.22 33.93
CA VAL A 406 -1.56 22.45 32.73
C VAL A 406 -1.87 23.26 31.47
N SER A 407 -2.83 24.19 31.55
CA SER A 407 -3.09 25.06 30.41
C SER A 407 -1.98 26.09 30.22
N ARG A 408 -1.44 26.60 31.33
CA ARG A 408 -0.36 27.57 31.24
C ARG A 408 0.94 26.91 30.81
N PHE A 409 1.20 25.69 31.28
CA PHE A 409 2.44 25.01 30.96
C PHE A 409 2.53 24.66 29.49
N LEU A 410 1.42 24.21 28.89
CA LEU A 410 1.42 23.70 27.54
C LEU A 410 1.08 24.76 26.50
N SER A 411 1.41 26.01 26.75
CA SER A 411 1.13 27.08 25.79
C SER A 411 2.29 27.25 24.81
N ASN A 412 2.00 27.95 23.71
CA ASN A 412 2.99 28.38 22.73
C ASN A 412 3.68 27.21 22.02
N MET A 413 2.97 26.11 21.81
CA MET A 413 3.49 25.04 20.96
C MET A 413 2.70 24.92 19.65
N ALA A 414 1.94 25.95 19.31
CA ALA A 414 1.24 25.94 18.04
C ALA A 414 2.22 26.02 16.88
N ALA A 415 1.88 25.33 15.80
CA ALA A 415 2.74 25.26 14.63
C ALA A 415 2.71 26.57 13.87
N ASN A 416 3.86 26.96 13.31
CA ASN A 416 4.04 28.16 12.53
C ASN A 416 4.78 27.81 11.25
N PRO A 417 4.69 28.64 10.22
CA PRO A 417 5.47 28.40 9.00
C PRO A 417 6.97 28.51 9.19
N THR A 418 7.45 28.78 10.40
CA THR A 418 8.87 28.90 10.68
C THR A 418 9.41 27.78 11.57
N ASN A 419 8.54 27.00 12.22
CA ASN A 419 8.97 25.89 13.05
C ASN A 419 8.35 24.55 12.68
N MET A 420 7.23 24.54 11.95
CA MET A 420 6.58 23.31 11.49
C MET A 420 6.24 22.38 12.66
N GLY A 421 6.03 22.93 13.84
CA GLY A 421 5.77 22.12 15.01
C GLY A 421 7.01 21.51 15.64
N PHE A 422 8.20 21.78 15.09
CA PHE A 422 9.45 21.23 15.62
C PHE A 422 9.99 22.18 16.67
N LYS A 423 9.63 21.93 17.93
CA LYS A 423 10.27 22.66 19.02
C LYS A 423 11.76 22.33 19.09
N GLY A 424 12.10 21.05 18.95
CA GLY A 424 13.48 20.63 18.86
C GLY A 424 14.16 20.51 20.21
N LEU A 425 14.79 19.37 20.47
CA LEU A 425 15.50 19.17 21.73
C LEU A 425 17.00 18.99 21.56
N ALA A 426 17.43 17.98 20.81
CA ALA A 426 18.85 17.62 20.83
C ALA A 426 19.09 16.51 19.80
N GLU A 427 20.37 16.20 19.62
CA GLU A 427 20.82 15.03 18.88
C GLU A 427 21.79 14.27 19.78
N LEU A 428 21.44 13.04 20.11
CA LEU A 428 22.14 12.27 21.12
C LEU A 428 23.01 11.20 20.48
N GLY A 429 23.87 10.60 21.32
CA GLY A 429 24.78 9.58 20.90
C GLY A 429 24.37 8.19 21.36
N PHE A 430 25.35 7.29 21.38
CA PHE A 430 25.09 5.91 21.76
C PHE A 430 24.77 5.81 23.25
N HIS A 431 23.89 4.88 23.58
CA HIS A 431 23.62 4.55 24.98
C HIS A 431 24.74 3.69 25.54
N ARG A 432 24.98 3.83 26.85
CA ARG A 432 26.09 3.13 27.47
C ARG A 432 25.85 1.64 27.59
N LEU A 433 24.61 1.17 27.44
CA LEU A 433 24.29 -0.24 27.52
C LEU A 433 24.08 -0.87 26.15
N ASP A 434 24.47 -0.17 25.08
CA ASP A 434 24.26 -0.69 23.74
C ASP A 434 25.27 -1.79 23.44
N PRO A 435 24.84 -3.01 23.13
CA PRO A 435 25.80 -4.06 22.77
C PRO A 435 26.61 -3.76 21.53
N ASN A 436 26.09 -2.93 20.63
CA ASN A 436 26.75 -2.62 19.36
C ASN A 436 27.31 -1.21 19.43
N LYS A 437 28.63 -1.11 19.31
CA LYS A 437 29.35 0.15 19.21
C LYS A 437 30.56 -0.06 18.30
N PRO A 438 30.80 0.83 17.35
CA PRO A 438 31.95 0.66 16.45
C PRO A 438 33.29 0.82 17.17
N ALA A 439 34.38 0.67 16.43
CA ALA A 439 35.71 0.69 17.04
C ALA A 439 36.03 2.05 17.64
N ASN A 440 35.62 3.13 16.98
CA ASN A 440 35.99 4.48 17.38
C ASN A 440 35.07 5.05 18.45
N ALA A 441 34.40 4.20 19.21
CA ALA A 441 33.50 4.69 20.26
C ALA A 441 34.26 5.49 21.32
N ASN A 442 35.45 5.02 21.70
CA ASN A 442 36.27 5.70 22.70
C ASN A 442 37.24 6.70 22.08
N THR A 443 37.19 6.89 20.76
CA THR A 443 38.03 7.87 20.08
C THR A 443 37.25 9.08 19.60
N VAL A 444 36.10 8.87 18.96
CA VAL A 444 35.27 9.94 18.45
C VAL A 444 33.84 9.68 18.89
N THR A 445 33.03 10.74 18.87
CA THR A 445 31.65 10.68 19.31
C THR A 445 30.72 10.51 18.11
N TYR A 446 29.82 9.54 18.19
CA TYR A 446 28.84 9.25 17.15
C TYR A 446 27.46 9.65 17.61
N ARG A 447 26.67 10.24 16.71
CA ARG A 447 25.29 10.61 17.00
C ARG A 447 24.35 9.53 16.47
N LYS A 448 23.48 9.03 17.33
CA LYS A 448 22.58 7.94 17.00
C LYS A 448 21.11 8.33 16.98
N TYR A 449 20.69 9.26 17.84
CA TYR A 449 19.29 9.64 17.95
C TYR A 449 19.11 11.11 17.59
N GLN A 450 17.87 11.48 17.31
CA GLN A 450 17.48 12.87 17.05
C GLN A 450 16.16 13.10 17.78
N LEU A 451 16.25 13.55 19.03
CA LEU A 451 15.08 13.70 19.88
C LEU A 451 14.33 14.99 19.54
N MET A 452 13.02 14.87 19.36
CA MET A 452 12.18 16.01 19.01
C MET A 452 10.88 15.95 19.81
N MET A 453 10.26 17.11 20.00
CA MET A 453 9.00 17.23 20.73
C MET A 453 8.00 18.03 19.90
N THR A 454 6.73 17.65 20.01
CA THR A 454 5.67 18.32 19.28
C THR A 454 4.38 18.18 20.07
N ALA A 455 3.54 19.21 20.01
CA ALA A 455 2.24 19.18 20.66
C ALA A 455 1.30 18.25 19.90
N GLY A 456 0.22 17.85 20.56
CA GLY A 456 -0.70 16.91 19.97
C GLY A 456 -0.19 15.48 20.08
N VAL A 457 -0.84 14.58 19.36
CA VAL A 457 -0.47 13.17 19.35
C VAL A 457 -0.33 12.71 17.90
N GLY A 458 0.89 12.33 17.52
CA GLY A 458 1.09 11.75 16.19
C GLY A 458 1.21 10.24 16.21
N ILE A 459 0.09 9.56 15.94
CA ILE A 459 0.00 8.10 15.93
C ILE A 459 -1.13 7.72 15.00
N PRO A 460 -1.04 6.62 14.26
CA PRO A 460 -2.21 6.14 13.50
C PRO A 460 -3.40 5.90 14.41
N ALA A 461 -4.59 6.21 13.89
CA ALA A 461 -5.79 6.29 14.73
C ALA A 461 -6.14 4.97 15.39
N GLU A 462 -5.64 3.85 14.88
CA GLU A 462 -5.95 2.56 15.49
C GLU A 462 -5.44 2.47 16.92
N GLN A 463 -4.18 2.86 17.14
CA GLN A 463 -3.63 2.84 18.48
C GLN A 463 -4.24 3.94 19.35
N GLN A 464 -4.66 5.05 18.74
CA GLN A 464 -5.37 6.08 19.49
C GLN A 464 -6.67 5.53 20.04
N TYR A 465 -7.42 4.77 19.22
CA TYR A 465 -8.63 4.14 19.72
C TYR A 465 -8.32 3.08 20.77
N LEU A 466 -7.30 2.26 20.54
CA LEU A 466 -6.98 1.19 21.47
C LEU A 466 -6.59 1.72 22.84
N SER A 467 -5.77 2.77 22.87
CA SER A 467 -5.27 3.31 24.13
C SER A 467 -6.16 4.40 24.72
N GLY A 468 -7.06 4.97 23.92
CA GLY A 468 -7.95 6.00 24.44
C GLY A 468 -7.32 7.36 24.56
N LEU A 469 -6.17 7.60 23.93
CA LEU A 469 -5.49 8.89 24.00
C LEU A 469 -5.90 9.75 22.80
N SER A 470 -7.13 10.26 22.89
CA SER A 470 -7.69 11.04 21.80
C SER A 470 -6.96 12.38 21.67
N PRO A 471 -6.80 12.87 20.44
CA PRO A 471 -6.19 14.20 20.25
C PRO A 471 -7.04 15.34 20.78
N SER A 472 -8.32 15.11 21.07
CA SER A 472 -9.17 16.17 21.58
C SER A 472 -8.68 16.67 22.93
N SER A 473 -8.11 15.78 23.75
CA SER A 473 -7.57 16.19 25.03
C SER A 473 -6.40 17.15 24.83
N ASN A 474 -6.29 18.14 25.71
CA ASN A 474 -5.30 19.19 25.61
C ASN A 474 -4.25 19.12 26.71
N ASN A 475 -3.84 17.90 27.10
CA ASN A 475 -2.84 17.72 28.15
C ASN A 475 -1.82 16.64 27.80
N LEU A 476 -1.60 16.42 26.50
CA LEU A 476 -0.68 15.40 26.03
C LEU A 476 0.24 15.97 24.96
N PHE A 477 1.48 15.48 24.94
CA PHE A 477 2.45 15.85 23.92
C PHE A 477 3.36 14.67 23.65
N THR A 478 4.05 14.71 22.52
CA THR A 478 4.82 13.59 22.02
C THR A 478 6.31 13.87 22.06
N LEU A 479 7.09 12.84 22.39
CA LEU A 479 8.54 12.86 22.30
C LEU A 479 8.96 11.76 21.34
N ILE A 480 9.71 12.13 20.30
CA ILE A 480 10.09 11.21 19.24
C ILE A 480 11.59 10.97 19.34
N ALA A 481 11.98 9.70 19.47
CA ALA A 481 13.39 9.31 19.52
C ALA A 481 13.77 8.75 18.14
N ASP A 482 14.16 9.65 17.25
CA ASP A 482 14.52 9.26 15.89
C ASP A 482 15.76 8.37 15.91
N ASP A 483 15.94 7.61 14.84
CA ASP A 483 17.06 6.69 14.68
C ASP A 483 17.75 6.99 13.36
N ILE A 484 18.91 7.64 13.43
CA ILE A 484 19.67 8.01 12.25
C ILE A 484 20.77 7.00 11.93
N ARG A 485 20.81 5.88 12.66
CA ARG A 485 21.79 4.83 12.43
C ARG A 485 21.08 3.49 12.25
N PHE A 486 20.05 3.47 11.40
CA PHE A 486 19.21 2.29 11.24
C PHE A 486 20.01 1.17 10.57
N ALA A 487 19.98 -0.02 11.17
CA ALA A 487 20.81 -1.13 10.74
C ALA A 487 20.30 -1.86 9.50
N PRO A 488 19.05 -2.34 9.47
CA PRO A 488 18.65 -3.22 8.36
C PRO A 488 18.62 -2.50 7.02
N GLU A 489 18.79 -3.30 5.96
CA GLU A 489 18.79 -2.78 4.60
C GLU A 489 18.23 -3.84 3.66
N GLY A 490 17.81 -3.38 2.48
CA GLY A 490 17.20 -4.24 1.49
C GLY A 490 17.72 -4.03 0.09
N TYR A 491 16.87 -4.23 -0.92
CA TYR A 491 17.29 -4.10 -2.31
C TYR A 491 16.08 -3.79 -3.18
N ILE A 492 16.36 -3.42 -4.43
CA ILE A 492 15.34 -3.01 -5.40
C ILE A 492 15.51 -3.83 -6.66
N LYS A 493 14.40 -4.36 -7.18
CA LYS A 493 14.40 -5.09 -8.44
C LYS A 493 13.18 -4.68 -9.26
N ILE A 494 13.35 -4.61 -10.57
CA ILE A 494 12.25 -4.28 -11.47
C ILE A 494 11.40 -5.52 -11.70
N GLY A 495 10.19 -5.34 -12.24
CA GLY A 495 9.30 -6.46 -12.44
C GLY A 495 8.94 -6.74 -13.89
N THR A 496 8.86 -5.70 -14.72
CA THR A 496 8.50 -5.86 -16.13
C THR A 496 9.31 -4.86 -16.94
N PRO A 497 9.99 -5.30 -18.00
CA PRO A 497 10.86 -4.42 -18.79
C PRO A 497 10.13 -3.71 -19.92
N ASN A 498 8.99 -3.10 -19.62
CA ASN A 498 8.20 -2.42 -20.63
C ASN A 498 8.15 -0.91 -20.40
N ILE A 499 7.70 -0.48 -19.23
CA ILE A 499 7.60 0.95 -18.91
C ILE A 499 8.05 1.18 -17.49
N PRO A 500 8.54 2.38 -17.19
CA PRO A 500 8.86 2.72 -15.80
C PRO A 500 7.59 2.72 -14.95
N ARG A 501 7.50 1.73 -14.05
CA ARG A 501 6.30 1.49 -13.27
C ARG A 501 6.44 2.12 -11.89
N ASP A 502 5.30 2.54 -11.34
CA ASP A 502 5.31 3.22 -10.04
C ASP A 502 5.77 2.31 -8.92
N VAL A 503 5.43 1.03 -8.98
CA VAL A 503 5.71 0.08 -7.91
C VAL A 503 6.69 -0.96 -8.45
N PRO A 504 7.98 -0.85 -8.10
CA PRO A 504 8.91 -1.95 -8.37
C PRO A 504 8.94 -2.94 -7.21
N LYS A 505 9.79 -3.96 -7.30
CA LYS A 505 9.93 -4.93 -6.22
C LYS A 505 10.91 -4.38 -5.19
N ILE A 506 10.41 -4.01 -4.02
CA ILE A 506 11.21 -3.39 -2.96
C ILE A 506 11.08 -4.25 -1.71
N PHE A 507 12.21 -4.76 -1.23
CA PHE A 507 12.25 -5.61 -0.04
C PHE A 507 12.96 -4.86 1.08
N PHE A 508 12.32 -4.80 2.25
CA PHE A 508 12.88 -4.08 3.39
C PHE A 508 12.28 -4.66 4.66
N ASN A 509 13.02 -5.52 5.34
CA ASN A 509 12.60 -6.12 6.60
C ASN A 509 13.28 -5.39 7.75
N THR A 510 12.47 -4.87 8.67
CA THR A 510 12.97 -3.99 9.73
C THR A 510 13.26 -4.73 11.04
N PHE A 511 12.25 -5.34 11.65
CA PHE A 511 12.36 -5.89 13.00
C PHE A 511 12.19 -7.40 12.93
N VAL A 512 13.28 -8.09 12.65
CA VAL A 512 13.28 -9.55 12.51
C VAL A 512 13.67 -10.17 13.83
N THR A 513 12.98 -11.25 14.20
CA THR A 513 13.28 -11.97 15.42
C THR A 513 14.41 -12.98 15.17
N TYR A 514 14.77 -13.73 16.20
CA TYR A 514 15.87 -14.68 16.14
C TYR A 514 15.34 -16.11 16.27
N THR A 515 15.92 -17.01 15.49
CA THR A 515 15.52 -18.42 15.51
C THR A 515 16.57 -19.24 16.25
N PRO A 516 16.26 -19.77 17.43
CA PRO A 516 17.24 -20.57 18.16
C PRO A 516 17.58 -21.87 17.42
N THR A 517 18.80 -22.33 17.63
CA THR A 517 19.29 -23.55 17.01
C THR A 517 19.95 -24.42 18.09
N SER A 518 19.86 -25.74 17.89
CA SER A 518 20.39 -26.67 18.88
C SER A 518 21.92 -26.71 18.83
N ALA A 519 22.56 -25.75 19.50
CA ALA A 519 24.00 -25.66 19.56
C ALA A 519 24.38 -24.83 20.78
N PRO A 520 25.61 -24.95 21.27
CA PRO A 520 26.05 -24.07 22.36
C PRO A 520 25.95 -22.61 21.97
N ALA A 521 25.54 -21.78 22.93
CA ALA A 521 25.30 -20.37 22.65
C ALA A 521 26.56 -19.58 22.37
N ASP A 522 27.74 -20.16 22.66
CA ASP A 522 28.99 -19.43 22.48
C ASP A 522 29.20 -19.03 21.04
N GLN A 523 28.89 -19.91 20.10
CA GLN A 523 28.98 -19.60 18.67
C GLN A 523 27.68 -19.06 18.11
N GLN A 524 26.66 -18.87 18.94
CA GLN A 524 25.38 -18.33 18.50
C GLN A 524 25.18 -16.86 18.86
N TRP A 525 25.80 -16.40 19.94
CA TRP A 525 25.55 -15.03 20.40
C TRP A 525 25.88 -13.95 19.37
N PRO A 526 27.01 -14.00 18.63
CA PRO A 526 27.25 -12.94 17.64
C PRO A 526 26.14 -12.81 16.60
N ILE A 527 25.58 -13.92 16.14
CA ILE A 527 24.50 -13.85 15.15
C ILE A 527 23.26 -13.19 15.75
N ALA A 528 22.90 -13.56 16.98
CA ALA A 528 21.76 -12.95 17.64
C ALA A 528 21.99 -11.46 17.86
N GLN A 529 23.20 -11.08 18.23
CA GLN A 529 23.52 -9.66 18.41
C GLN A 529 23.39 -8.91 17.09
N LYS A 530 23.86 -9.51 15.99
CA LYS A 530 23.74 -8.86 14.69
C LYS A 530 22.28 -8.69 14.28
N THR A 531 21.46 -9.71 14.53
CA THR A 531 20.08 -9.68 14.06
C THR A 531 19.19 -8.77 14.91
N LEU A 532 19.48 -8.64 16.20
CA LEU A 532 18.60 -7.96 17.15
C LEU A 532 19.04 -6.53 17.45
N ALA A 533 19.60 -5.82 16.48
CA ALA A 533 20.08 -4.47 16.71
C ALA A 533 18.96 -3.43 16.78
N PRO A 534 18.06 -3.35 15.79
CA PRO A 534 17.05 -2.27 15.84
C PRO A 534 16.14 -2.32 17.06
N LEU A 535 15.78 -3.51 17.52
CA LEU A 535 14.98 -3.61 18.74
C LEU A 535 15.72 -3.05 19.94
N ILE A 536 17.02 -3.37 20.04
CA ILE A 536 17.84 -2.87 21.14
C ILE A 536 17.90 -1.34 21.07
N SER A 537 18.12 -0.80 19.87
CA SER A 537 18.20 0.65 19.73
C SER A 537 16.89 1.32 20.11
N ALA A 538 15.76 0.75 19.69
CA ALA A 538 14.46 1.34 20.02
C ALA A 538 14.21 1.32 21.52
N LEU A 539 14.53 0.19 22.18
CA LEU A 539 14.31 0.12 23.63
C LEU A 539 15.24 1.08 24.37
N LEU A 540 16.48 1.23 23.90
CA LEU A 540 17.39 2.19 24.51
C LEU A 540 16.88 3.61 24.34
N GLY A 541 16.31 3.93 23.18
CA GLY A 541 15.70 5.24 22.99
C GLY A 541 14.52 5.46 23.93
N TYR A 542 13.71 4.42 24.14
CA TYR A 542 12.61 4.52 25.09
C TYR A 542 13.12 4.80 26.50
N ASP A 543 14.19 4.11 26.91
CA ASP A 543 14.77 4.37 28.23
C ASP A 543 15.34 5.78 28.33
N ILE A 544 15.96 6.25 27.24
CA ILE A 544 16.49 7.61 27.20
C ILE A 544 15.37 8.62 27.42
N ILE A 545 14.24 8.42 26.74
CA ILE A 545 13.10 9.32 26.90
C ILE A 545 12.56 9.23 28.33
N TYR A 546 12.53 8.02 28.89
CA TYR A 546 12.03 7.85 30.25
C TYR A 546 12.85 8.64 31.26
N GLN A 547 14.19 8.54 31.16
CA GLN A 547 15.02 9.26 32.12
C GLN A 547 15.05 10.77 31.84
N THR A 548 14.93 11.16 30.57
CA THR A 548 14.77 12.58 30.27
C THR A 548 13.50 13.12 30.91
N LEU A 549 12.44 12.34 30.91
CA LEU A 549 11.19 12.76 31.53
C LEU A 549 11.29 12.78 33.05
N ILE A 550 12.01 11.82 33.63
CA ILE A 550 12.15 11.82 35.09
C ILE A 550 12.99 13.02 35.55
N SER A 551 13.91 13.49 34.71
CA SER A 551 14.59 14.75 35.02
C SER A 551 13.70 15.96 34.73
N MET A 552 12.87 15.87 33.69
CA MET A 552 11.88 16.90 33.39
C MET A 552 11.01 17.19 34.60
N ASN A 553 10.60 16.15 35.32
CA ASN A 553 9.73 16.34 36.47
C ASN A 553 10.37 17.27 37.50
N GLN A 554 11.61 16.97 37.89
CA GLN A 554 12.29 17.79 38.87
C GLN A 554 12.55 19.19 38.34
N THR A 555 12.95 19.31 37.08
CA THR A 555 13.23 20.64 36.54
C THR A 555 11.98 21.51 36.52
N ALA A 556 10.85 20.93 36.09
CA ALA A 556 9.60 21.68 36.07
C ALA A 556 9.15 22.03 37.48
N ARG A 557 9.34 21.13 38.44
CA ARG A 557 9.00 21.45 39.82
C ARG A 557 9.83 22.61 40.34
N ASP A 558 11.12 22.64 40.00
CA ASP A 558 11.99 23.73 40.46
C ASP A 558 11.70 25.04 39.73
N SER A 559 11.19 24.96 38.49
CA SER A 559 10.96 26.14 37.68
C SER A 559 9.64 26.84 37.98
N GLY A 560 9.04 26.57 39.13
CA GLY A 560 7.79 27.21 39.50
C GLY A 560 6.54 26.59 38.93
N PHE A 561 6.66 25.44 38.26
CA PHE A 561 5.51 24.74 37.70
C PHE A 561 5.15 23.56 38.61
N GLN A 562 3.94 23.60 39.16
CA GLN A 562 3.48 22.55 40.08
C GLN A 562 2.65 21.50 39.33
N VAL A 563 3.30 20.83 38.39
CA VAL A 563 2.66 19.84 37.56
C VAL A 563 3.48 18.56 37.57
N SER A 564 2.79 17.43 37.69
CA SER A 564 3.41 16.11 37.56
C SER A 564 3.10 15.56 36.18
N LEU A 565 4.07 14.85 35.59
CA LEU A 565 3.95 14.41 34.22
C LEU A 565 4.67 13.09 34.03
N GLU A 566 4.09 12.23 33.20
CA GLU A 566 4.65 10.92 32.92
C GLU A 566 4.12 10.43 31.57
N MET A 567 4.80 9.42 31.02
CA MET A 567 4.36 8.83 29.77
C MET A 567 3.25 7.83 30.01
N VAL A 568 2.38 7.65 29.01
CA VAL A 568 1.22 6.78 29.14
C VAL A 568 1.20 5.75 28.02
N TYR A 569 1.33 6.20 26.78
CA TYR A 569 1.18 5.32 25.63
C TYR A 569 2.07 4.09 25.66
N PRO A 570 3.36 4.16 26.05
CA PRO A 570 4.15 2.93 26.12
C PRO A 570 3.88 2.12 27.37
N LEU A 571 2.77 2.39 28.06
CA LEU A 571 2.38 1.64 29.25
C LEU A 571 3.45 1.74 30.35
N ASN A 572 3.52 2.95 30.90
CA ASN A 572 4.56 3.40 31.84
C ASN A 572 5.05 2.33 32.80
N ASP A 573 4.16 1.47 33.30
CA ASP A 573 4.61 0.40 34.18
C ASP A 573 5.55 -0.55 33.44
N LEU A 574 5.26 -0.84 32.18
CA LEU A 574 6.15 -1.71 31.39
C LEU A 574 7.52 -1.09 31.23
N ILE A 575 7.58 0.21 30.93
CA ILE A 575 8.89 0.85 30.76
C ILE A 575 9.61 0.98 32.09
N TYR A 576 8.87 1.11 33.19
CA TYR A 576 9.50 1.10 34.51
C TYR A 576 10.14 -0.25 34.80
N LYS A 577 9.43 -1.34 34.47
CA LYS A 577 10.01 -2.67 34.59
C LYS A 577 11.22 -2.82 33.69
N LEU A 578 11.16 -2.24 32.48
CA LEU A 578 12.30 -2.29 31.56
C LEU A 578 13.52 -1.59 32.16
N HIS A 579 13.31 -0.42 32.75
CA HIS A 579 14.42 0.30 33.37
C HIS A 579 14.99 -0.48 34.55
N ASN A 580 14.12 -1.06 35.38
CA ASN A 580 14.60 -1.86 36.50
C ASN A 580 15.41 -3.06 36.02
N GLY A 581 14.94 -3.73 34.96
CA GLY A 581 15.69 -4.86 34.43
C GLY A 581 17.01 -4.45 33.82
N LEU A 582 17.03 -3.31 33.12
CA LEU A 582 18.29 -2.78 32.61
C LEU A 582 19.29 -2.56 33.74
N ALA A 583 18.85 -1.88 34.80
CA ALA A 583 19.73 -1.61 35.92
C ALA A 583 20.21 -2.90 36.58
N THR A 584 19.32 -3.89 36.68
CA THR A 584 19.69 -5.13 37.35
C THR A 584 20.67 -5.96 36.53
N TYR A 585 20.49 -6.00 35.22
CA TYR A 585 21.21 -6.96 34.39
C TYR A 585 22.39 -6.37 33.62
N GLY A 586 22.51 -5.05 33.53
CA GLY A 586 23.68 -4.48 32.87
C GLY A 586 23.78 -4.92 31.42
N ALA A 587 24.97 -5.39 31.04
CA ALA A 587 25.22 -5.81 29.67
C ALA A 587 24.52 -7.10 29.28
N ASN A 588 23.92 -7.80 30.25
CA ASN A 588 23.19 -9.03 29.98
C ASN A 588 21.69 -8.81 29.83
N TRP A 589 21.27 -7.55 29.66
CA TRP A 589 19.85 -7.26 29.53
C TRP A 589 19.26 -7.82 28.24
N TRP A 590 20.02 -7.78 27.15
CA TRP A 590 19.51 -8.19 25.84
C TRP A 590 19.59 -9.69 25.60
N HIS A 591 20.21 -10.45 26.50
CA HIS A 591 20.25 -11.90 26.36
C HIS A 591 18.88 -12.53 26.55
N TYR A 592 17.90 -11.80 27.08
CA TYR A 592 16.59 -12.33 27.42
C TYR A 592 15.61 -12.26 26.26
N PHE A 593 16.04 -11.81 25.08
CA PHE A 593 15.21 -11.93 23.89
C PHE A 593 14.97 -13.39 23.51
N VAL A 594 15.83 -14.30 23.96
CA VAL A 594 15.66 -15.72 23.73
C VAL A 594 15.66 -16.40 25.09
N PRO A 595 14.51 -16.51 25.75
CA PRO A 595 14.48 -17.09 27.11
C PRO A 595 14.95 -18.54 27.17
N THR A 596 14.85 -19.28 26.07
CA THR A 596 15.27 -20.68 26.09
C THR A 596 16.78 -20.83 26.31
N LEU A 597 17.57 -19.98 25.66
CA LEU A 597 19.02 -20.13 25.70
C LEU A 597 19.61 -19.75 27.06
N VAL A 598 18.96 -18.87 27.81
CA VAL A 598 19.49 -18.39 29.08
C VAL A 598 18.46 -18.62 30.18
N GLY A 599 17.65 -19.66 30.03
CA GLY A 599 16.58 -19.89 30.99
C GLY A 599 17.10 -20.11 32.40
N ASP A 600 16.38 -19.56 33.37
CA ASP A 600 16.73 -19.70 34.78
C ASP A 600 15.54 -20.02 35.68
N ASP A 601 14.31 -19.93 35.19
CA ASP A 601 13.09 -20.19 35.96
C ASP A 601 12.95 -19.24 37.15
N THR A 602 13.77 -18.20 37.22
CA THR A 602 13.64 -17.19 38.26
C THR A 602 12.42 -16.32 37.97
N PRO A 603 11.59 -16.03 38.98
CA PRO A 603 10.43 -15.16 38.75
C PRO A 603 10.82 -13.81 38.16
N ALA A 604 11.94 -13.24 38.62
CA ALA A 604 12.45 -12.01 38.01
C ALA A 604 12.81 -12.25 36.54
N GLY A 605 13.44 -13.39 36.25
CA GLY A 605 13.76 -13.70 34.87
C GLY A 605 12.53 -13.86 34.00
N ARG A 606 11.51 -14.56 34.51
CA ARG A 606 10.27 -14.71 33.76
C ARG A 606 9.61 -13.37 33.51
N GLU A 607 9.57 -12.51 34.54
CA GLU A 607 8.95 -11.19 34.37
C GLU A 607 9.72 -10.36 33.35
N PHE A 608 11.06 -10.39 33.42
CA PHE A 608 11.86 -9.62 32.47
C PHE A 608 11.66 -10.12 31.04
N ALA A 609 11.65 -11.44 30.85
CA ALA A 609 11.43 -11.97 29.51
C ALA A 609 10.05 -11.60 28.98
N ASP A 610 9.02 -11.70 29.83
CA ASP A 610 7.67 -11.35 29.41
C ASP A 610 7.55 -9.88 29.05
N THR A 611 8.13 -9.01 29.87
CA THR A 611 8.01 -7.58 29.61
C THR A 611 8.87 -7.14 28.43
N LEU A 612 9.94 -7.89 28.13
CA LEU A 612 10.73 -7.59 26.94
C LEU A 612 10.00 -8.04 25.68
N SER A 613 9.34 -9.20 25.75
CA SER A 613 8.55 -9.66 24.61
C SER A 613 7.37 -8.73 24.34
N LYS A 614 6.68 -8.29 25.41
CA LYS A 614 5.53 -7.43 25.25
C LYS A 614 5.90 -6.06 24.70
N LEU A 615 7.04 -5.51 25.15
CA LEU A 615 7.43 -4.17 24.75
C LEU A 615 7.79 -4.08 23.27
N SER A 616 8.08 -5.21 22.62
CA SER A 616 8.49 -5.18 21.22
C SER A 616 7.33 -4.88 20.27
N TYR A 617 6.09 -4.86 20.76
CA TYR A 617 4.94 -4.63 19.89
C TYR A 617 4.86 -3.17 19.44
N TYR A 618 5.07 -2.24 20.37
CA TYR A 618 4.92 -0.83 20.08
C TYR A 618 5.86 -0.32 18.98
N PRO A 619 7.15 -0.66 18.98
CA PRO A 619 7.98 -0.25 17.83
C PRO A 619 7.49 -0.78 16.50
N ARG A 620 6.87 -1.96 16.50
CA ARG A 620 6.32 -2.50 15.26
C ARG A 620 5.10 -1.71 14.81
N VAL A 621 4.19 -1.39 15.73
CA VAL A 621 2.94 -0.73 15.33
C VAL A 621 3.04 0.78 15.45
N GLY A 622 3.52 1.30 16.58
CA GLY A 622 3.50 2.72 16.83
C GLY A 622 4.71 3.48 16.33
N ALA A 623 4.89 3.54 15.02
CA ALA A 623 6.01 4.26 14.43
C ALA A 623 5.69 4.56 12.97
N HIS A 624 6.47 5.48 12.39
CA HIS A 624 6.31 5.86 11.00
C HIS A 624 7.66 5.76 10.30
N LEU A 625 7.68 5.12 9.14
CA LEU A 625 8.88 5.03 8.32
C LEU A 625 9.16 6.39 7.70
N ASP A 626 10.24 7.04 8.14
CA ASP A 626 10.65 8.29 7.52
C ASP A 626 11.11 8.03 6.10
N SER A 627 10.85 9.00 5.22
CA SER A 627 11.18 8.86 3.81
C SER A 627 12.56 9.46 3.51
N HIS A 628 13.57 8.92 4.20
CA HIS A 628 14.96 9.31 4.00
C HIS A 628 15.74 8.19 3.33
N GLN A 629 15.08 7.45 2.45
CA GLN A 629 15.70 6.30 1.79
C GLN A 629 16.79 6.76 0.82
N GLY A 630 17.82 5.92 0.69
CA GLY A 630 18.91 6.23 -0.20
C GLY A 630 20.03 5.22 -0.05
N CYS A 631 21.17 5.57 -0.67
CA CYS A 631 22.40 4.77 -0.58
C CYS A 631 22.24 3.39 -1.20
N SER A 632 21.33 3.26 -2.18
CA SER A 632 21.14 1.99 -2.87
C SER A 632 22.11 1.78 -4.02
N CYS A 633 22.84 2.82 -4.42
CA CYS A 633 23.83 2.76 -5.49
C CYS A 633 25.13 3.41 -5.02
N SER A 634 25.59 3.01 -3.84
CA SER A 634 26.64 3.70 -3.13
C SER A 634 27.96 3.69 -3.91
N ILE A 635 28.92 4.46 -3.40
CA ILE A 635 30.25 4.54 -3.99
C ILE A 635 31.07 3.35 -3.53
N GLY A 636 31.75 2.69 -4.48
CA GLY A 636 32.52 1.50 -4.23
C GLY A 636 31.83 0.22 -4.65
N ARG A 637 30.51 0.26 -4.83
CA ARG A 637 29.75 -0.87 -5.35
C ARG A 637 29.43 -0.68 -6.83
N THR A 638 28.77 0.44 -7.15
CA THR A 638 28.37 0.73 -8.52
C THR A 638 29.17 1.85 -9.17
N VAL A 639 29.69 2.80 -8.38
CA VAL A 639 30.41 3.95 -8.91
C VAL A 639 31.71 4.14 -8.14
N ASP A 640 32.65 4.82 -8.79
CA ASP A 640 33.96 5.10 -8.24
C ASP A 640 33.98 6.48 -7.60
N SER A 641 35.18 6.95 -7.24
CA SER A 641 35.32 8.26 -6.61
C SER A 641 34.90 9.40 -7.53
N ASN A 642 34.84 9.17 -8.84
CA ASN A 642 34.36 10.16 -9.79
C ASN A 642 32.86 10.08 -10.01
N LEU A 643 32.16 9.25 -9.25
CA LEU A 643 30.72 9.05 -9.39
C LEU A 643 30.36 8.59 -10.80
N LYS A 644 31.19 7.72 -11.37
CA LYS A 644 30.99 7.18 -12.71
C LYS A 644 30.64 5.71 -12.60
N VAL A 645 29.65 5.28 -13.39
CA VAL A 645 29.18 3.90 -13.33
C VAL A 645 30.27 2.97 -13.81
N ILE A 646 30.54 1.91 -13.04
CA ILE A 646 31.59 0.98 -13.36
C ILE A 646 31.26 0.24 -14.66
N GLY A 647 32.25 0.13 -15.54
CA GLY A 647 32.07 -0.55 -16.80
C GLY A 647 31.52 0.31 -17.92
N THR A 648 31.32 1.60 -17.68
CA THR A 648 30.80 2.52 -18.69
C THR A 648 31.84 3.61 -18.96
N GLN A 649 31.45 4.59 -19.77
CA GLN A 649 32.35 5.67 -20.15
C GLN A 649 31.86 7.03 -19.67
N ASN A 650 30.61 7.39 -19.97
CA ASN A 650 30.09 8.72 -19.66
C ASN A 650 28.71 8.61 -19.01
N VAL A 651 28.59 7.74 -18.02
CA VAL A 651 27.36 7.60 -17.24
C VAL A 651 27.68 7.89 -15.78
N ARG A 652 26.91 8.79 -15.17
CA ARG A 652 27.14 9.22 -13.80
C ARG A 652 25.82 9.24 -13.05
N VAL A 653 25.92 9.06 -11.73
CA VAL A 653 24.77 9.15 -10.83
C VAL A 653 25.04 10.26 -9.82
N ALA A 654 24.08 11.16 -9.63
CA ALA A 654 24.26 12.35 -8.82
C ALA A 654 23.06 12.58 -7.91
N ASP A 655 22.64 11.53 -7.20
CA ASP A 655 21.54 11.67 -6.26
C ASP A 655 21.91 11.13 -4.88
N LEU A 656 20.93 11.08 -3.98
CA LEU A 656 21.16 10.52 -2.65
C LEU A 656 21.42 9.02 -2.71
N SER A 657 20.95 8.33 -3.75
CA SER A 657 21.21 6.91 -3.88
C SER A 657 22.69 6.60 -4.04
N ALA A 658 23.48 7.56 -4.50
CA ALA A 658 24.92 7.37 -4.68
C ALA A 658 25.70 7.60 -3.38
N ALA A 659 25.03 8.00 -2.31
CA ALA A 659 25.72 8.22 -1.04
C ALA A 659 26.22 6.89 -0.47
N ALA A 660 27.42 6.91 0.11
CA ALA A 660 28.01 5.71 0.68
C ALA A 660 27.47 5.39 2.07
N PHE A 661 26.79 6.33 2.71
CA PHE A 661 26.21 6.12 4.04
C PHE A 661 25.23 7.25 4.35
N PRO A 662 24.10 6.95 4.99
CA PRO A 662 23.14 7.99 5.33
C PRO A 662 23.71 8.94 6.37
N PRO A 663 23.57 10.25 6.15
CA PRO A 663 24.04 11.21 7.15
C PRO A 663 23.25 11.12 8.44
N GLY A 664 23.89 11.56 9.52
CA GLY A 664 23.27 11.52 10.83
C GLY A 664 22.18 12.56 11.01
N GLY A 665 21.11 12.45 10.25
CA GLY A 665 20.02 13.40 10.34
C GLY A 665 19.25 13.45 9.03
N ASN A 666 18.47 14.52 8.89
CA ASN A 666 17.69 14.73 7.68
C ASN A 666 18.61 14.94 6.48
N THR A 667 18.14 14.49 5.31
CA THR A 667 19.01 14.24 4.17
C THR A 667 18.73 15.16 2.97
N TRP A 668 18.18 16.35 3.21
CA TRP A 668 17.95 17.28 2.10
C TRP A 668 19.27 17.84 1.57
N ALA A 669 20.14 18.31 2.47
CA ALA A 669 21.34 19.02 2.04
C ALA A 669 22.34 18.09 1.34
N THR A 670 22.33 16.80 1.68
CA THR A 670 23.31 15.88 1.14
C THR A 670 23.16 15.73 -0.36
N ALA A 671 21.92 15.68 -0.86
CA ALA A 671 21.71 15.55 -2.29
C ALA A 671 22.28 16.75 -3.05
N SER A 672 22.04 17.95 -2.55
CA SER A 672 22.59 19.14 -3.20
C SER A 672 24.10 19.18 -3.09
N MET A 673 24.65 18.71 -1.97
CA MET A 673 26.10 18.61 -1.84
C MET A 673 26.68 17.68 -2.89
N ILE A 674 26.04 16.53 -3.10
CA ILE A 674 26.52 15.58 -4.10
C ILE A 674 26.37 16.17 -5.50
N GLY A 675 25.31 16.92 -5.74
CA GLY A 675 25.16 17.59 -7.02
C GLY A 675 26.26 18.60 -7.30
N ALA A 676 26.61 19.39 -6.28
CA ALA A 676 27.71 20.35 -6.43
C ALA A 676 29.03 19.64 -6.66
N ARG A 677 29.25 18.53 -5.94
CA ARG A 677 30.45 17.73 -6.18
C ARG A 677 30.50 17.22 -7.61
N ALA A 678 29.35 16.77 -8.13
CA ALA A 678 29.28 16.31 -9.51
C ALA A 678 29.60 17.44 -10.48
N VAL A 679 29.10 18.65 -10.20
CA VAL A 679 29.41 19.79 -11.06
C VAL A 679 30.91 20.04 -11.08
N ASP A 680 31.55 20.04 -9.91
CA ASP A 680 32.98 20.25 -9.83
C ASP A 680 33.74 19.17 -10.58
N LEU A 681 33.32 17.92 -10.43
CA LEU A 681 34.01 16.80 -11.09
C LEU A 681 33.87 16.89 -12.60
N ILE A 682 32.68 17.27 -13.10
CA ILE A 682 32.47 17.35 -14.53
C ILE A 682 33.26 18.49 -15.13
N LEU A 683 33.23 19.67 -14.49
CA LEU A 683 33.90 20.83 -15.06
C LEU A 683 35.42 20.66 -15.04
N GLY A 684 35.97 20.23 -13.91
CA GLY A 684 37.40 20.09 -13.74
C GLY A 684 38.05 21.21 -12.96
N PHE A 685 37.38 22.34 -12.81
CA PHE A 685 37.87 23.44 -12.00
C PHE A 685 36.94 23.64 -10.81
N PRO A 686 37.46 23.78 -9.59
CA PRO A 686 36.58 23.94 -8.42
C PRO A 686 35.89 25.30 -8.41
N TYR A 687 34.97 25.50 -9.35
CA TYR A 687 34.27 26.78 -9.46
C TYR A 687 33.43 27.05 -8.21
N LEU A 688 32.63 26.06 -7.79
CA LEU A 688 31.79 26.25 -6.61
C LEU A 688 32.61 26.35 -5.33
N ARG A 689 33.83 25.83 -5.33
CA ARG A 689 34.72 26.01 -4.19
C ARG A 689 35.40 27.37 -4.21
N ASP A 690 35.39 28.06 -5.36
CA ASP A 690 35.99 29.37 -5.51
C ASP A 690 34.95 30.47 -5.69
N LEU A 691 33.67 30.15 -5.67
CA LEU A 691 32.63 31.16 -5.80
C LEU A 691 32.48 31.94 -4.50
N PRO A 692 32.51 33.27 -4.54
CA PRO A 692 32.33 34.06 -3.31
C PRO A 692 30.95 33.82 -2.70
N VAL A 693 30.91 33.92 -1.37
CA VAL A 693 29.67 33.65 -0.63
C VAL A 693 28.60 34.66 -1.00
N ASN A 694 28.98 35.86 -1.40
CA ASN A 694 28.04 36.94 -1.69
C ASN A 694 27.38 36.81 -3.05
N ASP A 695 27.44 35.65 -3.69
CA ASP A 695 26.78 35.41 -4.97
C ASP A 695 25.70 34.37 -4.74
N VAL A 696 24.45 34.80 -4.71
CA VAL A 696 23.31 33.92 -4.46
C VAL A 696 22.25 34.17 -5.52
N PRO A 697 21.66 33.13 -6.11
CA PRO A 697 20.57 33.35 -7.06
C PRO A 697 19.37 34.01 -6.39
N ILE A 698 18.66 34.82 -7.16
CA ILE A 698 17.53 35.60 -6.65
C ILE A 698 16.24 34.82 -6.90
N LEU A 699 15.40 34.75 -5.87
CA LEU A 699 14.14 34.02 -5.98
C LEU A 699 13.07 34.88 -6.64
N ASN A 700 12.18 34.23 -7.38
CA ASN A 700 11.07 34.89 -8.06
C ASN A 700 9.78 34.21 -7.62
N VAL A 701 8.97 34.92 -6.84
CA VAL A 701 7.73 34.35 -6.32
C VAL A 701 6.78 34.01 -7.46
N ASN A 702 6.64 34.91 -8.42
CA ASN A 702 5.77 34.67 -9.57
C ASN A 702 6.57 34.17 -10.77
N ASN B 54 3.09 0.00 -40.74
CA ASN B 54 3.78 -1.15 -41.31
C ASN B 54 2.89 -2.39 -41.25
N LEU B 55 1.97 -2.41 -40.29
CA LEU B 55 1.05 -3.52 -40.09
C LEU B 55 -0.38 -3.07 -40.34
N THR B 56 -1.31 -4.00 -40.19
CA THR B 56 -2.73 -3.72 -40.40
C THR B 56 -3.55 -4.77 -39.67
N GLY B 57 -4.84 -4.50 -39.54
CA GLY B 57 -5.73 -5.43 -38.87
C GLY B 57 -7.17 -4.98 -39.00
N ASP B 58 -8.06 -5.79 -38.44
CA ASP B 58 -9.50 -5.53 -38.49
C ASP B 58 -10.10 -5.37 -37.10
N ILE B 59 -9.83 -6.28 -36.19
CA ILE B 59 -10.39 -6.25 -34.84
C ILE B 59 -9.25 -6.43 -33.85
N VAL B 60 -9.16 -5.53 -32.88
CA VAL B 60 -8.14 -5.57 -31.84
C VAL B 60 -8.82 -5.57 -30.48
N ILE B 61 -8.37 -6.46 -29.59
CA ILE B 61 -8.93 -6.60 -28.25
C ILE B 61 -7.82 -6.30 -27.25
N ILE B 62 -8.15 -5.52 -26.22
CA ILE B 62 -7.19 -5.09 -25.22
C ILE B 62 -7.44 -5.91 -23.97
N GLY B 63 -6.50 -6.80 -23.65
CA GLY B 63 -6.58 -7.58 -22.43
C GLY B 63 -7.08 -9.00 -22.61
N ALA B 64 -6.16 -9.96 -22.61
CA ALA B 64 -6.52 -11.38 -22.72
C ALA B 64 -6.87 -11.95 -21.35
N GLY B 65 -7.92 -11.40 -20.77
CA GLY B 65 -8.39 -11.77 -19.46
C GLY B 65 -9.47 -12.83 -19.50
N ALA B 66 -10.34 -12.81 -18.49
CA ALA B 66 -11.41 -13.80 -18.38
C ALA B 66 -12.46 -13.63 -19.46
N ALA B 67 -12.46 -12.54 -20.22
CA ALA B 67 -13.44 -12.33 -21.27
C ALA B 67 -12.75 -12.08 -22.62
N GLY B 68 -11.57 -11.45 -22.58
CA GLY B 68 -10.88 -11.14 -23.82
C GLY B 68 -10.44 -12.38 -24.58
N SER B 69 -9.88 -13.37 -23.86
CA SER B 69 -9.43 -14.59 -24.52
C SER B 69 -10.61 -15.35 -25.13
N LEU B 70 -11.71 -15.47 -24.38
CA LEU B 70 -12.90 -16.13 -24.89
C LEU B 70 -13.43 -15.42 -26.12
N LEU B 71 -13.49 -14.08 -26.07
CA LEU B 71 -14.00 -13.32 -27.19
C LEU B 71 -13.11 -13.49 -28.41
N ALA B 72 -11.79 -13.44 -28.23
CA ALA B 72 -10.88 -13.61 -29.36
C ALA B 72 -11.03 -14.99 -29.98
N HIS B 73 -11.10 -16.03 -29.14
CA HIS B 73 -11.23 -17.39 -29.65
C HIS B 73 -12.51 -17.56 -30.44
N TYR B 74 -13.62 -17.05 -29.92
CA TYR B 74 -14.90 -17.26 -30.59
C TYR B 74 -15.08 -16.37 -31.82
N LEU B 75 -14.50 -15.16 -31.82
CA LEU B 75 -14.45 -14.38 -33.05
C LEU B 75 -13.64 -15.08 -34.13
N ALA B 76 -12.50 -15.66 -33.74
CA ALA B 76 -11.72 -16.42 -34.72
C ALA B 76 -12.47 -17.65 -35.21
N ARG B 77 -13.31 -18.24 -34.34
CA ARG B 77 -14.03 -19.45 -34.70
C ARG B 77 -15.07 -19.20 -35.78
N PHE B 78 -15.83 -18.10 -35.67
CA PHE B 78 -17.01 -17.89 -36.49
C PHE B 78 -16.85 -16.81 -37.55
N SER B 79 -15.63 -16.37 -37.84
CA SER B 79 -15.43 -15.27 -38.77
C SER B 79 -14.22 -15.50 -39.64
N ASN B 80 -14.20 -14.83 -40.79
CA ASN B 80 -13.07 -14.83 -41.71
C ASN B 80 -12.20 -13.59 -41.59
N MET B 81 -12.69 -12.54 -40.93
CA MET B 81 -11.93 -11.31 -40.78
C MET B 81 -10.80 -11.49 -39.78
N LYS B 82 -9.95 -10.47 -39.69
CA LYS B 82 -8.77 -10.53 -38.83
C LYS B 82 -9.12 -10.13 -37.40
N ILE B 83 -8.54 -10.84 -36.44
CA ILE B 83 -8.68 -10.55 -35.02
C ILE B 83 -7.29 -10.51 -34.40
N ILE B 84 -7.00 -9.46 -33.65
CA ILE B 84 -5.70 -9.27 -33.00
C ILE B 84 -5.93 -9.11 -31.51
N LEU B 85 -5.14 -9.82 -30.70
CA LEU B 85 -5.23 -9.74 -29.26
C LEU B 85 -3.90 -9.24 -28.69
N LEU B 86 -3.97 -8.20 -27.87
CA LEU B 86 -2.81 -7.60 -27.24
C LEU B 86 -2.93 -7.75 -25.73
N GLU B 87 -1.89 -8.31 -25.10
CA GLU B 87 -1.90 -8.59 -23.68
C GLU B 87 -0.64 -8.03 -23.03
N ALA B 88 -0.80 -7.51 -21.81
CA ALA B 88 0.32 -6.90 -21.10
C ALA B 88 1.39 -7.92 -20.75
N GLY B 89 1.00 -9.11 -20.33
CA GLY B 89 1.92 -10.11 -19.83
C GLY B 89 2.27 -11.16 -20.85
N HIS B 90 2.54 -12.37 -20.36
CA HIS B 90 2.98 -13.48 -21.21
C HIS B 90 2.47 -14.79 -20.61
N SER B 91 2.52 -15.84 -21.42
CA SER B 91 2.02 -17.14 -21.01
C SER B 91 2.86 -17.72 -19.89
N HIS B 92 2.19 -18.34 -18.91
CA HIS B 92 2.85 -18.98 -17.79
C HIS B 92 2.51 -20.46 -17.73
N PHE B 93 2.55 -21.14 -18.88
CA PHE B 93 2.09 -22.53 -18.95
C PHE B 93 3.03 -23.49 -18.23
N ASN B 94 4.28 -23.09 -17.96
CA ASN B 94 5.29 -23.99 -17.40
C ASN B 94 5.81 -23.49 -16.06
N ASP B 95 4.90 -23.04 -15.19
CA ASP B 95 5.28 -22.57 -13.86
C ASP B 95 4.56 -23.40 -12.81
N PRO B 96 5.27 -24.07 -11.90
CA PRO B 96 4.58 -24.81 -10.82
C PRO B 96 3.78 -23.92 -9.90
N VAL B 97 4.06 -22.62 -9.85
CA VAL B 97 3.32 -21.73 -8.97
C VAL B 97 1.89 -21.54 -9.46
N VAL B 98 1.70 -21.43 -10.78
CA VAL B 98 0.39 -21.15 -11.34
C VAL B 98 -0.27 -22.42 -11.90
N THR B 99 0.49 -23.28 -12.60
CA THR B 99 -0.12 -24.47 -13.17
C THR B 99 -0.62 -25.42 -12.09
N ASP B 100 0.16 -25.63 -11.04
CA ASP B 100 -0.30 -26.45 -9.94
C ASP B 100 -1.29 -25.66 -9.10
N PRO B 101 -2.48 -26.20 -8.83
CA PRO B 101 -3.44 -25.46 -8.00
C PRO B 101 -2.91 -25.11 -6.61
N MET B 102 -2.11 -25.97 -6.01
CA MET B 102 -1.58 -25.70 -4.67
C MET B 102 -0.45 -24.68 -4.69
N GLY B 103 0.07 -24.32 -5.87
CA GLY B 103 1.06 -23.26 -5.94
C GLY B 103 0.53 -21.91 -5.53
N PHE B 104 -0.79 -21.72 -5.55
CA PHE B 104 -1.39 -20.49 -5.05
C PHE B 104 -1.14 -20.30 -3.56
N PHE B 105 -0.94 -21.40 -2.83
CA PHE B 105 -0.77 -21.34 -1.38
C PHE B 105 0.67 -21.07 -0.97
N GLY B 106 1.59 -20.90 -1.91
CA GLY B 106 2.97 -20.65 -1.57
C GLY B 106 3.77 -21.92 -1.36
N LYS B 107 3.80 -22.78 -2.37
CA LYS B 107 4.49 -24.06 -2.29
C LYS B 107 5.84 -24.05 -3.00
N TYR B 108 5.97 -23.29 -4.09
CA TYR B 108 7.19 -23.24 -4.88
C TYR B 108 7.81 -21.84 -4.81
N ASN B 109 7.82 -21.25 -3.62
CA ASN B 109 8.32 -19.90 -3.41
C ASN B 109 9.71 -19.94 -2.77
N PRO B 110 10.58 -19.02 -3.17
CA PRO B 110 11.90 -18.94 -2.54
C PRO B 110 11.77 -18.65 -1.06
N PRO B 111 12.68 -19.16 -0.24
CA PRO B 111 12.58 -18.92 1.21
C PRO B 111 12.73 -17.46 1.59
N ASN B 112 13.33 -16.62 0.75
CA ASN B 112 13.53 -15.21 1.07
C ASN B 112 12.57 -14.30 0.34
N GLU B 113 11.69 -14.82 -0.51
CA GLU B 113 10.71 -14.01 -1.23
C GLU B 113 9.35 -14.72 -1.24
N ASN B 114 8.95 -15.25 -0.09
CA ASN B 114 7.71 -16.00 0.02
C ASN B 114 6.55 -15.01 0.09
N ILE B 115 6.09 -14.57 -1.08
CA ILE B 115 4.95 -13.68 -1.19
C ILE B 115 3.99 -14.23 -2.24
N SER B 116 2.70 -13.98 -2.04
CA SER B 116 1.67 -14.54 -2.90
C SER B 116 1.79 -14.00 -4.32
N MET B 117 1.12 -14.69 -5.24
CA MET B 117 1.19 -14.31 -6.65
C MET B 117 0.57 -12.94 -6.88
N SER B 118 -0.45 -12.57 -6.11
CA SER B 118 -1.06 -11.26 -6.25
C SER B 118 -0.14 -10.13 -5.80
N GLN B 119 0.82 -10.42 -4.94
CA GLN B 119 1.73 -9.41 -4.40
C GLN B 119 3.03 -9.30 -5.18
N ASN B 120 3.19 -10.08 -6.26
CA ASN B 120 4.36 -9.95 -7.12
C ASN B 120 4.07 -8.95 -8.22
N PRO B 121 4.86 -7.88 -8.35
CA PRO B 121 4.70 -7.00 -9.51
C PRO B 121 4.95 -7.71 -10.83
N SER B 122 5.63 -8.85 -10.81
CA SER B 122 5.85 -9.62 -12.03
C SER B 122 4.60 -10.35 -12.49
N TYR B 123 3.64 -10.58 -11.58
CA TYR B 123 2.43 -11.32 -11.91
C TYR B 123 1.21 -10.42 -12.08
N SER B 124 1.06 -9.39 -11.25
CA SER B 124 -0.18 -8.61 -11.23
C SER B 124 0.12 -7.13 -11.09
N TRP B 125 -0.80 -6.31 -11.58
CA TRP B 125 -0.74 -4.87 -11.37
C TRP B 125 -1.00 -4.57 -9.89
N GLN B 126 -0.32 -3.55 -9.37
CA GLN B 126 -0.46 -3.15 -7.97
C GLN B 126 -1.35 -1.92 -7.91
N GLY B 127 -2.63 -2.14 -7.62
CA GLY B 127 -3.60 -1.07 -7.54
C GLY B 127 -3.79 -0.48 -6.16
N ALA B 128 -2.79 0.26 -5.67
CA ALA B 128 -2.93 0.92 -4.38
C ALA B 128 -3.98 2.02 -4.45
N GLN B 129 -4.73 2.18 -3.37
CA GLN B 129 -5.84 3.12 -3.31
C GLN B 129 -5.54 4.25 -2.31
N GLU B 130 -6.33 5.31 -2.42
CA GLU B 130 -6.23 6.42 -1.49
C GLU B 130 -6.73 6.00 -0.11
N PRO B 131 -6.33 6.72 0.94
CA PRO B 131 -6.70 6.30 2.30
C PRO B 131 -8.20 6.18 2.48
N ASN B 132 -8.61 5.15 3.21
CA ASN B 132 -10.02 4.88 3.49
C ASN B 132 -10.36 5.55 4.82
N THR B 133 -11.12 6.65 4.74
CA THR B 133 -11.50 7.38 5.94
C THR B 133 -12.36 6.54 6.87
N GLY B 134 -13.07 5.54 6.34
CA GLY B 134 -13.83 4.64 7.18
C GLY B 134 -13.05 3.48 7.75
N ALA B 135 -11.82 3.28 7.29
CA ALA B 135 -11.01 2.16 7.75
C ALA B 135 -9.70 2.63 8.37
N TYR B 136 -9.78 3.66 9.22
CA TYR B 136 -8.63 4.18 9.96
C TYR B 136 -7.50 4.65 9.07
N GLY B 137 -7.80 5.04 7.84
CA GLY B 137 -6.78 5.54 6.95
C GLY B 137 -5.91 4.50 6.28
N ASN B 138 -6.22 3.22 6.43
CA ASN B 138 -5.43 2.19 5.79
C ASN B 138 -5.59 2.25 4.27
N ARG B 139 -4.61 1.72 3.56
CA ARG B 139 -4.56 1.73 2.10
C ARG B 139 -4.39 0.30 1.59
N PRO B 140 -5.47 -0.46 1.53
CA PRO B 140 -5.39 -1.81 0.96
C PRO B 140 -5.01 -1.76 -0.53
N ILE B 141 -4.32 -2.80 -0.97
CA ILE B 141 -3.87 -2.91 -2.36
C ILE B 141 -4.59 -4.08 -3.01
N ILE B 142 -5.16 -3.85 -4.19
CA ILE B 142 -5.91 -4.84 -4.94
C ILE B 142 -5.22 -5.05 -6.28
N ALA B 143 -5.15 -6.28 -6.73
CA ALA B 143 -4.32 -6.66 -7.86
C ALA B 143 -5.14 -7.24 -9.01
N HIS B 144 -4.71 -6.93 -10.23
CA HIS B 144 -5.21 -7.56 -11.45
C HIS B 144 -4.05 -8.29 -12.11
N GLY B 145 -4.25 -9.56 -12.44
CA GLY B 145 -3.18 -10.37 -12.96
C GLY B 145 -2.71 -9.93 -14.33
N MET B 146 -1.55 -10.46 -14.73
CA MET B 146 -0.94 -10.16 -16.01
C MET B 146 -0.67 -11.45 -16.77
N GLY B 147 -0.76 -11.37 -18.09
CA GLY B 147 -0.50 -12.52 -18.94
C GLY B 147 -1.79 -13.13 -19.47
N PHE B 148 -1.60 -14.23 -20.19
CA PHE B 148 -2.75 -14.97 -20.74
C PHE B 148 -3.62 -15.50 -19.61
N GLY B 149 -4.92 -15.30 -19.73
CA GLY B 149 -5.87 -15.72 -18.72
C GLY B 149 -6.27 -14.62 -17.74
N GLY B 150 -5.53 -13.52 -17.70
CA GLY B 150 -5.88 -12.42 -16.82
C GLY B 150 -5.82 -12.81 -15.36
N SER B 151 -6.72 -12.24 -14.57
CA SER B 151 -6.74 -12.46 -13.13
C SER B 151 -7.13 -13.89 -12.76
N THR B 152 -7.63 -14.68 -13.72
CA THR B 152 -7.95 -16.07 -13.44
C THR B 152 -6.71 -16.91 -13.19
N MET B 153 -5.52 -16.38 -13.48
CA MET B 153 -4.28 -17.10 -13.18
C MET B 153 -4.08 -17.27 -11.68
N ILE B 154 -4.48 -16.28 -10.88
CA ILE B 154 -4.08 -16.19 -9.48
C ILE B 154 -5.26 -16.33 -8.53
N ASN B 155 -6.45 -16.66 -9.04
CA ASN B 155 -7.63 -16.70 -8.20
C ASN B 155 -7.69 -18.01 -7.40
N ARG B 156 -8.73 -18.16 -6.60
CA ARG B 156 -8.98 -19.38 -5.86
C ARG B 156 -9.71 -20.43 -6.70
N LEU B 157 -10.00 -20.13 -7.96
CA LEU B 157 -10.61 -21.05 -8.92
C LEU B 157 -12.05 -21.40 -8.59
N ASN B 158 -12.64 -20.75 -7.58
CA ASN B 158 -14.02 -20.99 -7.23
C ASN B 158 -14.94 -20.47 -8.33
N LEU B 159 -16.04 -21.19 -8.55
CA LEU B 159 -17.01 -20.84 -9.59
C LEU B 159 -18.41 -20.79 -9.00
N VAL B 160 -19.12 -19.70 -9.25
CA VAL B 160 -20.54 -19.56 -8.90
C VAL B 160 -21.22 -18.82 -10.04
N VAL B 161 -22.54 -18.66 -9.91
CA VAL B 161 -23.35 -17.97 -10.90
C VAL B 161 -23.91 -16.66 -10.36
N GLY B 162 -24.49 -16.69 -9.15
CA GLY B 162 -25.07 -15.51 -8.52
C GLY B 162 -26.55 -15.64 -8.25
N GLY B 163 -27.24 -16.45 -9.03
CA GLY B 163 -28.66 -16.68 -8.85
C GLY B 163 -29.48 -16.08 -9.97
N ARG B 164 -30.79 -16.25 -9.85
CA ARG B 164 -31.75 -15.74 -10.83
C ARG B 164 -32.37 -14.41 -10.43
N THR B 165 -32.54 -14.17 -9.11
CA THR B 165 -33.19 -12.95 -8.66
C THR B 165 -32.39 -11.71 -9.02
N VAL B 166 -31.06 -11.78 -8.86
CA VAL B 166 -30.23 -10.60 -9.07
C VAL B 166 -30.26 -10.16 -10.53
N PHE B 167 -30.30 -11.13 -11.45
CA PHE B 167 -30.26 -10.80 -12.87
C PHE B 167 -31.61 -10.40 -13.42
N ASP B 168 -32.68 -10.51 -12.63
CA ASP B 168 -34.02 -10.12 -13.06
C ASP B 168 -34.53 -8.85 -12.38
N ASN B 169 -34.16 -8.62 -11.13
CA ASN B 169 -34.63 -7.46 -10.39
C ASN B 169 -33.58 -6.37 -10.24
N ASP B 170 -32.39 -6.54 -10.82
CA ASP B 170 -31.34 -5.54 -10.65
C ASP B 170 -30.56 -5.28 -11.94
N TRP B 171 -31.03 -5.76 -13.08
CA TRP B 171 -30.37 -5.55 -14.36
C TRP B 171 -31.36 -5.01 -15.36
N PRO B 172 -30.89 -4.29 -16.39
CA PRO B 172 -31.82 -3.73 -17.38
C PRO B 172 -32.46 -4.79 -18.25
N VAL B 173 -33.43 -4.39 -19.08
CA VAL B 173 -34.06 -5.32 -20.00
C VAL B 173 -33.06 -5.76 -21.07
N GLY B 174 -33.23 -6.98 -21.55
CA GLY B 174 -32.25 -7.59 -22.42
C GLY B 174 -31.13 -8.30 -21.71
N TRP B 175 -31.08 -8.22 -20.38
CA TRP B 175 -30.08 -8.90 -19.57
C TRP B 175 -30.73 -9.63 -18.41
N LYS B 176 -31.96 -10.10 -18.60
CA LYS B 176 -32.61 -10.92 -17.59
C LYS B 176 -32.07 -12.34 -17.63
N TYR B 177 -32.39 -13.11 -16.59
CA TYR B 177 -31.80 -14.43 -16.43
C TYR B 177 -32.16 -15.36 -17.59
N ASP B 178 -33.36 -15.22 -18.14
CA ASP B 178 -33.79 -16.09 -19.22
C ASP B 178 -33.07 -15.80 -20.53
N ASP B 179 -32.24 -14.76 -20.59
CA ASP B 179 -31.44 -14.47 -21.77
C ASP B 179 -29.98 -14.81 -21.61
N VAL B 180 -29.51 -15.06 -20.39
CA VAL B 180 -28.11 -15.38 -20.12
C VAL B 180 -27.93 -16.73 -19.44
N LYS B 181 -29.02 -17.46 -19.19
CA LYS B 181 -28.89 -18.80 -18.63
C LYS B 181 -28.10 -19.71 -19.55
N ASN B 182 -28.33 -19.60 -20.86
CA ASN B 182 -27.59 -20.42 -21.82
C ASN B 182 -26.11 -20.10 -21.80
N TYR B 183 -25.76 -18.82 -21.67
CA TYR B 183 -24.35 -18.45 -21.59
C TYR B 183 -23.70 -18.93 -20.31
N PHE B 184 -24.43 -18.85 -19.19
CA PHE B 184 -23.93 -19.42 -17.95
C PHE B 184 -23.68 -20.92 -18.09
N ARG B 185 -24.62 -21.64 -18.70
CA ARG B 185 -24.44 -23.07 -18.90
C ARG B 185 -23.23 -23.34 -19.80
N ARG B 186 -23.09 -22.56 -20.87
CA ARG B 186 -21.97 -22.74 -21.79
C ARG B 186 -20.64 -22.58 -21.06
N VAL B 187 -20.50 -21.50 -20.30
CA VAL B 187 -19.24 -21.25 -19.60
C VAL B 187 -18.99 -22.35 -18.57
N LEU B 188 -20.02 -22.72 -17.81
CA LEU B 188 -19.86 -23.69 -16.74
C LEU B 188 -19.45 -25.06 -17.29
N VAL B 189 -20.05 -25.49 -18.39
CA VAL B 189 -19.68 -26.77 -18.98
C VAL B 189 -18.37 -26.67 -19.77
N ASP B 190 -17.95 -25.46 -20.16
CA ASP B 190 -16.66 -25.33 -20.80
C ASP B 190 -15.53 -25.47 -19.79
N ILE B 191 -15.69 -24.87 -18.60
CA ILE B 191 -14.68 -25.04 -17.56
C ILE B 191 -14.71 -26.46 -17.02
N ASN B 192 -15.90 -27.02 -16.81
CA ASN B 192 -16.11 -28.38 -16.31
C ASN B 192 -15.48 -28.54 -14.93
N PRO B 193 -16.05 -27.94 -13.89
CA PRO B 193 -15.47 -28.06 -12.54
C PRO B 193 -15.72 -29.44 -11.96
N VAL B 194 -15.08 -29.66 -10.80
CA VAL B 194 -15.25 -30.90 -10.03
C VAL B 194 -15.50 -30.52 -8.57
N ARG B 195 -16.01 -31.50 -7.82
CA ARG B 195 -16.36 -31.29 -6.43
C ARG B 195 -15.28 -31.86 -5.51
N ASP B 196 -15.55 -31.78 -4.20
CA ASP B 196 -14.61 -32.24 -3.19
C ASP B 196 -14.59 -33.77 -3.12
N ASN B 197 -13.47 -34.31 -2.65
CA ASN B 197 -13.29 -35.75 -2.53
C ASN B 197 -13.77 -36.28 -1.19
N THR B 198 -13.21 -35.76 -0.09
CA THR B 198 -13.47 -36.30 1.24
C THR B 198 -14.81 -35.81 1.75
N LYS B 199 -15.09 -36.05 3.04
CA LYS B 199 -16.32 -35.61 3.67
C LYS B 199 -16.04 -35.49 5.17
N ALA B 200 -15.84 -34.25 5.63
CA ALA B 200 -15.54 -34.02 7.04
C ALA B 200 -16.80 -34.18 7.88
N SER B 201 -16.60 -34.60 9.14
CA SER B 201 -17.72 -34.80 10.05
C SER B 201 -18.35 -33.48 10.47
N ILE B 202 -17.57 -32.41 10.54
CA ILE B 202 -18.10 -31.13 11.01
C ILE B 202 -19.12 -30.57 10.02
N THR B 203 -18.95 -30.86 8.72
CA THR B 203 -19.89 -30.36 7.72
C THR B 203 -21.28 -30.93 7.93
N SER B 204 -21.36 -32.23 8.25
CA SER B 204 -22.67 -32.84 8.50
C SER B 204 -23.35 -32.23 9.72
N VAL B 205 -22.60 -31.99 10.79
CA VAL B 205 -23.15 -31.37 11.98
C VAL B 205 -23.65 -29.96 11.66
N ALA B 206 -22.86 -29.21 10.90
CA ALA B 206 -23.28 -27.86 10.52
C ALA B 206 -24.54 -27.87 9.67
N LEU B 207 -24.63 -28.81 8.73
CA LEU B 207 -25.83 -28.90 7.89
C LEU B 207 -27.04 -29.28 8.72
N ASP B 208 -26.89 -30.19 9.68
CA ASP B 208 -27.99 -30.55 10.55
C ASP B 208 -28.44 -29.37 11.40
N ALA B 209 -27.49 -28.59 11.92
CA ALA B 209 -27.84 -27.40 12.68
C ALA B 209 -28.57 -26.38 11.81
N LEU B 210 -28.12 -26.23 10.56
CA LEU B 210 -28.79 -25.33 9.64
C LEU B 210 -30.22 -25.80 9.36
N ARG B 211 -30.42 -27.11 9.22
CA ARG B 211 -31.77 -27.64 9.04
C ARG B 211 -32.65 -27.35 10.25
N ILE B 212 -32.10 -27.52 11.46
CA ILE B 212 -32.85 -27.22 12.67
C ILE B 212 -33.26 -25.75 12.70
N ILE B 213 -32.31 -24.86 12.37
CA ILE B 213 -32.61 -23.43 12.36
C ILE B 213 -33.68 -23.12 11.32
N ALA B 214 -33.57 -23.73 10.14
CA ALA B 214 -34.55 -23.49 9.08
C ALA B 214 -35.94 -23.95 9.49
N GLU B 215 -36.05 -25.13 10.11
CA GLU B 215 -37.36 -25.62 10.52
C GLU B 215 -37.94 -24.75 11.63
N GLN B 216 -37.09 -24.27 12.56
CA GLN B 216 -37.57 -23.35 13.57
C GLN B 216 -38.10 -22.05 12.95
N GLN B 217 -37.37 -21.52 11.96
CA GLN B 217 -37.81 -20.28 11.33
C GLN B 217 -39.10 -20.49 10.53
N ILE B 218 -39.24 -21.64 9.88
CA ILE B 218 -40.49 -21.95 9.18
C ILE B 218 -41.65 -22.06 10.16
N ALA B 219 -41.41 -22.70 11.30
CA ALA B 219 -42.46 -22.83 12.31
C ALA B 219 -42.85 -21.45 12.86
N SER B 220 -41.88 -20.56 13.05
CA SER B 220 -42.19 -19.23 13.54
C SER B 220 -43.07 -18.46 12.55
N GLY B 221 -42.75 -18.56 11.26
CA GLY B 221 -43.58 -17.91 10.25
C GLY B 221 -43.32 -16.44 10.05
N GLU B 222 -42.07 -16.05 9.79
CA GLU B 222 -41.75 -14.65 9.58
C GLU B 222 -41.85 -14.28 8.10
N PRO B 223 -42.13 -13.01 7.80
CA PRO B 223 -42.24 -12.61 6.38
C PRO B 223 -40.98 -12.86 5.57
N VAL B 224 -39.80 -12.65 6.16
CA VAL B 224 -38.55 -12.89 5.45
C VAL B 224 -37.47 -13.22 6.48
N ASP B 225 -36.64 -14.21 6.15
CA ASP B 225 -35.54 -14.65 7.00
C ASP B 225 -34.36 -15.00 6.10
N PHE B 226 -33.18 -15.11 6.72
CA PHE B 226 -31.97 -15.44 5.97
C PHE B 226 -31.95 -16.88 5.51
N LEU B 227 -32.76 -17.74 6.11
CA LEU B 227 -32.74 -19.17 5.79
C LEU B 227 -34.10 -19.62 5.25
N LEU B 228 -34.68 -18.83 4.35
CA LEU B 228 -35.96 -19.14 3.74
C LEU B 228 -35.86 -19.00 2.23
N ASN B 229 -36.33 -20.01 1.51
CA ASN B 229 -36.42 -19.97 0.06
C ASN B 229 -37.88 -20.20 -0.33
N LYS B 230 -38.45 -19.24 -1.06
CA LYS B 230 -39.85 -19.32 -1.45
C LYS B 230 -40.07 -20.00 -2.80
N ALA B 231 -39.00 -20.37 -3.49
CA ALA B 231 -39.11 -21.07 -4.76
C ALA B 231 -39.19 -22.58 -4.59
N THR B 232 -39.12 -23.08 -3.36
CA THR B 232 -39.18 -24.52 -3.09
C THR B 232 -40.31 -24.92 -2.15
N GLY B 233 -40.97 -23.96 -1.50
CA GLY B 233 -42.08 -24.28 -0.62
C GLY B 233 -41.70 -24.36 0.84
N ASN B 234 -42.41 -25.21 1.59
CA ASN B 234 -42.17 -25.31 3.03
C ASN B 234 -40.90 -26.11 3.34
N VAL B 235 -40.50 -27.01 2.47
CA VAL B 235 -39.33 -27.85 2.75
C VAL B 235 -38.07 -27.00 2.74
N PRO B 236 -37.21 -27.09 3.75
CA PRO B 236 -35.95 -26.34 3.72
C PRO B 236 -35.03 -26.86 2.63
N ASN B 237 -34.19 -25.96 2.11
CA ASN B 237 -33.24 -26.31 1.05
C ASN B 237 -31.89 -26.68 1.67
N VAL B 238 -31.91 -27.74 2.48
CA VAL B 238 -30.74 -28.20 3.21
C VAL B 238 -30.43 -29.63 2.77
N GLU B 239 -29.18 -29.87 2.38
CA GLU B 239 -28.76 -31.23 2.00
C GLU B 239 -28.86 -32.17 3.19
N LYS B 240 -29.23 -33.41 2.91
CA LYS B 240 -29.46 -34.40 3.96
C LYS B 240 -28.16 -35.08 4.37
N THR B 241 -28.17 -35.62 5.58
CA THR B 241 -26.99 -36.24 6.18
C THR B 241 -26.81 -37.70 5.81
N THR B 242 -27.78 -38.31 5.11
CA THR B 242 -27.64 -39.69 4.71
C THR B 242 -26.48 -39.85 3.72
N PRO B 243 -25.77 -40.97 3.78
CA PRO B 243 -24.60 -41.14 2.89
C PRO B 243 -24.95 -41.11 1.41
N ASP B 244 -26.20 -41.40 1.05
CA ASP B 244 -26.63 -41.42 -0.35
C ASP B 244 -27.31 -40.13 -0.76
N ALA B 245 -27.24 -39.08 0.06
CA ALA B 245 -27.90 -37.82 -0.26
C ALA B 245 -27.33 -37.23 -1.54
N VAL B 246 -28.23 -36.81 -2.44
CA VAL B 246 -27.83 -36.19 -3.70
C VAL B 246 -27.30 -34.80 -3.42
N PRO B 247 -26.31 -34.33 -4.18
CA PRO B 247 -25.78 -32.98 -3.94
C PRO B 247 -26.75 -31.90 -4.36
N LEU B 248 -26.77 -30.81 -3.60
CA LEU B 248 -27.60 -29.64 -3.91
C LEU B 248 -26.77 -28.70 -4.77
N ASN B 249 -26.87 -28.86 -6.10
CA ASN B 249 -26.14 -28.01 -7.01
C ASN B 249 -26.68 -26.59 -6.95
N LEU B 250 -25.81 -25.65 -6.58
CA LEU B 250 -26.21 -24.24 -6.44
C LEU B 250 -26.06 -23.45 -7.73
N ASN B 251 -25.61 -24.09 -8.81
CA ASN B 251 -25.52 -23.45 -10.12
C ASN B 251 -26.45 -24.15 -11.11
N ASP B 252 -27.63 -24.55 -10.63
CA ASP B 252 -28.58 -25.27 -11.45
C ASP B 252 -29.13 -24.40 -12.58
N TYR B 253 -29.53 -25.05 -13.67
CA TYR B 253 -29.96 -24.33 -14.86
C TYR B 253 -31.21 -23.50 -14.60
N GLU B 254 -32.19 -24.08 -13.89
CA GLU B 254 -33.44 -23.36 -13.65
C GLU B 254 -33.23 -22.16 -12.75
N GLY B 255 -32.40 -22.31 -11.71
CA GLY B 255 -32.25 -21.26 -10.72
C GLY B 255 -33.12 -21.42 -9.50
N VAL B 256 -33.50 -22.66 -9.15
CA VAL B 256 -34.37 -22.88 -8.00
C VAL B 256 -33.65 -22.48 -6.70
N ASN B 257 -32.35 -22.73 -6.63
CA ASN B 257 -31.60 -22.55 -5.39
C ASN B 257 -31.03 -21.14 -5.34
N SER B 258 -31.47 -20.36 -4.36
CA SER B 258 -30.88 -19.07 -4.08
C SER B 258 -30.49 -18.99 -2.60
N VAL B 259 -31.24 -19.69 -1.76
CA VAL B 259 -30.91 -19.85 -0.35
C VAL B 259 -30.83 -21.36 -0.11
N VAL B 260 -29.64 -21.92 -0.26
CA VAL B 260 -29.43 -23.36 -0.25
C VAL B 260 -28.26 -23.70 0.65
N ALA B 261 -28.42 -24.77 1.44
CA ALA B 261 -27.35 -25.28 2.29
C ALA B 261 -26.73 -26.49 1.61
N PHE B 262 -25.47 -26.35 1.21
CA PHE B 262 -24.77 -27.40 0.47
C PHE B 262 -23.48 -27.78 1.16
N SER B 263 -22.65 -28.60 0.50
CA SER B 263 -21.46 -29.14 1.14
C SER B 263 -20.17 -29.00 0.32
N SER B 264 -20.25 -28.51 -0.92
CA SER B 264 -19.03 -28.39 -1.72
C SER B 264 -19.26 -27.37 -2.83
N PHE B 265 -18.22 -26.60 -3.12
CA PHE B 265 -18.24 -25.65 -4.22
C PHE B 265 -17.76 -26.35 -5.50
N TYR B 266 -17.51 -25.57 -6.55
CA TYR B 266 -17.05 -26.10 -7.83
C TYR B 266 -15.82 -25.32 -8.25
N MET B 267 -14.69 -26.02 -8.37
CA MET B 267 -13.42 -25.39 -8.68
C MET B 267 -12.94 -25.78 -10.08
N GLY B 268 -12.24 -24.86 -10.73
CA GLY B 268 -11.73 -25.10 -12.07
C GLY B 268 -10.48 -25.95 -12.08
N VAL B 269 -10.53 -27.08 -11.39
CA VAL B 269 -9.39 -27.99 -11.25
C VAL B 269 -9.74 -29.32 -11.91
N ASN B 270 -8.75 -29.89 -12.61
CA ASN B 270 -8.91 -31.16 -13.29
C ASN B 270 -7.84 -32.12 -12.83
N GLN B 271 -8.17 -33.42 -12.86
CA GLN B 271 -7.23 -34.47 -12.51
C GLN B 271 -6.62 -35.05 -13.78
N LEU B 272 -5.30 -35.20 -13.78
CA LEU B 272 -4.59 -35.73 -14.92
C LEU B 272 -4.52 -37.26 -14.85
N SER B 273 -4.05 -37.86 -15.94
CA SER B 273 -3.93 -39.32 -15.99
C SER B 273 -2.91 -39.84 -14.98
N ASP B 274 -1.86 -39.07 -14.72
CA ASP B 274 -0.84 -39.50 -13.77
C ASP B 274 -1.41 -39.64 -12.36
N GLY B 275 -2.23 -38.68 -11.94
CA GLY B 275 -2.80 -38.71 -10.61
C GLY B 275 -2.71 -37.38 -9.89
N ASN B 276 -2.08 -36.39 -10.54
CA ASN B 276 -1.92 -35.07 -9.98
C ASN B 276 -2.85 -34.09 -10.68
N TYR B 277 -3.28 -33.07 -9.93
CA TYR B 277 -4.26 -32.11 -10.41
C TYR B 277 -3.59 -30.97 -11.16
N ILE B 278 -4.39 -30.30 -12.01
CA ILE B 278 -3.93 -29.16 -12.79
C ILE B 278 -4.95 -28.04 -12.62
N ARG B 279 -4.51 -26.81 -12.91
CA ARG B 279 -5.37 -25.64 -12.84
C ARG B 279 -5.85 -25.28 -14.24
N LYS B 280 -7.17 -25.14 -14.40
CA LYS B 280 -7.77 -24.78 -15.67
C LYS B 280 -8.34 -23.37 -15.56
N TYR B 281 -7.87 -22.49 -16.44
CA TYR B 281 -8.37 -21.11 -16.48
C TYR B 281 -8.60 -20.69 -17.92
N ALA B 282 -8.84 -19.39 -18.16
CA ALA B 282 -9.14 -18.94 -19.52
C ALA B 282 -7.95 -19.16 -20.45
N GLY B 283 -6.74 -18.85 -19.98
CA GLY B 283 -5.58 -18.96 -20.84
C GLY B 283 -5.28 -20.37 -21.29
N ASN B 284 -5.36 -21.33 -20.36
CA ASN B 284 -5.08 -22.72 -20.70
C ASN B 284 -6.31 -23.47 -21.19
N THR B 285 -7.43 -22.78 -21.39
CA THR B 285 -8.61 -23.34 -22.01
C THR B 285 -8.79 -22.87 -23.45
N TYR B 286 -8.60 -21.57 -23.71
CA TYR B 286 -8.82 -21.02 -25.04
C TYR B 286 -7.56 -20.62 -25.77
N LEU B 287 -6.42 -20.50 -25.07
CA LEU B 287 -5.18 -20.05 -25.71
C LEU B 287 -4.07 -21.09 -25.58
N ASN B 288 -4.39 -22.35 -25.84
CA ASN B 288 -3.40 -23.41 -25.80
C ASN B 288 -2.66 -23.52 -27.14
N ARG B 289 -1.61 -24.35 -27.14
CA ARG B 289 -0.85 -24.57 -28.36
C ARG B 289 -1.66 -25.25 -29.44
N ASN B 290 -2.77 -25.90 -29.07
CA ASN B 290 -3.64 -26.53 -30.06
C ASN B 290 -4.34 -25.50 -30.95
N TYR B 291 -4.35 -24.23 -30.55
CA TYR B 291 -5.02 -23.18 -31.31
C TYR B 291 -4.07 -22.10 -31.78
N VAL B 292 -3.21 -21.59 -30.89
CA VAL B 292 -2.21 -20.58 -31.24
C VAL B 292 -0.84 -21.16 -30.93
N ASP B 293 0.07 -21.06 -31.89
CA ASP B 293 1.38 -21.70 -31.77
C ASP B 293 2.29 -20.87 -30.86
N GLU B 294 3.57 -21.27 -30.79
CA GLU B 294 4.52 -20.56 -29.94
C GLU B 294 4.84 -19.18 -30.50
N ASN B 295 4.79 -19.01 -31.82
CA ASN B 295 5.08 -17.71 -32.42
C ASN B 295 4.05 -16.68 -31.99
N GLY B 296 2.78 -17.07 -31.91
CA GLY B 296 1.72 -16.15 -31.54
C GLY B 296 0.72 -15.94 -32.65
N ARG B 297 0.52 -16.97 -33.48
CA ARG B 297 -0.42 -16.91 -34.58
C ARG B 297 -1.27 -18.18 -34.58
N GLY B 298 -2.46 -18.08 -35.15
CA GLY B 298 -3.34 -19.22 -35.22
C GLY B 298 -2.83 -20.27 -36.19
N ILE B 299 -3.24 -21.51 -35.97
CA ILE B 299 -2.81 -22.66 -36.76
C ILE B 299 -4.03 -23.28 -37.42
N GLY B 300 -3.94 -23.50 -38.73
CA GLY B 300 -4.99 -24.18 -39.46
C GLY B 300 -6.31 -23.45 -39.48
N LYS B 301 -7.28 -23.96 -38.73
CA LYS B 301 -8.63 -23.39 -38.74
C LYS B 301 -8.65 -21.97 -38.21
N PHE B 302 -7.74 -21.63 -37.29
CA PHE B 302 -7.68 -20.30 -36.70
C PHE B 302 -6.61 -19.43 -37.32
N SER B 303 -6.34 -19.60 -38.62
CA SER B 303 -5.21 -18.93 -39.25
C SER B 303 -5.34 -17.41 -39.24
N GLY B 304 -6.53 -16.87 -39.02
CA GLY B 304 -6.74 -15.45 -39.03
C GLY B 304 -6.51 -14.74 -37.70
N LEU B 305 -6.06 -15.45 -36.68
CA LEU B 305 -5.88 -14.88 -35.35
C LEU B 305 -4.39 -14.72 -35.04
N ARG B 306 -4.01 -13.53 -34.58
CA ARG B 306 -2.64 -13.25 -34.15
C ARG B 306 -2.68 -12.59 -32.79
N VAL B 307 -1.79 -13.03 -31.89
CA VAL B 307 -1.73 -12.51 -30.53
C VAL B 307 -0.29 -12.06 -30.26
N VAL B 308 -0.13 -10.85 -29.73
CA VAL B 308 1.18 -10.31 -29.35
C VAL B 308 1.20 -10.15 -27.84
N SER B 309 2.21 -10.73 -27.21
CA SER B 309 2.35 -10.68 -25.76
C SER B 309 3.36 -9.61 -25.36
N ASP B 310 3.38 -9.30 -24.06
CA ASP B 310 4.24 -8.25 -23.50
C ASP B 310 4.00 -6.93 -24.22
N ALA B 311 2.74 -6.60 -24.44
CA ALA B 311 2.34 -5.39 -25.13
C ALA B 311 1.36 -4.62 -24.25
N VAL B 312 1.71 -3.38 -23.91
CA VAL B 312 0.85 -2.49 -23.13
C VAL B 312 0.47 -1.30 -23.99
N VAL B 313 -0.83 -1.03 -24.07
CA VAL B 313 -1.33 0.09 -24.86
C VAL B 313 -1.55 1.28 -23.94
N ASP B 314 -1.50 2.47 -24.52
CA ASP B 314 -1.65 3.69 -23.74
C ASP B 314 -2.71 4.62 -24.31
N ARG B 315 -2.84 4.66 -25.64
CA ARG B 315 -3.72 5.62 -26.28
C ARG B 315 -4.36 5.00 -27.51
N ILE B 316 -5.52 5.55 -27.89
CA ILE B 316 -6.26 5.13 -29.08
C ILE B 316 -6.34 6.32 -30.02
N ILE B 317 -5.83 6.15 -31.24
CA ILE B 317 -5.95 7.20 -32.24
C ILE B 317 -7.42 7.33 -32.65
N PHE B 318 -7.82 8.56 -32.99
CA PHE B 318 -9.21 8.87 -33.29
C PHE B 318 -9.29 9.64 -34.60
N LYS B 319 -10.53 9.76 -35.11
CA LYS B 319 -10.84 10.61 -36.25
C LYS B 319 -12.01 11.53 -35.95
N GLY B 320 -12.32 11.72 -34.67
CA GLY B 320 -13.42 12.55 -34.25
C GLY B 320 -14.50 11.74 -33.56
N ASN B 321 -14.86 10.61 -34.15
CA ASN B 321 -15.69 9.63 -33.48
C ASN B 321 -15.29 8.19 -33.79
N ARG B 322 -14.30 7.95 -34.63
CA ARG B 322 -13.94 6.61 -35.07
C ARG B 322 -12.48 6.34 -34.75
N ALA B 323 -12.21 5.24 -34.04
CA ALA B 323 -10.83 4.88 -33.68
C ALA B 323 -10.08 4.47 -34.94
N VAL B 324 -8.92 5.08 -35.21
CA VAL B 324 -8.20 4.77 -36.48
C VAL B 324 -6.98 3.90 -36.18
N GLY B 325 -6.60 3.77 -34.91
CA GLY B 325 -5.47 2.87 -34.55
C GLY B 325 -5.17 2.83 -33.07
N VAL B 326 -4.36 1.85 -32.65
CA VAL B 326 -3.96 1.73 -31.24
C VAL B 326 -2.45 1.52 -31.20
N ASN B 327 -1.79 2.20 -30.27
CA ASN B 327 -0.35 2.10 -30.10
C ASN B 327 -0.04 1.33 -28.82
N TYR B 328 1.02 0.53 -28.86
CA TYR B 328 1.41 -0.31 -27.73
C TYR B 328 2.90 -0.21 -27.51
N ILE B 329 3.32 -0.50 -26.28
CA ILE B 329 4.72 -0.44 -25.87
C ILE B 329 5.18 -1.86 -25.58
N ASP B 330 6.26 -2.28 -26.24
CA ASP B 330 6.81 -3.61 -26.08
C ASP B 330 8.05 -3.57 -25.19
N ARG B 331 8.75 -4.70 -25.10
CA ARG B 331 9.86 -4.82 -24.15
C ARG B 331 10.99 -3.85 -24.49
N GLU B 332 11.33 -3.71 -25.77
CA GLU B 332 12.40 -2.79 -26.13
C GLU B 332 11.96 -1.33 -26.06
N GLY B 333 10.66 -1.07 -26.06
CA GLY B 333 10.17 0.27 -25.84
C GLY B 333 9.85 1.07 -27.08
N ILE B 334 9.46 0.42 -28.18
CA ILE B 334 9.08 1.10 -29.41
C ILE B 334 7.58 0.98 -29.59
N MET B 335 6.95 2.09 -29.95
CA MET B 335 5.50 2.14 -30.14
C MET B 335 5.18 1.94 -31.61
N HIS B 336 4.34 0.95 -31.89
CA HIS B 336 3.95 0.61 -33.25
C HIS B 336 2.49 1.01 -33.50
N TYR B 337 2.16 1.20 -34.76
CA TYR B 337 0.82 1.63 -35.18
C TYR B 337 0.16 0.51 -35.96
N VAL B 338 -1.05 0.14 -35.54
CA VAL B 338 -1.85 -0.89 -36.22
C VAL B 338 -3.20 -0.28 -36.57
N LYS B 339 -3.65 -0.51 -37.79
CA LYS B 339 -4.91 0.05 -38.26
C LYS B 339 -6.10 -0.73 -37.71
N VAL B 340 -7.21 -0.03 -37.55
CA VAL B 340 -8.47 -0.62 -37.11
C VAL B 340 -9.51 -0.39 -38.20
N ASN B 341 -10.17 -1.46 -38.63
CA ASN B 341 -11.11 -1.39 -39.74
C ASN B 341 -12.57 -1.44 -39.29
N LYS B 342 -12.90 -2.23 -38.29
CA LYS B 342 -14.29 -2.42 -37.90
C LYS B 342 -14.60 -1.93 -36.49
N GLU B 343 -13.88 -2.40 -35.48
CA GLU B 343 -14.28 -2.12 -34.11
C GLU B 343 -13.12 -2.45 -33.18
N VAL B 344 -13.21 -1.93 -31.95
CA VAL B 344 -12.28 -2.27 -30.88
C VAL B 344 -13.10 -2.57 -29.63
N VAL B 345 -12.55 -3.46 -28.80
CA VAL B 345 -13.16 -3.82 -27.53
C VAL B 345 -12.11 -3.67 -26.43
N VAL B 346 -12.48 -3.01 -25.34
CA VAL B 346 -11.60 -2.80 -24.21
C VAL B 346 -12.04 -3.73 -23.08
N THR B 347 -11.16 -4.64 -22.69
CA THR B 347 -11.42 -5.63 -21.66
C THR B 347 -10.26 -5.69 -20.68
N SER B 348 -9.83 -4.52 -20.21
CA SER B 348 -8.65 -4.41 -19.36
C SER B 348 -8.97 -4.49 -17.88
N GLY B 349 -10.22 -4.69 -17.51
CA GLY B 349 -10.60 -4.88 -16.12
C GLY B 349 -11.31 -3.66 -15.55
N ALA B 350 -11.67 -3.79 -14.27
CA ALA B 350 -12.42 -2.73 -13.60
C ALA B 350 -11.57 -1.48 -13.41
N PHE B 351 -10.29 -1.65 -13.07
CA PHE B 351 -9.44 -0.51 -12.72
C PHE B 351 -8.79 0.15 -13.91
N TYR B 352 -8.65 -0.54 -15.05
CA TYR B 352 -7.85 -0.03 -16.15
C TYR B 352 -8.64 0.20 -17.43
N THR B 353 -9.95 -0.06 -17.44
CA THR B 353 -10.78 0.35 -18.57
C THR B 353 -11.14 1.83 -18.45
N PRO B 354 -11.60 2.32 -17.29
CA PRO B 354 -11.80 3.77 -17.18
C PRO B 354 -10.54 4.57 -17.42
N THR B 355 -9.38 4.04 -17.03
CA THR B 355 -8.13 4.78 -17.22
C THR B 355 -7.80 4.94 -18.71
N ILE B 356 -7.90 3.85 -19.47
CA ILE B 356 -7.63 3.96 -20.91
C ILE B 356 -8.70 4.79 -21.59
N LEU B 357 -9.94 4.74 -21.10
CA LEU B 357 -10.99 5.58 -21.67
C LEU B 357 -10.70 7.06 -21.46
N GLN B 358 -10.34 7.43 -20.23
CA GLN B 358 -10.06 8.84 -19.93
C GLN B 358 -8.81 9.32 -20.67
N ARG B 359 -7.75 8.51 -20.67
CA ARG B 359 -6.53 8.90 -21.37
C ARG B 359 -6.72 8.97 -22.88
N SER B 360 -7.74 8.30 -23.41
CA SER B 360 -7.99 8.36 -24.85
C SER B 360 -8.65 9.67 -25.26
N GLY B 361 -9.39 10.30 -24.36
CA GLY B 361 -10.06 11.55 -24.68
C GLY B 361 -11.56 11.53 -24.45
N ILE B 362 -12.02 10.64 -23.56
CA ILE B 362 -13.42 10.52 -23.22
C ILE B 362 -13.54 10.59 -21.71
N GLY B 363 -14.33 11.53 -21.22
CA GLY B 363 -14.52 11.71 -19.79
C GLY B 363 -14.88 13.14 -19.48
N ASP B 364 -14.75 13.49 -18.20
CA ASP B 364 -15.05 14.84 -17.75
C ASP B 364 -14.05 15.82 -18.35
N PHE B 365 -14.57 16.77 -19.14
CA PHE B 365 -13.68 17.67 -19.88
C PHE B 365 -12.87 18.56 -18.94
N THR B 366 -13.48 19.04 -17.86
CA THR B 366 -12.79 19.94 -16.96
C THR B 366 -11.56 19.27 -16.34
N TYR B 367 -11.73 18.05 -15.84
CA TYR B 367 -10.62 17.36 -15.19
C TYR B 367 -9.51 17.02 -16.18
N LEU B 368 -9.88 16.51 -17.36
CA LEU B 368 -8.87 16.17 -18.36
C LEU B 368 -8.10 17.40 -18.82
N SER B 369 -8.81 18.52 -19.02
CA SER B 369 -8.14 19.76 -19.39
C SER B 369 -7.22 20.24 -18.27
N SER B 370 -7.66 20.10 -17.01
CA SER B 370 -6.84 20.54 -15.89
C SER B 370 -5.56 19.74 -15.79
N ILE B 371 -5.65 18.41 -15.92
CA ILE B 371 -4.47 17.56 -15.83
C ILE B 371 -3.65 17.53 -17.11
N GLY B 372 -4.09 18.24 -18.14
CA GLY B 372 -3.30 18.38 -19.35
C GLY B 372 -3.60 17.41 -20.47
N VAL B 373 -4.74 16.71 -20.44
CA VAL B 373 -5.08 15.82 -21.54
C VAL B 373 -5.26 16.66 -22.80
N LYS B 374 -4.53 16.31 -23.85
CA LYS B 374 -4.49 17.14 -25.05
C LYS B 374 -5.77 16.99 -25.87
N ASN B 375 -6.07 15.78 -26.34
CA ASN B 375 -7.18 15.55 -27.24
C ASN B 375 -8.44 15.21 -26.44
N LEU B 376 -9.53 15.92 -26.74
CA LEU B 376 -10.82 15.71 -26.11
C LEU B 376 -11.83 15.36 -27.20
N VAL B 377 -12.64 14.34 -26.94
CA VAL B 377 -13.58 13.84 -27.95
C VAL B 377 -15.01 13.98 -27.47
N TYR B 378 -15.36 13.30 -26.39
CA TYR B 378 -16.72 13.32 -25.87
C TYR B 378 -16.70 13.59 -24.38
N ASN B 379 -17.71 14.32 -23.92
CA ASN B 379 -17.81 14.75 -22.53
C ASN B 379 -18.76 13.84 -21.76
N ASN B 380 -18.26 13.27 -20.66
CA ASN B 380 -19.08 12.42 -19.80
C ASN B 380 -18.54 12.43 -18.38
N PRO B 381 -19.30 12.94 -17.41
CA PRO B 381 -18.86 12.92 -16.02
C PRO B 381 -19.19 11.64 -15.25
N LEU B 382 -19.65 10.59 -15.93
CA LEU B 382 -20.02 9.34 -15.27
C LEU B 382 -18.97 8.25 -15.44
N VAL B 383 -17.91 8.50 -16.20
CA VAL B 383 -16.90 7.47 -16.45
C VAL B 383 -16.17 7.13 -15.17
N GLY B 384 -16.04 5.84 -14.88
CA GLY B 384 -15.32 5.39 -13.71
C GLY B 384 -15.96 5.81 -12.40
N THR B 385 -17.27 5.62 -12.29
CA THR B 385 -18.02 6.05 -11.11
C THR B 385 -18.86 4.89 -10.61
N GLY B 386 -19.11 4.88 -9.30
CA GLY B 386 -19.90 3.83 -8.69
C GLY B 386 -19.24 2.46 -8.66
N LEU B 387 -17.94 2.43 -8.35
CA LEU B 387 -17.22 1.16 -8.26
C LEU B 387 -17.75 0.33 -7.10
N LYS B 388 -18.03 -0.95 -7.36
CA LYS B 388 -18.60 -1.85 -6.38
C LYS B 388 -17.65 -3.01 -6.11
N ASN B 389 -17.69 -3.51 -4.88
CA ASN B 389 -16.81 -4.61 -4.48
C ASN B 389 -17.42 -5.32 -3.27
N HIS B 390 -16.95 -6.54 -3.05
CA HIS B 390 -17.40 -7.35 -1.92
C HIS B 390 -16.49 -7.14 -0.72
N TYR B 391 -16.93 -7.63 0.43
CA TYR B 391 -16.18 -7.46 1.68
C TYR B 391 -16.55 -8.60 2.61
N SER B 392 -15.55 -9.19 3.26
CA SER B 392 -15.80 -10.40 4.06
C SER B 392 -15.07 -10.36 5.40
N PRO B 393 -15.80 -10.17 6.51
CA PRO B 393 -15.17 -10.29 7.83
C PRO B 393 -14.90 -11.76 8.19
N VAL B 394 -14.22 -11.99 9.31
CA VAL B 394 -13.89 -13.34 9.76
C VAL B 394 -14.24 -13.47 11.23
N THR B 395 -14.37 -14.72 11.67
CA THR B 395 -14.62 -15.04 13.07
C THR B 395 -13.98 -16.38 13.38
N ILE B 396 -13.63 -16.57 14.65
CA ILE B 396 -12.91 -17.76 15.10
C ILE B 396 -13.68 -18.42 16.23
N THR B 397 -13.71 -19.75 16.22
CA THR B 397 -14.40 -20.54 17.24
C THR B 397 -13.46 -21.62 17.75
N ARG B 398 -13.36 -21.75 19.07
CA ARG B 398 -12.51 -22.74 19.72
C ARG B 398 -13.37 -23.82 20.35
N VAL B 399 -13.00 -25.07 20.13
CA VAL B 399 -13.71 -26.20 20.75
C VAL B 399 -13.01 -26.56 22.05
N HIS B 400 -13.76 -27.20 22.94
CA HIS B 400 -13.24 -27.62 24.24
C HIS B 400 -13.38 -29.13 24.39
N GLY B 401 -12.95 -29.62 25.55
CA GLY B 401 -13.05 -31.04 25.85
C GLY B 401 -11.70 -31.69 26.07
N GLU B 402 -11.55 -32.94 25.61
CA GLU B 402 -10.32 -33.72 25.71
C GLU B 402 -9.68 -33.90 24.33
N PRO B 403 -8.36 -34.07 24.29
CA PRO B 403 -7.66 -34.04 22.99
C PRO B 403 -8.13 -35.08 21.98
N SER B 404 -8.56 -36.26 22.43
CA SER B 404 -8.93 -37.32 21.49
C SER B 404 -10.17 -36.93 20.68
N GLU B 405 -11.23 -36.49 21.36
CA GLU B 405 -12.45 -36.14 20.65
C GLU B 405 -12.28 -34.91 19.76
N VAL B 406 -11.57 -33.89 20.27
CA VAL B 406 -11.34 -32.69 19.47
C VAL B 406 -10.41 -32.98 18.29
N SER B 407 -9.53 -33.97 18.41
CA SER B 407 -8.69 -34.35 17.28
C SER B 407 -9.49 -35.12 16.24
N ARG B 408 -10.37 -36.02 16.69
CA ARG B 408 -11.19 -36.79 15.76
C ARG B 408 -12.35 -35.99 15.18
N PHE B 409 -12.67 -34.83 15.75
CA PHE B 409 -13.75 -34.00 15.25
C PHE B 409 -13.25 -32.90 14.32
N LEU B 410 -12.01 -32.42 14.52
CA LEU B 410 -11.43 -31.37 13.71
C LEU B 410 -10.54 -31.92 12.61
N SER B 411 -10.87 -33.09 12.07
CA SER B 411 -10.02 -33.76 11.09
C SER B 411 -10.62 -33.66 9.69
N ASN B 412 -9.80 -34.06 8.71
CA ASN B 412 -10.21 -34.18 7.31
C ASN B 412 -10.63 -32.86 6.70
N MET B 413 -10.04 -31.75 7.16
CA MET B 413 -10.19 -30.46 6.49
C MET B 413 -8.88 -29.97 5.89
N ALA B 414 -7.93 -30.88 5.67
CA ALA B 414 -6.67 -30.48 5.04
C ALA B 414 -6.92 -30.02 3.62
N ALA B 415 -6.20 -28.99 3.21
CA ALA B 415 -6.38 -28.44 1.87
C ALA B 415 -5.86 -29.40 0.81
N ASN B 416 -6.66 -29.59 -0.23
CA ASN B 416 -6.28 -30.38 -1.39
C ASN B 416 -6.84 -29.70 -2.62
N PRO B 417 -6.27 -29.97 -3.81
CA PRO B 417 -6.63 -29.17 -4.99
C PRO B 417 -8.08 -29.24 -5.42
N THR B 418 -8.91 -30.01 -4.71
CA THR B 418 -10.32 -30.09 -5.07
C THR B 418 -11.22 -29.18 -4.24
N ASN B 419 -10.92 -29.00 -2.95
CA ASN B 419 -11.71 -28.09 -2.12
C ASN B 419 -11.05 -26.74 -1.89
N MET B 420 -9.77 -26.60 -2.19
CA MET B 420 -9.06 -25.33 -2.06
C MET B 420 -9.16 -24.76 -0.65
N GLY B 421 -9.31 -25.63 0.35
CA GLY B 421 -9.50 -25.19 1.71
C GLY B 421 -10.91 -24.77 2.06
N PHE B 422 -11.85 -24.87 1.12
CA PHE B 422 -13.23 -24.42 1.34
C PHE B 422 -14.08 -25.63 1.72
N LYS B 423 -14.72 -25.56 2.89
CA LYS B 423 -15.74 -26.53 3.23
C LYS B 423 -17.12 -26.06 2.77
N GLY B 424 -17.49 -24.85 3.14
CA GLY B 424 -18.73 -24.24 2.66
C GLY B 424 -19.96 -24.73 3.39
N LEU B 425 -20.85 -23.82 3.75
CA LEU B 425 -22.09 -24.19 4.43
C LEU B 425 -23.32 -23.83 3.60
N ALA B 426 -23.50 -22.57 3.22
CA ALA B 426 -24.72 -22.15 2.55
C ALA B 426 -24.52 -20.75 1.98
N GLU B 427 -25.59 -20.20 1.41
CA GLU B 427 -25.65 -18.82 0.93
C GLU B 427 -26.97 -18.24 1.39
N LEU B 428 -26.96 -17.60 2.55
CA LEU B 428 -28.18 -17.17 3.21
C LEU B 428 -28.73 -15.88 2.57
N GLY B 429 -29.91 -15.47 3.05
CA GLY B 429 -30.58 -14.30 2.56
C GLY B 429 -30.56 -13.16 3.55
N PHE B 430 -31.51 -12.23 3.38
CA PHE B 430 -31.59 -11.07 4.26
C PHE B 430 -32.03 -11.47 5.66
N HIS B 431 -31.39 -10.88 6.66
CA HIS B 431 -31.85 -11.04 8.04
C HIS B 431 -33.15 -10.30 8.24
N ARG B 432 -33.98 -10.80 9.17
CA ARG B 432 -35.30 -10.22 9.38
C ARG B 432 -35.20 -8.79 9.89
N LEU B 433 -34.24 -8.50 10.77
CA LEU B 433 -34.15 -7.21 11.44
C LEU B 433 -33.29 -6.21 10.68
N ASP B 434 -32.98 -6.48 9.41
CA ASP B 434 -32.21 -5.53 8.61
C ASP B 434 -33.12 -4.40 8.15
N PRO B 435 -32.81 -3.15 8.51
CA PRO B 435 -33.66 -2.03 8.05
C PRO B 435 -33.69 -1.86 6.54
N ASN B 436 -32.59 -2.19 5.85
CA ASN B 436 -32.47 -1.92 4.42
C ASN B 436 -32.74 -3.19 3.62
N LYS B 437 -33.99 -3.34 3.17
CA LYS B 437 -34.35 -4.37 2.23
C LYS B 437 -35.13 -3.75 1.08
N PRO B 438 -35.02 -4.31 -0.12
CA PRO B 438 -35.79 -3.78 -1.25
C PRO B 438 -37.28 -4.08 -1.11
N ALA B 439 -38.08 -3.60 -2.08
CA ALA B 439 -39.52 -3.81 -2.01
C ALA B 439 -39.89 -5.28 -2.12
N ASN B 440 -39.21 -6.01 -2.99
CA ASN B 440 -39.52 -7.42 -3.25
C ASN B 440 -38.97 -8.35 -2.18
N ALA B 441 -38.45 -7.83 -1.07
CA ALA B 441 -37.84 -8.68 -0.05
C ALA B 441 -38.87 -9.61 0.58
N ASN B 442 -40.08 -9.12 0.82
CA ASN B 442 -41.12 -9.92 1.46
C ASN B 442 -41.80 -10.89 0.50
N THR B 443 -41.47 -10.83 -0.79
CA THR B 443 -42.07 -11.71 -1.78
C THR B 443 -41.06 -12.59 -2.49
N VAL B 444 -39.91 -12.04 -2.89
CA VAL B 444 -38.89 -12.77 -3.63
C VAL B 444 -37.60 -12.73 -2.83
N THR B 445 -36.98 -13.90 -2.68
CA THR B 445 -35.78 -14.03 -1.87
C THR B 445 -34.56 -13.47 -2.58
N TYR B 446 -33.69 -12.81 -1.82
CA TYR B 446 -32.45 -12.24 -2.33
C TYR B 446 -31.26 -12.88 -1.62
N ARG B 447 -30.15 -12.97 -2.35
CA ARG B 447 -28.90 -13.45 -1.76
C ARG B 447 -28.19 -12.29 -1.06
N LYS B 448 -27.92 -12.45 0.24
CA LYS B 448 -27.30 -11.40 1.03
C LYS B 448 -25.96 -11.81 1.60
N TYR B 449 -25.86 -13.01 2.17
CA TYR B 449 -24.64 -13.50 2.79
C TYR B 449 -24.18 -14.77 2.12
N GLN B 450 -22.86 -14.90 1.93
CA GLN B 450 -22.24 -16.14 1.49
C GLN B 450 -21.40 -16.68 2.64
N LEU B 451 -21.75 -17.87 3.11
CA LEU B 451 -21.12 -18.45 4.29
C LEU B 451 -20.04 -19.43 3.88
N MET B 452 -18.85 -19.28 4.48
CA MET B 452 -17.73 -20.16 4.24
C MET B 452 -17.09 -20.54 5.57
N MET B 453 -16.55 -21.75 5.62
CA MET B 453 -15.78 -22.21 6.78
C MET B 453 -14.57 -22.99 6.29
N THR B 454 -13.42 -22.72 6.92
CA THR B 454 -12.16 -23.37 6.59
C THR B 454 -11.49 -23.86 7.87
N ALA B 455 -10.28 -24.38 7.72
CA ALA B 455 -9.50 -24.86 8.85
C ALA B 455 -8.44 -23.83 9.23
N GLY B 456 -7.97 -23.94 10.47
CA GLY B 456 -6.97 -22.99 10.94
C GLY B 456 -7.58 -21.62 11.20
N VAL B 457 -6.70 -20.62 11.21
CA VAL B 457 -7.09 -19.23 11.46
C VAL B 457 -6.53 -18.36 10.34
N GLY B 458 -7.41 -17.63 9.66
CA GLY B 458 -6.97 -16.62 8.73
C GLY B 458 -7.23 -15.21 9.22
N ILE B 459 -6.19 -14.57 9.76
CA ILE B 459 -6.26 -13.22 10.30
C ILE B 459 -4.89 -12.59 10.12
N PRO B 460 -4.79 -11.28 9.85
CA PRO B 460 -3.47 -10.63 9.93
C PRO B 460 -2.87 -10.79 11.32
N ALA B 461 -1.54 -10.92 11.35
CA ALA B 461 -0.85 -11.34 12.57
C ALA B 461 -1.02 -10.37 13.72
N GLU B 462 -1.31 -9.08 13.43
CA GLU B 462 -1.48 -8.11 14.52
C GLU B 462 -2.64 -8.49 15.42
N GLN B 463 -3.79 -8.82 14.82
CA GLN B 463 -4.94 -9.23 15.62
C GLN B 463 -4.72 -10.58 16.26
N GLN B 464 -3.94 -11.46 15.61
CA GLN B 464 -3.59 -12.73 16.24
C GLN B 464 -2.81 -12.52 17.53
N TYR B 465 -1.84 -11.61 17.51
CA TYR B 465 -1.08 -11.30 18.71
C TYR B 465 -1.95 -10.60 19.76
N LEU B 466 -2.78 -9.66 19.33
CA LEU B 466 -3.61 -8.92 20.27
C LEU B 466 -4.60 -9.83 20.98
N SER B 467 -5.26 -10.70 20.23
CA SER B 467 -6.21 -11.64 20.83
C SER B 467 -5.52 -12.80 21.52
N GLY B 468 -4.38 -13.23 21.00
CA GLY B 468 -3.66 -14.35 21.57
C GLY B 468 -4.00 -15.70 21.01
N LEU B 469 -4.73 -15.76 19.89
CA LEU B 469 -5.10 -17.03 19.26
C LEU B 469 -4.12 -17.31 18.12
N SER B 470 -2.91 -17.73 18.49
CA SER B 470 -1.90 -18.04 17.51
C SER B 470 -2.24 -19.33 16.77
N PRO B 471 -1.77 -19.48 15.52
CA PRO B 471 -2.09 -20.70 14.76
C PRO B 471 -1.41 -21.95 15.29
N SER B 472 -0.67 -21.88 16.40
CA SER B 472 -0.06 -23.07 16.96
C SER B 472 -1.12 -24.07 17.41
N SER B 473 -2.18 -23.59 18.04
CA SER B 473 -3.26 -24.46 18.48
C SER B 473 -4.02 -25.01 17.26
N ASN B 474 -4.35 -26.29 17.33
CA ASN B 474 -5.08 -26.97 16.26
C ASN B 474 -6.53 -27.28 16.63
N ASN B 475 -7.02 -26.72 17.74
CA ASN B 475 -8.35 -27.00 18.25
C ASN B 475 -9.31 -25.84 18.02
N LEU B 476 -9.18 -25.16 16.90
CA LEU B 476 -10.06 -24.04 16.58
C LEU B 476 -10.13 -23.86 15.07
N PHE B 477 -11.32 -23.45 14.60
CA PHE B 477 -11.58 -23.23 13.19
C PHE B 477 -12.09 -21.82 12.99
N THR B 478 -12.39 -21.48 11.73
CA THR B 478 -12.83 -20.14 11.38
C THR B 478 -14.00 -20.20 10.40
N LEU B 479 -14.80 -19.13 10.41
CA LEU B 479 -15.91 -18.97 9.49
C LEU B 479 -15.88 -17.56 8.92
N ILE B 480 -16.32 -17.43 7.67
CA ILE B 480 -16.32 -16.16 6.96
C ILE B 480 -17.72 -15.90 6.44
N ALA B 481 -18.35 -14.82 6.92
CA ALA B 481 -19.68 -14.42 6.47
C ALA B 481 -19.53 -13.31 5.43
N ASP B 482 -19.21 -13.72 4.20
CA ASP B 482 -19.00 -12.77 3.12
C ASP B 482 -20.28 -12.01 2.83
N ASP B 483 -20.13 -10.74 2.46
CA ASP B 483 -21.24 -9.85 2.14
C ASP B 483 -21.26 -9.60 0.64
N ILE B 484 -22.32 -10.06 -0.02
CA ILE B 484 -22.48 -9.90 -1.46
C ILE B 484 -23.43 -8.77 -1.80
N ARG B 485 -23.92 -8.04 -0.80
CA ARG B 485 -24.76 -6.86 -0.98
C ARG B 485 -24.07 -5.63 -0.38
N PHE B 486 -22.78 -5.48 -0.66
CA PHE B 486 -21.99 -4.42 -0.03
C PHE B 486 -22.37 -3.07 -0.64
N ALA B 487 -22.79 -2.15 0.23
CA ALA B 487 -23.39 -0.89 -0.19
C ALA B 487 -22.41 0.16 -0.71
N PRO B 488 -21.34 0.50 0.01
CA PRO B 488 -20.53 1.66 -0.39
C PRO B 488 -19.92 1.49 -1.77
N GLU B 489 -19.79 2.62 -2.48
CA GLU B 489 -19.22 2.65 -3.81
C GLU B 489 -18.29 3.84 -3.94
N GLY B 490 -17.38 3.76 -4.91
CA GLY B 490 -16.41 4.81 -5.13
C GLY B 490 -16.24 5.19 -6.59
N TYR B 491 -15.06 5.69 -6.95
CA TYR B 491 -14.82 6.14 -8.32
C TYR B 491 -13.33 6.12 -8.60
N ILE B 492 -12.99 6.23 -9.88
CA ILE B 492 -11.61 6.11 -10.36
C ILE B 492 -11.33 7.28 -11.29
N LYS B 493 -10.19 7.95 -11.07
CA LYS B 493 -9.79 9.08 -11.90
C LYS B 493 -8.32 8.95 -12.27
N ILE B 494 -7.99 9.31 -13.52
CA ILE B 494 -6.61 9.24 -13.98
C ILE B 494 -5.79 10.35 -13.32
N GLY B 495 -4.50 10.09 -13.14
CA GLY B 495 -3.62 11.05 -12.49
C GLY B 495 -2.73 11.85 -13.41
N THR B 496 -2.08 11.18 -14.38
CA THR B 496 -1.20 11.84 -15.32
C THR B 496 -1.41 11.23 -16.70
N PRO B 497 -1.56 12.06 -17.75
CA PRO B 497 -1.81 11.55 -19.10
C PRO B 497 -0.54 11.30 -19.92
N ASN B 498 0.38 10.52 -19.36
CA ASN B 498 1.61 10.17 -20.05
C ASN B 498 1.70 8.68 -20.35
N ILE B 499 1.64 7.84 -19.33
CA ILE B 499 1.77 6.39 -19.47
C ILE B 499 0.79 5.71 -18.54
N PRO B 500 0.42 4.46 -18.84
CA PRO B 500 -0.36 3.68 -17.88
C PRO B 500 0.41 3.52 -16.58
N ARG B 501 -0.30 3.64 -15.47
CA ARG B 501 0.31 3.60 -14.14
C ARG B 501 -0.47 2.65 -13.25
N ASP B 502 0.25 2.03 -12.31
CA ASP B 502 -0.37 1.03 -11.45
C ASP B 502 -1.36 1.64 -10.46
N VAL B 503 -1.20 2.91 -10.14
CA VAL B 503 -2.00 3.58 -9.12
C VAL B 503 -2.70 4.79 -9.74
N PRO B 504 -3.98 4.66 -10.06
CA PRO B 504 -4.79 5.86 -10.33
C PRO B 504 -5.43 6.36 -9.04
N LYS B 505 -6.23 7.42 -9.12
CA LYS B 505 -6.93 7.92 -7.94
C LYS B 505 -8.15 7.04 -7.70
N ILE B 506 -8.08 6.18 -6.69
CA ILE B 506 -9.17 5.26 -6.35
C ILE B 506 -9.64 5.58 -4.95
N PHE B 507 -10.90 5.97 -4.82
CA PHE B 507 -11.50 6.32 -3.54
C PHE B 507 -12.53 5.28 -3.16
N PHE B 508 -12.45 4.78 -1.93
CA PHE B 508 -13.37 3.73 -1.47
C PHE B 508 -13.46 3.84 0.05
N ASN B 509 -14.56 4.42 0.53
CA ASN B 509 -14.80 4.60 1.96
C ASN B 509 -15.93 3.66 2.38
N THR B 510 -15.60 2.70 3.25
CA THR B 510 -16.56 1.65 3.58
C THR B 510 -17.32 1.93 4.88
N PHE B 511 -16.63 1.90 6.01
CA PHE B 511 -17.27 1.98 7.31
C PHE B 511 -17.24 3.42 7.82
N VAL B 512 -18.03 4.26 7.17
CA VAL B 512 -18.12 5.68 7.52
C VAL B 512 -19.18 5.88 8.59
N THR B 513 -18.84 6.66 9.62
CA THR B 513 -19.76 6.94 10.71
C THR B 513 -20.65 8.13 10.37
N TYR B 514 -21.54 8.48 11.29
CA TYR B 514 -22.51 9.55 11.08
C TYR B 514 -22.36 10.62 12.16
N THR B 515 -22.43 11.88 11.73
CA THR B 515 -22.34 13.03 12.63
C THR B 515 -23.68 13.75 12.63
N PRO B 516 -24.37 13.85 13.78
CA PRO B 516 -25.66 14.52 13.81
C PRO B 516 -25.54 16.01 13.56
N THR B 517 -26.61 16.59 13.02
CA THR B 517 -26.69 18.02 12.73
C THR B 517 -27.78 18.65 13.59
N SER B 518 -27.95 19.97 13.44
CA SER B 518 -28.99 20.71 14.16
C SER B 518 -30.29 20.70 13.36
N ALA B 519 -30.81 19.50 13.16
CA ALA B 519 -31.99 19.25 12.34
C ALA B 519 -32.94 18.34 13.09
N PRO B 520 -34.23 18.35 12.72
CA PRO B 520 -35.17 17.42 13.34
C PRO B 520 -34.76 15.97 13.13
N ALA B 521 -35.03 15.13 14.13
CA ALA B 521 -34.58 13.75 14.10
C ALA B 521 -35.22 12.97 12.96
N ASP B 522 -36.51 13.23 12.68
CA ASP B 522 -37.20 12.50 11.62
C ASP B 522 -36.58 12.77 10.26
N GLN B 523 -35.99 13.95 10.07
CA GLN B 523 -35.30 14.25 8.83
C GLN B 523 -33.89 13.67 8.77
N GLN B 524 -33.35 13.22 9.91
CA GLN B 524 -32.01 12.66 9.95
C GLN B 524 -32.01 11.13 9.91
N TRP B 525 -33.05 10.49 10.44
CA TRP B 525 -33.07 9.04 10.51
C TRP B 525 -32.90 8.35 9.15
N PRO B 526 -33.53 8.78 8.06
CA PRO B 526 -33.24 8.14 6.77
C PRO B 526 -31.77 8.23 6.36
N ILE B 527 -31.12 9.36 6.65
CA ILE B 527 -29.72 9.51 6.30
C ILE B 527 -28.85 8.57 7.12
N ALA B 528 -29.18 8.42 8.41
CA ALA B 528 -28.47 7.46 9.25
C ALA B 528 -28.67 6.04 8.76
N GLN B 529 -29.89 5.72 8.33
CA GLN B 529 -30.17 4.40 7.77
C GLN B 529 -29.34 4.15 6.53
N LYS B 530 -29.24 5.14 5.65
CA LYS B 530 -28.45 4.97 4.43
C LYS B 530 -26.96 4.82 4.74
N THR B 531 -26.45 5.63 5.67
CA THR B 531 -25.01 5.63 5.94
C THR B 531 -24.57 4.40 6.73
N LEU B 532 -25.33 4.00 7.75
CA LEU B 532 -24.90 2.98 8.69
C LEU B 532 -25.28 1.56 8.25
N ALA B 533 -25.50 1.34 6.94
CA ALA B 533 -25.85 0.00 6.48
C ALA B 533 -24.75 -1.02 6.71
N PRO B 534 -23.49 -0.79 6.31
CA PRO B 534 -22.48 -1.86 6.42
C PRO B 534 -22.25 -2.35 7.84
N LEU B 535 -22.28 -1.45 8.83
CA LEU B 535 -22.12 -1.88 10.22
C LEU B 535 -23.26 -2.81 10.64
N ILE B 536 -24.48 -2.46 10.23
CA ILE B 536 -25.64 -3.30 10.53
C ILE B 536 -25.48 -4.66 9.87
N SER B 537 -25.04 -4.68 8.62
CA SER B 537 -24.85 -5.96 7.92
C SER B 537 -23.82 -6.83 8.62
N ALA B 538 -22.70 -6.25 9.04
CA ALA B 538 -21.67 -7.01 9.74
C ALA B 538 -22.18 -7.55 11.06
N LEU B 539 -22.90 -6.72 11.82
CA LEU B 539 -23.43 -7.18 13.10
C LEU B 539 -24.46 -8.30 12.91
N LEU B 540 -25.29 -8.18 11.88
CA LEU B 540 -26.27 -9.23 11.60
C LEU B 540 -25.58 -10.53 11.20
N GLY B 541 -24.51 -10.45 10.42
CA GLY B 541 -23.75 -11.64 10.09
C GLY B 541 -23.14 -12.29 11.32
N TYR B 542 -22.60 -11.47 12.23
CA TYR B 542 -22.07 -12.01 13.48
C TYR B 542 -23.17 -12.72 14.28
N ASP B 543 -24.36 -12.11 14.35
CA ASP B 543 -25.47 -12.72 15.07
C ASP B 543 -25.89 -14.03 14.41
N ILE B 544 -25.88 -14.08 13.08
CA ILE B 544 -26.22 -15.31 12.36
C ILE B 544 -25.24 -16.42 12.72
N ILE B 545 -23.95 -16.10 12.71
CA ILE B 545 -22.95 -17.12 13.05
C ILE B 545 -23.10 -17.55 14.50
N TYR B 546 -23.46 -16.62 15.39
CA TYR B 546 -23.69 -16.98 16.78
C TYR B 546 -24.85 -17.95 16.93
N GLN B 547 -25.96 -17.69 16.22
CA GLN B 547 -27.09 -18.62 16.25
C GLN B 547 -26.70 -19.98 15.69
N THR B 548 -25.91 -19.98 14.61
CA THR B 548 -25.45 -21.24 14.04
C THR B 548 -24.64 -22.04 15.06
N LEU B 549 -23.75 -21.35 15.78
CA LEU B 549 -22.97 -22.03 16.82
C LEU B 549 -23.88 -22.55 17.95
N ILE B 550 -24.90 -21.77 18.32
CA ILE B 550 -25.79 -22.17 19.39
C ILE B 550 -26.51 -23.47 19.02
N SER B 551 -27.01 -23.55 17.79
CA SER B 551 -27.63 -24.79 17.33
C SER B 551 -26.61 -25.92 17.21
N MET B 552 -25.41 -25.59 16.72
CA MET B 552 -24.38 -26.58 16.48
C MET B 552 -23.94 -27.26 17.77
N ASN B 553 -23.99 -26.54 18.90
CA ASN B 553 -23.63 -27.15 20.17
C ASN B 553 -24.47 -28.39 20.44
N GLN B 554 -25.80 -28.23 20.40
CA GLN B 554 -26.69 -29.36 20.65
C GLN B 554 -26.62 -30.39 19.52
N THR B 555 -26.45 -29.92 18.28
CA THR B 555 -26.35 -30.87 17.17
C THR B 555 -25.15 -31.79 17.34
N ALA B 556 -23.99 -31.23 17.71
CA ALA B 556 -22.80 -32.05 17.92
C ALA B 556 -22.92 -32.90 19.18
N ARG B 557 -23.60 -32.38 20.20
CA ARG B 557 -23.79 -33.17 21.42
C ARG B 557 -24.62 -34.41 21.13
N ASP B 558 -25.67 -34.28 20.30
CA ASP B 558 -26.52 -35.39 19.95
C ASP B 558 -26.02 -36.18 18.75
N SER B 559 -24.95 -35.74 18.09
CA SER B 559 -24.40 -36.44 16.94
C SER B 559 -23.35 -37.47 17.30
N GLY B 560 -23.09 -37.68 18.59
CA GLY B 560 -22.10 -38.66 19.04
C GLY B 560 -20.79 -38.08 19.48
N PHE B 561 -20.53 -36.80 19.22
CA PHE B 561 -19.31 -36.15 19.66
C PHE B 561 -19.54 -35.47 21.01
N GLN B 562 -18.51 -35.52 21.86
CA GLN B 562 -18.58 -34.91 23.19
C GLN B 562 -17.62 -33.72 23.20
N VAL B 563 -18.11 -32.58 22.71
CA VAL B 563 -17.35 -31.33 22.65
C VAL B 563 -18.29 -30.18 22.98
N SER B 564 -17.68 -29.02 23.25
CA SER B 564 -18.42 -27.78 23.46
C SER B 564 -17.79 -26.69 22.60
N LEU B 565 -18.62 -26.02 21.80
CA LEU B 565 -18.16 -24.99 20.89
C LEU B 565 -18.56 -23.62 21.40
N GLU B 566 -17.62 -22.69 21.44
CA GLU B 566 -17.90 -21.34 21.88
C GLU B 566 -17.09 -20.35 21.05
N MET B 567 -17.72 -19.23 20.70
CA MET B 567 -17.04 -18.17 19.96
C MET B 567 -15.94 -17.57 20.82
N VAL B 568 -14.82 -17.21 20.18
CA VAL B 568 -13.66 -16.74 20.94
C VAL B 568 -13.17 -15.37 20.46
N TYR B 569 -12.96 -15.22 19.14
CA TYR B 569 -12.28 -14.03 18.64
C TYR B 569 -13.02 -12.74 18.93
N PRO B 570 -14.34 -12.62 18.66
CA PRO B 570 -15.01 -11.34 18.96
C PRO B 570 -15.38 -11.17 20.43
N LEU B 571 -14.76 -11.94 21.32
CA LEU B 571 -15.03 -11.86 22.76
C LEU B 571 -16.51 -12.14 23.05
N ASN B 572 -16.84 -13.42 22.90
CA ASN B 572 -18.21 -13.94 22.89
C ASN B 572 -19.14 -13.32 23.92
N ASP B 573 -18.61 -12.83 25.05
CA ASP B 573 -19.47 -12.12 25.98
C ASP B 573 -20.07 -10.87 25.34
N LEU B 574 -19.30 -10.19 24.48
CA LEU B 574 -19.83 -9.07 23.73
C LEU B 574 -20.91 -9.53 22.76
N ILE B 575 -20.72 -10.69 22.12
CA ILE B 575 -21.73 -11.21 21.22
C ILE B 575 -23.01 -11.56 21.98
N TYR B 576 -22.88 -12.12 23.19
CA TYR B 576 -24.04 -12.41 24.01
C TYR B 576 -24.77 -11.13 24.40
N LYS B 577 -24.02 -10.09 24.78
CA LYS B 577 -24.65 -8.82 25.08
C LYS B 577 -25.36 -8.25 23.86
N LEU B 578 -24.75 -8.38 22.68
CA LEU B 578 -25.39 -7.93 21.45
C LEU B 578 -26.68 -8.68 21.20
N HIS B 579 -26.67 -10.00 21.39
CA HIS B 579 -27.87 -10.80 21.17
C HIS B 579 -28.98 -10.42 22.15
N ASN B 580 -28.62 -10.23 23.43
CA ASN B 580 -29.61 -9.84 24.43
C ASN B 580 -30.20 -8.47 24.10
N GLY B 581 -29.34 -7.51 23.73
CA GLY B 581 -29.83 -6.20 23.37
C GLY B 581 -30.71 -6.23 22.14
N LEU B 582 -30.33 -7.03 21.14
CA LEU B 582 -31.14 -7.16 19.94
C LEU B 582 -32.52 -7.71 20.27
N ALA B 583 -32.56 -8.79 21.06
CA ALA B 583 -33.85 -9.39 21.42
C ALA B 583 -34.70 -8.43 22.22
N THR B 584 -34.09 -7.69 23.15
CA THR B 584 -34.84 -6.79 24.00
C THR B 584 -35.34 -5.56 23.24
N TYR B 585 -34.56 -5.04 22.29
CA TYR B 585 -34.85 -3.77 21.66
C TYR B 585 -35.58 -3.90 20.34
N GLY B 586 -35.63 -5.08 19.73
CA GLY B 586 -36.42 -5.23 18.53
C GLY B 586 -35.79 -4.54 17.32
N ALA B 587 -36.65 -4.17 16.37
CA ALA B 587 -36.19 -3.60 15.11
C ALA B 587 -35.53 -2.24 15.28
N ASN B 588 -35.77 -1.54 16.40
CA ASN B 588 -35.16 -0.25 16.65
C ASN B 588 -33.80 -0.38 17.34
N TRP B 589 -33.14 -1.53 17.21
CA TRP B 589 -31.82 -1.72 17.80
C TRP B 589 -30.78 -0.81 17.18
N TRP B 590 -30.88 -0.56 15.87
CA TRP B 590 -29.89 0.23 15.17
C TRP B 590 -29.98 1.72 15.50
N HIS B 591 -31.01 2.15 16.22
CA HIS B 591 -31.09 3.55 16.64
C HIS B 591 -30.00 3.92 17.62
N TYR B 592 -29.44 2.94 18.33
CA TYR B 592 -28.43 3.20 19.36
C TYR B 592 -27.03 3.35 18.80
N PHE B 593 -26.88 3.47 17.48
CA PHE B 593 -25.59 3.83 16.91
C PHE B 593 -25.17 5.23 17.36
N VAL B 594 -26.12 6.15 17.45
CA VAL B 594 -25.89 7.49 17.99
C VAL B 594 -26.65 7.61 19.31
N PRO B 595 -25.95 7.49 20.44
CA PRO B 595 -26.65 7.56 21.75
C PRO B 595 -27.36 8.88 21.99
N THR B 596 -26.82 10.00 21.49
CA THR B 596 -27.40 11.30 21.80
C THR B 596 -28.81 11.43 21.25
N LEU B 597 -29.04 10.96 20.02
CA LEU B 597 -30.37 11.08 19.42
C LEU B 597 -31.39 10.20 20.15
N VAL B 598 -30.97 9.05 20.66
CA VAL B 598 -31.88 8.20 21.43
C VAL B 598 -32.28 8.90 22.73
N GLY B 599 -31.30 9.42 23.46
CA GLY B 599 -31.55 10.15 24.69
C GLY B 599 -31.75 9.30 25.92
N ASP B 600 -31.76 7.98 25.80
CA ASP B 600 -31.94 7.11 26.95
C ASP B 600 -30.71 7.17 27.85
N ASP B 601 -30.94 7.18 29.17
CA ASP B 601 -29.85 7.27 30.14
C ASP B 601 -29.81 6.09 31.11
N THR B 602 -30.67 5.09 30.94
CA THR B 602 -30.63 3.94 31.82
C THR B 602 -29.34 3.15 31.59
N PRO B 603 -28.84 2.46 32.61
CA PRO B 603 -27.59 1.69 32.42
C PRO B 603 -27.66 0.67 31.29
N ALA B 604 -28.81 0.02 31.09
CA ALA B 604 -28.91 -0.97 30.02
C ALA B 604 -28.69 -0.34 28.65
N GLY B 605 -29.33 0.81 28.41
CA GLY B 605 -29.16 1.47 27.13
C GLY B 605 -27.73 1.97 26.91
N ARG B 606 -27.12 2.54 27.95
CA ARG B 606 -25.76 3.04 27.79
C ARG B 606 -24.78 1.90 27.54
N GLU B 607 -24.96 0.77 28.24
CA GLU B 607 -24.04 -0.35 28.01
C GLU B 607 -24.27 -0.98 26.64
N PHE B 608 -25.53 -1.01 26.17
CA PHE B 608 -25.79 -1.49 24.83
C PHE B 608 -25.12 -0.59 23.80
N ALA B 609 -25.19 0.73 23.99
CA ALA B 609 -24.53 1.65 23.08
C ALA B 609 -23.01 1.46 23.10
N ASP B 610 -22.44 1.29 24.29
CA ASP B 610 -20.99 1.07 24.38
C ASP B 610 -20.59 -0.22 23.68
N THR B 611 -21.35 -1.30 23.88
CA THR B 611 -21.03 -2.57 23.23
C THR B 611 -21.16 -2.45 21.71
N LEU B 612 -22.19 -1.75 21.24
CA LEU B 612 -22.36 -1.58 19.79
C LEU B 612 -21.22 -0.78 19.20
N SER B 613 -20.78 0.27 19.90
CA SER B 613 -19.64 1.04 19.43
C SER B 613 -18.36 0.21 19.44
N LYS B 614 -18.18 -0.61 20.48
CA LYS B 614 -16.98 -1.44 20.59
C LYS B 614 -16.94 -2.50 19.50
N LEU B 615 -18.09 -3.10 19.19
CA LEU B 615 -18.14 -4.15 18.18
C LEU B 615 -17.83 -3.62 16.78
N SER B 616 -18.01 -2.31 16.55
CA SER B 616 -17.71 -1.73 15.25
C SER B 616 -16.22 -1.73 14.93
N TYR B 617 -15.36 -1.97 15.92
CA TYR B 617 -13.92 -1.95 15.69
C TYR B 617 -13.47 -3.17 14.90
N TYR B 618 -14.07 -4.32 15.14
CA TYR B 618 -13.60 -5.56 14.53
C TYR B 618 -13.70 -5.58 13.01
N PRO B 619 -14.83 -5.25 12.38
CA PRO B 619 -14.90 -5.37 10.91
C PRO B 619 -13.96 -4.45 10.17
N ARG B 620 -13.47 -3.38 10.80
CA ARG B 620 -12.61 -2.44 10.09
C ARG B 620 -11.21 -3.01 9.88
N VAL B 621 -10.67 -3.71 10.87
CA VAL B 621 -9.32 -4.24 10.82
C VAL B 621 -9.30 -5.76 10.78
N GLY B 622 -10.21 -6.41 11.52
CA GLY B 622 -10.25 -7.85 11.55
C GLY B 622 -11.07 -8.43 10.41
N ALA B 623 -10.65 -8.18 9.18
CA ALA B 623 -11.39 -8.61 8.01
C ALA B 623 -10.46 -8.57 6.80
N HIS B 624 -11.01 -8.90 5.64
CA HIS B 624 -10.27 -8.87 4.39
C HIS B 624 -11.14 -8.24 3.31
N LEU B 625 -10.50 -7.60 2.35
CA LEU B 625 -11.19 -6.99 1.22
C LEU B 625 -11.01 -7.90 0.00
N ASP B 626 -12.10 -8.53 -0.42
CA ASP B 626 -12.05 -9.40 -1.58
C ASP B 626 -11.77 -8.60 -2.85
N SER B 627 -11.12 -9.24 -3.80
CA SER B 627 -10.76 -8.58 -5.06
C SER B 627 -11.81 -8.87 -6.13
N HIS B 628 -13.04 -8.45 -5.84
CA HIS B 628 -14.18 -8.62 -6.73
C HIS B 628 -14.71 -7.26 -7.19
N GLN B 629 -13.82 -6.35 -7.52
CA GLN B 629 -14.19 -5.01 -7.94
C GLN B 629 -14.82 -5.03 -9.34
N GLY B 630 -15.76 -4.11 -9.55
CA GLY B 630 -16.41 -4.01 -10.84
C GLY B 630 -17.38 -2.85 -10.85
N CYS B 631 -18.15 -2.78 -11.94
CA CYS B 631 -19.17 -1.75 -12.14
C CYS B 631 -18.55 -0.35 -12.16
N SER B 632 -17.57 -0.19 -13.05
CA SER B 632 -16.96 1.12 -13.28
C SER B 632 -17.42 1.77 -14.57
N CYS B 633 -17.99 1.01 -15.49
CA CYS B 633 -18.57 1.50 -16.74
C CYS B 633 -19.93 0.85 -16.95
N SER B 634 -20.77 0.91 -15.91
CA SER B 634 -22.02 0.17 -15.85
C SER B 634 -22.92 0.49 -17.05
N ILE B 635 -23.84 -0.44 -17.32
CA ILE B 635 -24.78 -0.29 -18.42
C ILE B 635 -25.85 0.72 -18.01
N GLY B 636 -26.09 1.70 -18.88
CA GLY B 636 -27.02 2.77 -18.61
C GLY B 636 -26.40 4.07 -18.16
N ARG B 637 -25.13 4.04 -17.74
CA ARG B 637 -24.40 5.24 -17.37
C ARG B 637 -23.29 5.58 -18.35
N THR B 638 -22.41 4.62 -18.64
CA THR B 638 -21.38 4.80 -19.65
C THR B 638 -21.68 4.06 -20.94
N VAL B 639 -22.43 2.96 -20.87
CA VAL B 639 -22.74 2.15 -22.04
C VAL B 639 -24.23 1.85 -22.04
N ASP B 640 -24.75 1.53 -23.21
CA ASP B 640 -26.14 1.14 -23.38
C ASP B 640 -26.25 -0.38 -23.23
N SER B 641 -27.45 -0.92 -23.48
CA SER B 641 -27.64 -2.36 -23.39
C SER B 641 -26.95 -3.11 -24.52
N ASN B 642 -26.49 -2.41 -25.56
CA ASN B 642 -25.76 -3.01 -26.67
C ASN B 642 -24.26 -3.02 -26.46
N LEU B 643 -23.80 -2.75 -25.23
CA LEU B 643 -22.38 -2.74 -24.87
C LEU B 643 -21.60 -1.70 -25.68
N LYS B 644 -22.24 -0.57 -25.97
CA LYS B 644 -21.62 0.52 -26.71
C LYS B 644 -21.57 1.76 -25.84
N VAL B 645 -20.40 2.40 -25.80
CA VAL B 645 -20.26 3.61 -25.00
C VAL B 645 -21.16 4.70 -25.55
N ILE B 646 -21.74 5.50 -24.65
CA ILE B 646 -22.61 6.59 -25.07
C ILE B 646 -21.77 7.66 -25.76
N GLY B 647 -22.14 8.02 -26.98
CA GLY B 647 -21.46 9.04 -27.73
C GLY B 647 -20.36 8.55 -28.64
N THR B 648 -20.00 7.27 -28.56
CA THR B 648 -18.98 6.70 -29.43
C THR B 648 -19.67 6.03 -30.61
N GLN B 649 -18.86 5.52 -31.54
CA GLN B 649 -19.39 4.83 -32.71
C GLN B 649 -18.95 3.37 -32.79
N ASN B 650 -17.65 3.08 -32.63
CA ASN B 650 -17.17 1.72 -32.82
C ASN B 650 -16.20 1.30 -31.71
N VAL B 651 -16.58 1.50 -30.45
CA VAL B 651 -15.81 0.93 -29.34
C VAL B 651 -16.78 0.19 -28.43
N ARG B 652 -16.27 -0.85 -27.77
CA ARG B 652 -17.05 -1.66 -26.85
C ARG B 652 -16.26 -1.94 -25.60
N VAL B 653 -16.98 -2.18 -24.50
CA VAL B 653 -16.39 -2.67 -23.25
C VAL B 653 -17.11 -3.96 -22.87
N ALA B 654 -16.34 -5.01 -22.63
CA ALA B 654 -16.88 -6.35 -22.45
C ALA B 654 -16.20 -7.07 -21.29
N ASP B 655 -16.07 -6.40 -20.15
CA ASP B 655 -15.45 -7.00 -18.98
C ASP B 655 -16.38 -6.79 -17.79
N LEU B 656 -15.89 -7.12 -16.59
CA LEU B 656 -16.68 -6.97 -15.38
C LEU B 656 -16.96 -5.50 -15.07
N SER B 657 -16.18 -4.57 -15.62
CA SER B 657 -16.46 -3.15 -15.42
C SER B 657 -17.80 -2.77 -16.02
N ALA B 658 -18.15 -3.35 -17.18
CA ALA B 658 -19.39 -3.03 -17.86
C ALA B 658 -20.63 -3.58 -17.16
N ALA B 659 -20.46 -4.42 -16.14
CA ALA B 659 -21.59 -4.98 -15.44
C ALA B 659 -22.38 -3.89 -14.72
N ALA B 660 -23.70 -4.07 -14.66
CA ALA B 660 -24.59 -3.10 -14.04
C ALA B 660 -24.82 -3.35 -12.56
N PHE B 661 -24.33 -4.47 -12.03
CA PHE B 661 -24.51 -4.79 -10.61
C PHE B 661 -23.60 -5.95 -10.23
N PRO B 662 -23.10 -5.99 -9.01
CA PRO B 662 -22.28 -7.12 -8.57
C PRO B 662 -23.13 -8.36 -8.39
N PRO B 663 -22.74 -9.48 -9.03
CA PRO B 663 -23.50 -10.72 -8.86
C PRO B 663 -23.44 -11.23 -7.42
N GLY B 664 -24.44 -12.00 -7.05
CA GLY B 664 -24.55 -12.51 -5.70
C GLY B 664 -23.52 -13.59 -5.38
N GLY B 665 -22.25 -13.26 -5.52
CA GLY B 665 -21.17 -14.19 -5.27
C GLY B 665 -19.93 -13.80 -6.05
N ASN B 666 -19.07 -14.78 -6.24
CA ASN B 666 -17.84 -14.58 -7.00
C ASN B 666 -18.15 -14.23 -8.45
N THR B 667 -17.19 -13.57 -9.11
CA THR B 667 -17.44 -12.80 -10.32
C THR B 667 -16.53 -13.22 -11.49
N TRP B 668 -16.44 -14.52 -11.76
CA TRP B 668 -15.67 -14.99 -12.91
C TRP B 668 -16.58 -15.41 -14.06
N ALA B 669 -17.56 -16.27 -13.77
CA ALA B 669 -18.52 -16.69 -14.80
C ALA B 669 -19.28 -15.49 -15.35
N THR B 670 -19.49 -14.46 -14.55
CA THR B 670 -20.17 -13.26 -15.05
C THR B 670 -19.34 -12.58 -16.13
N ALA B 671 -18.04 -12.41 -15.91
CA ALA B 671 -17.18 -11.80 -16.91
C ALA B 671 -17.13 -12.67 -18.17
N SER B 672 -17.05 -13.99 -17.99
CA SER B 672 -17.04 -14.88 -19.16
C SER B 672 -18.33 -14.77 -19.95
N MET B 673 -19.47 -14.70 -19.25
CA MET B 673 -20.75 -14.53 -19.92
C MET B 673 -20.80 -13.22 -20.68
N ILE B 674 -20.30 -12.14 -20.07
CA ILE B 674 -20.31 -10.84 -20.74
C ILE B 674 -19.47 -10.90 -22.02
N GLY B 675 -18.33 -11.58 -21.95
CA GLY B 675 -17.53 -11.77 -23.15
C GLY B 675 -18.28 -12.51 -24.24
N ALA B 676 -18.94 -13.62 -23.88
CA ALA B 676 -19.66 -14.41 -24.87
C ALA B 676 -20.83 -13.63 -25.47
N ARG B 677 -21.56 -12.91 -24.63
CA ARG B 677 -22.66 -12.08 -25.12
C ARG B 677 -22.16 -10.97 -26.02
N ALA B 678 -20.98 -10.42 -25.73
CA ALA B 678 -20.36 -9.45 -26.64
C ALA B 678 -20.03 -10.10 -27.97
N VAL B 679 -19.56 -11.35 -27.96
CA VAL B 679 -19.35 -12.08 -29.21
C VAL B 679 -20.64 -12.14 -30.01
N ASP B 680 -21.73 -12.53 -29.35
CA ASP B 680 -23.01 -12.62 -30.06
C ASP B 680 -23.47 -11.28 -30.60
N LEU B 681 -23.33 -10.22 -29.80
CA LEU B 681 -23.78 -8.90 -30.24
C LEU B 681 -22.94 -8.39 -31.41
N ILE B 682 -21.64 -8.67 -31.40
CA ILE B 682 -20.79 -8.28 -32.53
C ILE B 682 -21.20 -9.06 -33.78
N LEU B 683 -21.42 -10.37 -33.63
CA LEU B 683 -21.79 -11.17 -34.80
C LEU B 683 -23.24 -10.90 -35.21
N GLY B 684 -24.15 -10.78 -34.25
CA GLY B 684 -25.54 -10.59 -34.53
C GLY B 684 -26.37 -11.85 -34.54
N PHE B 685 -25.73 -13.01 -34.67
CA PHE B 685 -26.41 -14.31 -34.66
C PHE B 685 -26.19 -14.99 -33.31
N PRO B 686 -27.23 -15.55 -32.69
CA PRO B 686 -27.02 -16.24 -31.41
C PRO B 686 -26.31 -17.57 -31.59
N TYR B 687 -25.07 -17.54 -32.05
CA TYR B 687 -24.30 -18.77 -32.26
C TYR B 687 -24.07 -19.50 -30.94
N LEU B 688 -23.55 -18.79 -29.94
CA LEU B 688 -23.17 -19.44 -28.70
C LEU B 688 -24.37 -19.95 -27.92
N ARG B 689 -25.54 -19.35 -28.12
CA ARG B 689 -26.73 -19.82 -27.41
C ARG B 689 -27.24 -21.13 -27.99
N ASP B 690 -27.03 -21.37 -29.28
CA ASP B 690 -27.56 -22.54 -29.96
C ASP B 690 -26.50 -23.58 -30.27
N LEU B 691 -25.28 -23.42 -29.77
CA LEU B 691 -24.26 -24.42 -29.99
C LEU B 691 -24.54 -25.65 -29.14
N PRO B 692 -24.27 -26.85 -29.66
CA PRO B 692 -24.46 -28.06 -28.85
C PRO B 692 -23.57 -28.06 -27.62
N VAL B 693 -24.09 -28.61 -26.53
CA VAL B 693 -23.36 -28.62 -25.26
C VAL B 693 -22.10 -29.46 -25.36
N ASN B 694 -22.18 -30.61 -26.03
CA ASN B 694 -21.08 -31.56 -26.07
C ASN B 694 -19.85 -31.04 -26.80
N ASP B 695 -19.99 -29.94 -27.55
CA ASP B 695 -18.85 -29.36 -28.28
C ASP B 695 -18.10 -28.42 -27.36
N VAL B 696 -16.90 -28.81 -26.96
CA VAL B 696 -16.05 -27.98 -26.09
C VAL B 696 -14.65 -27.93 -26.69
N PRO B 697 -13.88 -26.88 -26.39
CA PRO B 697 -12.50 -26.83 -26.85
C PRO B 697 -11.65 -27.89 -26.18
N ILE B 698 -10.58 -28.28 -26.87
CA ILE B 698 -9.75 -29.40 -26.45
C ILE B 698 -8.62 -28.88 -25.56
N LEU B 699 -8.45 -29.50 -24.39
CA LEU B 699 -7.36 -29.15 -23.50
C LEU B 699 -6.03 -29.56 -24.10
N ASN B 700 -4.99 -28.75 -23.87
CA ASN B 700 -3.67 -29.03 -24.41
C ASN B 700 -2.65 -28.49 -23.39
N VAL B 701 -2.11 -29.39 -22.57
CA VAL B 701 -1.17 -28.98 -21.53
C VAL B 701 0.13 -28.47 -22.14
N ASN B 702 0.57 -29.09 -23.23
CA ASN B 702 1.82 -28.70 -23.87
C ASN B 702 1.86 -29.16 -25.33
PA FAD C . 13.75 13.09 -5.48
O1A FAD C . 13.18 14.36 -5.00
O2A FAD C . 12.84 11.88 -5.33
O5B FAD C . 14.24 13.21 -6.98
C5B FAD C . 13.50 12.56 -8.04
C4B FAD C . 13.22 13.56 -9.14
O4B FAD C . 13.38 12.92 -10.42
C3B FAD C . 11.81 14.13 -9.14
O3B FAD C . 11.80 15.46 -9.64
C2B FAD C . 11.06 13.17 -10.06
O2B FAD C . 9.93 13.79 -10.66
C1B FAD C . 12.13 12.88 -11.10
N9A FAD C . 12.00 11.58 -11.75
C8A FAD C . 11.81 10.37 -11.14
N7A FAD C . 11.71 9.35 -11.97
C5A FAD C . 11.84 9.95 -13.22
C6A FAD C . 11.83 9.42 -14.53
N6A FAD C . 11.67 8.12 -14.80
N1A FAD C . 11.99 10.28 -15.55
C2A FAD C . 12.15 11.59 -15.28
N3A FAD C . 12.17 12.19 -14.10
C4A FAD C . 12.02 11.32 -13.10
N1 FAD C . 14.53 15.62 4.03
C2 FAD C . 15.08 16.43 4.99
O2 FAD C . 16.29 16.71 4.97
N3 FAD C . 14.29 16.94 5.99
C4 FAD C . 12.93 16.72 6.14
O4 FAD C . 12.33 17.24 7.07
C4X FAD C . 12.37 15.87 5.12
N5 FAD C . 11.08 15.61 5.18
C5X FAD C . 10.55 14.78 4.21
C6 FAD C . 9.18 14.50 4.26
C7 FAD C . 8.58 13.68 3.30
C7M FAD C . 7.11 13.40 3.40
C8 FAD C . 9.36 13.14 2.27
C8M FAD C . 8.75 12.26 1.22
C9 FAD C . 10.72 13.43 2.21
C9A FAD C . 11.31 14.24 3.18
N10 FAD C . 12.69 14.56 3.14
C10 FAD C . 13.24 15.36 4.10
C1' FAD C . 13.57 14.01 2.10
C2' FAD C . 13.81 14.96 0.94
O2' FAD C . 12.59 15.57 0.53
C3' FAD C . 14.40 14.17 -0.23
O3' FAD C . 14.93 12.95 0.26
C4' FAD C . 15.50 14.89 -1.00
O4' FAD C . 14.95 16.03 -1.68
C5' FAD C . 16.20 13.99 -1.99
O5' FAD C . 16.11 14.56 -3.31
P FAD C . 16.37 13.69 -4.60
O1P FAD C . 16.36 14.60 -5.85
O2P FAD C . 17.58 12.88 -4.44
O3P FAD C . 15.09 12.77 -4.67
PA FAD D . -8.65 -9.25 -15.72
O1A FAD D . -7.44 -10.03 -15.37
O2A FAD D . -8.84 -7.97 -14.89
O5B FAD D . -8.66 -8.91 -17.26
C5B FAD D . -7.94 -7.76 -17.77
C4B FAD D . -6.53 -8.16 -18.11
O4B FAD D . -6.08 -7.43 -19.26
C3B FAD D . -5.50 -7.85 -17.02
O3B FAD D . -5.44 -8.89 -16.06
C2B FAD D . -4.21 -7.74 -17.84
O2B FAD D . -3.61 -9.01 -18.07
C1B FAD D . -4.70 -7.13 -19.15
N9A FAD D . -4.53 -5.68 -19.24
C8A FAD D . -5.01 -4.74 -18.36
N7A FAD D . -4.71 -3.50 -18.68
C5A FAD D . -3.98 -3.64 -19.85
C6A FAD D . -3.36 -2.70 -20.70
N6A FAD D . -3.39 -1.38 -20.48
N1A FAD D . -2.71 -3.16 -21.78
C2A FAD D . -2.68 -4.49 -21.99
N3A FAD D . -3.22 -5.47 -21.26
C4A FAD D . -3.86 -4.98 -20.20
N1 FAD D . -13.37 -14.69 -9.06
C2 FAD D . -14.20 -15.74 -8.79
O2 FAD D . -15.25 -15.92 -9.42
N3 FAD D . -13.89 -16.63 -7.77
C4 FAD D . -12.77 -16.58 -6.97
O4 FAD D . -12.60 -17.42 -6.10
C4X FAD D . -11.89 -15.46 -7.26
N5 FAD D . -10.81 -15.33 -6.55
C5X FAD D . -9.97 -14.27 -6.84
C6 FAD D . -8.80 -14.12 -6.09
C7 FAD D . -7.92 -13.07 -6.33
C7M FAD D . -6.68 -12.94 -5.50
C8 FAD D . -8.21 -12.15 -7.36
C8M FAD D . -7.28 -11.01 -7.65
C9 FAD D . -9.38 -12.30 -8.11
C9A FAD D . -10.25 -13.35 -7.86
N10 FAD D . -11.43 -13.53 -8.61
C10 FAD D . -12.28 -14.58 -8.33
C1' FAD D . -11.79 -12.59 -9.68
C2' FAD D . -11.33 -13.03 -11.06
O2' FAD D . -9.98 -13.47 -11.01
C3' FAD D . -11.44 -11.83 -12.01
O3' FAD D . -12.33 -10.88 -11.46
C4' FAD D . -11.92 -12.18 -13.42
O4' FAD D . -10.78 -12.49 -14.23
C5' FAD D . -12.72 -11.06 -14.04
O5' FAD D . -12.30 -10.88 -15.41
P FAD D . -11.42 -9.64 -15.82
O1P FAD D . -11.54 -9.38 -17.32
O2P FAD D . -11.72 -8.49 -14.95
O3P FAD D . -9.94 -10.14 -15.53
#